data_4ECC
# 
_entry.id   4ECC 
# 
_audit_conform.dict_name       mmcif_pdbx.dic 
_audit_conform.dict_version    5.379 
_audit_conform.dict_location   http://mmcif.pdb.org/dictionaries/ascii/mmcif_pdbx.dic 
# 
loop_
_database_2.database_id 
_database_2.database_code 
_database_2.pdbx_database_accession 
_database_2.pdbx_DOI 
PDB   4ECC         pdb_00004ecc 10.2210/pdb4ecc/pdb 
RCSB  RCSB071438   ?            ?                   
WWPDB D_1000071438 ?            ?                   
# 
_pdbx_database_related.db_name        PDB 
_pdbx_database_related.db_id          4ECB 
_pdbx_database_related.details        . 
_pdbx_database_related.content_type   unspecified 
# 
_pdbx_database_status.status_code                     REL 
_pdbx_database_status.entry_id                        4ECC 
_pdbx_database_status.recvd_initial_deposition_date   2012-03-26 
_pdbx_database_status.deposit_site                    RCSB 
_pdbx_database_status.process_site                    RCSB 
_pdbx_database_status.status_code_sf                  REL 
_pdbx_database_status.status_code_mr                  ? 
_pdbx_database_status.SG_entry                        ? 
_pdbx_database_status.status_code_cs                  ? 
_pdbx_database_status.methods_development_category    ? 
_pdbx_database_status.pdb_format_compatible           Y 
_pdbx_database_status.status_code_nmr_data            ? 
# 
loop_
_audit_author.name 
_audit_author.pdbx_ordinal 
'Amber, A.B.'     1  
'Sergei, M.M.'    2  
'Yi, P.'          3  
'Rita, R.'        4  
'Xiaoping, Q.'    5  
'Marianne, P.-C.' 6  
'William, C.M.'   7  
'Vivien, Y.'      8  
'Keith, R.M.'     9  
'Anton, A.K.'     10 
# 
_citation.id                        primary 
_citation.title                     
'Chimeric glutathione S-transferases containing inserts of kininogen peptides: potential novel protein therapeutics.' 
_citation.journal_abbrev            J.Biol.Chem. 
_citation.journal_volume            287 
_citation.page_first                22142 
_citation.page_last                 22150 
_citation.year                      2012 
_citation.journal_id_ASTM           JBCHA3 
_citation.country                   US 
_citation.journal_id_ISSN           0021-9258 
_citation.journal_id_CSD            0071 
_citation.book_publisher            ? 
_citation.pdbx_database_id_PubMed   22577144 
_citation.pdbx_database_id_DOI      10.1074/jbc.M112.372854 
# 
loop_
_citation_author.citation_id 
_citation_author.name 
_citation_author.ordinal 
_citation_author.identifier_ORCID 
primary 'Bentley, A.A.'     1  ? 
primary 'Merkulov, S.M.'    2  ? 
primary 'Peng, Y.'          3  ? 
primary 'Rozmarynowycz, R.' 4  ? 
primary 'Qi, X.'            5  ? 
primary 'Pusztai-Carey, M.' 6  ? 
primary 'Merrick, W.C.'     7  ? 
primary 'Yee, V.C.'         8  ? 
primary 'McCrae, K.R.'      9  ? 
primary 'Komar, A.A.'       10 ? 
# 
_cell.entry_id           4ECC 
_cell.length_a           92.520 
_cell.length_b           92.520 
_cell.length_c           58.087 
_cell.angle_alpha        90.00 
_cell.angle_beta         90.00 
_cell.angle_gamma        90.00 
_cell.Z_PDB              8 
_cell.pdbx_unique_axis   ? 
_cell.length_a_esd       ? 
_cell.length_b_esd       ? 
_cell.length_c_esd       ? 
_cell.angle_alpha_esd    ? 
_cell.angle_beta_esd     ? 
_cell.angle_gamma_esd    ? 
# 
_symmetry.entry_id                         4ECC 
_symmetry.space_group_name_H-M             'P 43 21 2' 
_symmetry.pdbx_full_space_group_name_H-M   ? 
_symmetry.cell_setting                     ? 
_symmetry.Int_Tables_number                96 
_symmetry.space_group_name_Hall            ? 
# 
loop_
_entity.id 
_entity.type 
_entity.src_method 
_entity.pdbx_description 
_entity.formula_weight 
_entity.pdbx_number_of_molecules 
_entity.pdbx_ec 
_entity.pdbx_mutation 
_entity.pdbx_fragment 
_entity.details 
1 polymer man 'chimeric protein between GSHKT10 and domain 5 of kininogen-1' 26946.346 1  2.5.1.18 ? 
'unp residues 1-49, kinonogen 498-510, 50-228' ? 
2 water   nat water                                                          18.015    71 ?        ? ? ? 
# 
_entity_name_com.entity_id   1 
_entity_name_com.name        
;Glutathione S-transferase class-mu 26 kDa isozyme, GST 26, Sj26 antigen, SjGST/Alpha-2-thiol proteinase inhibitor, Fitzgerald factor, High molecular weight, kininogen,    
domain 5 of human high molecular weight kininogen
;
# 
_entity_poly.entity_id                      1 
_entity_poly.type                           'polypeptide(L)' 
_entity_poly.nstd_linkage                   no 
_entity_poly.nstd_monomer                   no 
_entity_poly.pdbx_seq_one_letter_code       
;MSPILGYWKIKGLVQPTRLLLEYLEEKYEEHLYERDEGDKWRNKKFELGKHGHGHGKHKNKGLEFPNLPYYIDGDVKLTQ
SMAIIRYIADKHNMLGGCPKERAEISMLEGAVLDIRYGVSRIAYSKDFETLKVDFLSKLPEMLKMFEDRLCHKTYLNGDH
VTHPDFMLYDALDVVLYMDPMCLDAFPKLVCFKKRIEAIPQIDKYLKSSKYIAWPLQGWQATFGGGDHPPK
;
_entity_poly.pdbx_seq_one_letter_code_can   
;MSPILGYWKIKGLVQPTRLLLEYLEEKYEEHLYERDEGDKWRNKKFELGKHGHGHGKHKNKGLEFPNLPYYIDGDVKLTQ
SMAIIRYIADKHNMLGGCPKERAEISMLEGAVLDIRYGVSRIAYSKDFETLKVDFLSKLPEMLKMFEDRLCHKTYLNGDH
VTHPDFMLYDALDVVLYMDPMCLDAFPKLVCFKKRIEAIPQIDKYLKSSKYIAWPLQGWQATFGGGDHPPK
;
_entity_poly.pdbx_strand_id                 A 
_entity_poly.pdbx_target_identifier         ? 
# 
loop_
_entity_poly_seq.entity_id 
_entity_poly_seq.num 
_entity_poly_seq.mon_id 
_entity_poly_seq.hetero 
1 1   MET n 
1 2   SER n 
1 3   PRO n 
1 4   ILE n 
1 5   LEU n 
1 6   GLY n 
1 7   TYR n 
1 8   TRP n 
1 9   LYS n 
1 10  ILE n 
1 11  LYS n 
1 12  GLY n 
1 13  LEU n 
1 14  VAL n 
1 15  GLN n 
1 16  PRO n 
1 17  THR n 
1 18  ARG n 
1 19  LEU n 
1 20  LEU n 
1 21  LEU n 
1 22  GLU n 
1 23  TYR n 
1 24  LEU n 
1 25  GLU n 
1 26  GLU n 
1 27  LYS n 
1 28  TYR n 
1 29  GLU n 
1 30  GLU n 
1 31  HIS n 
1 32  LEU n 
1 33  TYR n 
1 34  GLU n 
1 35  ARG n 
1 36  ASP n 
1 37  GLU n 
1 38  GLY n 
1 39  ASP n 
1 40  LYS n 
1 41  TRP n 
1 42  ARG n 
1 43  ASN n 
1 44  LYS n 
1 45  LYS n 
1 46  PHE n 
1 47  GLU n 
1 48  LEU n 
1 49  GLY n 
1 50  LYS n 
1 51  HIS n 
1 52  GLY n 
1 53  HIS n 
1 54  GLY n 
1 55  HIS n 
1 56  GLY n 
1 57  LYS n 
1 58  HIS n 
1 59  LYS n 
1 60  ASN n 
1 61  LYS n 
1 62  GLY n 
1 63  LEU n 
1 64  GLU n 
1 65  PHE n 
1 66  PRO n 
1 67  ASN n 
1 68  LEU n 
1 69  PRO n 
1 70  TYR n 
1 71  TYR n 
1 72  ILE n 
1 73  ASP n 
1 74  GLY n 
1 75  ASP n 
1 76  VAL n 
1 77  LYS n 
1 78  LEU n 
1 79  THR n 
1 80  GLN n 
1 81  SER n 
1 82  MET n 
1 83  ALA n 
1 84  ILE n 
1 85  ILE n 
1 86  ARG n 
1 87  TYR n 
1 88  ILE n 
1 89  ALA n 
1 90  ASP n 
1 91  LYS n 
1 92  HIS n 
1 93  ASN n 
1 94  MET n 
1 95  LEU n 
1 96  GLY n 
1 97  GLY n 
1 98  CYS n 
1 99  PRO n 
1 100 LYS n 
1 101 GLU n 
1 102 ARG n 
1 103 ALA n 
1 104 GLU n 
1 105 ILE n 
1 106 SER n 
1 107 MET n 
1 108 LEU n 
1 109 GLU n 
1 110 GLY n 
1 111 ALA n 
1 112 VAL n 
1 113 LEU n 
1 114 ASP n 
1 115 ILE n 
1 116 ARG n 
1 117 TYR n 
1 118 GLY n 
1 119 VAL n 
1 120 SER n 
1 121 ARG n 
1 122 ILE n 
1 123 ALA n 
1 124 TYR n 
1 125 SER n 
1 126 LYS n 
1 127 ASP n 
1 128 PHE n 
1 129 GLU n 
1 130 THR n 
1 131 LEU n 
1 132 LYS n 
1 133 VAL n 
1 134 ASP n 
1 135 PHE n 
1 136 LEU n 
1 137 SER n 
1 138 LYS n 
1 139 LEU n 
1 140 PRO n 
1 141 GLU n 
1 142 MET n 
1 143 LEU n 
1 144 LYS n 
1 145 MET n 
1 146 PHE n 
1 147 GLU n 
1 148 ASP n 
1 149 ARG n 
1 150 LEU n 
1 151 CYS n 
1 152 HIS n 
1 153 LYS n 
1 154 THR n 
1 155 TYR n 
1 156 LEU n 
1 157 ASN n 
1 158 GLY n 
1 159 ASP n 
1 160 HIS n 
1 161 VAL n 
1 162 THR n 
1 163 HIS n 
1 164 PRO n 
1 165 ASP n 
1 166 PHE n 
1 167 MET n 
1 168 LEU n 
1 169 TYR n 
1 170 ASP n 
1 171 ALA n 
1 172 LEU n 
1 173 ASP n 
1 174 VAL n 
1 175 VAL n 
1 176 LEU n 
1 177 TYR n 
1 178 MET n 
1 179 ASP n 
1 180 PRO n 
1 181 MET n 
1 182 CYS n 
1 183 LEU n 
1 184 ASP n 
1 185 ALA n 
1 186 PHE n 
1 187 PRO n 
1 188 LYS n 
1 189 LEU n 
1 190 VAL n 
1 191 CYS n 
1 192 PHE n 
1 193 LYS n 
1 194 LYS n 
1 195 ARG n 
1 196 ILE n 
1 197 GLU n 
1 198 ALA n 
1 199 ILE n 
1 200 PRO n 
1 201 GLN n 
1 202 ILE n 
1 203 ASP n 
1 204 LYS n 
1 205 TYR n 
1 206 LEU n 
1 207 LYS n 
1 208 SER n 
1 209 SER n 
1 210 LYS n 
1 211 TYR n 
1 212 ILE n 
1 213 ALA n 
1 214 TRP n 
1 215 PRO n 
1 216 LEU n 
1 217 GLN n 
1 218 GLY n 
1 219 TRP n 
1 220 GLN n 
1 221 ALA n 
1 222 THR n 
1 223 PHE n 
1 224 GLY n 
1 225 GLY n 
1 226 GLY n 
1 227 ASP n 
1 228 HIS n 
1 229 PRO n 
1 230 PRO n 
1 231 LYS n 
# 
loop_
_entity_src_gen.entity_id 
_entity_src_gen.pdbx_src_id 
_entity_src_gen.pdbx_alt_source_flag 
_entity_src_gen.pdbx_seq_type 
_entity_src_gen.pdbx_beg_seq_num 
_entity_src_gen.pdbx_end_seq_num 
_entity_src_gen.gene_src_common_name 
_entity_src_gen.gene_src_genus 
_entity_src_gen.pdbx_gene_src_gene 
_entity_src_gen.gene_src_species 
_entity_src_gen.gene_src_strain 
_entity_src_gen.gene_src_tissue 
_entity_src_gen.gene_src_tissue_fraction 
_entity_src_gen.gene_src_details 
_entity_src_gen.pdbx_gene_src_fragment 
_entity_src_gen.pdbx_gene_src_scientific_name 
_entity_src_gen.pdbx_gene_src_ncbi_taxonomy_id 
_entity_src_gen.pdbx_gene_src_variant 
_entity_src_gen.pdbx_gene_src_cell_line 
_entity_src_gen.pdbx_gene_src_atcc 
_entity_src_gen.pdbx_gene_src_organ 
_entity_src_gen.pdbx_gene_src_organelle 
_entity_src_gen.pdbx_gene_src_cell 
_entity_src_gen.pdbx_gene_src_cellular_location 
_entity_src_gen.host_org_common_name 
_entity_src_gen.pdbx_host_org_scientific_name 
_entity_src_gen.pdbx_host_org_ncbi_taxonomy_id 
_entity_src_gen.host_org_genus 
_entity_src_gen.pdbx_host_org_gene 
_entity_src_gen.pdbx_host_org_organ 
_entity_src_gen.host_org_species 
_entity_src_gen.pdbx_host_org_tissue 
_entity_src_gen.pdbx_host_org_tissue_fraction 
_entity_src_gen.pdbx_host_org_strain 
_entity_src_gen.pdbx_host_org_variant 
_entity_src_gen.pdbx_host_org_cell_line 
_entity_src_gen.pdbx_host_org_atcc 
_entity_src_gen.pdbx_host_org_culture_collection 
_entity_src_gen.pdbx_host_org_cell 
_entity_src_gen.pdbx_host_org_organelle 
_entity_src_gen.pdbx_host_org_cellular_location 
_entity_src_gen.pdbx_host_org_vector_type 
_entity_src_gen.pdbx_host_org_vector 
_entity_src_gen.host_org_details 
_entity_src_gen.expression_system_id 
_entity_src_gen.plasmid_name 
_entity_src_gen.plasmid_details 
_entity_src_gen.pdbx_description 
1 1 sample ? 1  49  'Blood fluke, human' ? ? ? ? ? ? ? ? 'Schistosoma japonicum' 6182 ? ? ? ? ? ? ? ? 'Escherichia coli' 511693 ? 
? ? ? ? ? BL21 ? ? ? ? ? ? ? ? ? ? ? ? ? ? 
1 3 sample ? 63 228 'Blood fluke, human' ? ? ? ? ? ? ? ? 'Schistosoma japonicum' 6182 ? ? ? ? ? ? ? ? 'Escherichia coli' 511693 ? 
? ? ? ? ? BL21 ? ? ? ? ? ? ? ? ? ? ? ? ? ? 
1 2 sample ? 50 62  'Blood fluke, human' ? ? ? ? ? ? ? ? 'homo sapiens'          9606 ? ? ? ? ? ? ? ? 'Escherichia coli' 511693 ? 
? ? ? ? ? BL21 ? ? ? ? ? ? ? ? ? ? ? ? ? ? 
# 
loop_
_struct_ref.id 
_struct_ref.db_name 
_struct_ref.db_code 
_struct_ref.pdbx_db_accession 
_struct_ref.entity_id 
_struct_ref.pdbx_seq_one_letter_code 
_struct_ref.pdbx_align_begin 
_struct_ref.pdbx_db_isoform 
1 UNP GST26_SCHJA P08515 1 MSPILGYWKIKGLVQPTRLLLEYLEEKYEEHLYERDEGDKWRNKKFELG 1   ? 
2 UNP KNG1_HUMAN  P01042 1 KHGHGHGKHKNKG 498 ? 
3 UNP GST26_SCHJA P08515 1 
;LEFPNLPYYIDGDVKLTQSMAIIRYIADKHNMLGGCPKERAEISMLEGAVLDIRYGVSRIAYSKDFETLKVDFLSKLPEM
LKMFEDRLCHKTYLNGDHVTHPDFMLYDALDVVLYMDPMCLDAFPKLVCFKKRIEAIPQIDKYLKSSKYIAWPLQGWQAT
FGGGDHPPK
;
50  ? 
# 
loop_
_struct_ref_seq.align_id 
_struct_ref_seq.ref_id 
_struct_ref_seq.pdbx_PDB_id_code 
_struct_ref_seq.pdbx_strand_id 
_struct_ref_seq.seq_align_beg 
_struct_ref_seq.pdbx_seq_align_beg_ins_code 
_struct_ref_seq.seq_align_end 
_struct_ref_seq.pdbx_seq_align_end_ins_code 
_struct_ref_seq.pdbx_db_accession 
_struct_ref_seq.db_align_beg 
_struct_ref_seq.pdbx_db_align_beg_ins_code 
_struct_ref_seq.db_align_end 
_struct_ref_seq.pdbx_db_align_end_ins_code 
_struct_ref_seq.pdbx_auth_seq_align_beg 
_struct_ref_seq.pdbx_auth_seq_align_end 
1 1 4ECC A 1  ? 49  ? P08515 1   ? 49  ? 1  49  
2 2 4ECC A 50 ? 62  ? P01042 498 ? 510 ? 50 62  
3 3 4ECC A 63 ? 228 ? P08515 50  ? 215 ? 63 228 
# 
loop_
_chem_comp.id 
_chem_comp.type 
_chem_comp.mon_nstd_flag 
_chem_comp.name 
_chem_comp.pdbx_synonyms 
_chem_comp.formula 
_chem_comp.formula_weight 
ALA 'L-peptide linking' y ALANINE         ? 'C3 H7 N O2'     89.093  
ARG 'L-peptide linking' y ARGININE        ? 'C6 H15 N4 O2 1' 175.209 
ASN 'L-peptide linking' y ASPARAGINE      ? 'C4 H8 N2 O3'    132.118 
ASP 'L-peptide linking' y 'ASPARTIC ACID' ? 'C4 H7 N O4'     133.103 
CYS 'L-peptide linking' y CYSTEINE        ? 'C3 H7 N O2 S'   121.158 
GLN 'L-peptide linking' y GLUTAMINE       ? 'C5 H10 N2 O3'   146.144 
GLU 'L-peptide linking' y 'GLUTAMIC ACID' ? 'C5 H9 N O4'     147.129 
GLY 'peptide linking'   y GLYCINE         ? 'C2 H5 N O2'     75.067  
HIS 'L-peptide linking' y HISTIDINE       ? 'C6 H10 N3 O2 1' 156.162 
HOH non-polymer         . WATER           ? 'H2 O'           18.015  
ILE 'L-peptide linking' y ISOLEUCINE      ? 'C6 H13 N O2'    131.173 
LEU 'L-peptide linking' y LEUCINE         ? 'C6 H13 N O2'    131.173 
LYS 'L-peptide linking' y LYSINE          ? 'C6 H15 N2 O2 1' 147.195 
MET 'L-peptide linking' y METHIONINE      ? 'C5 H11 N O2 S'  149.211 
PHE 'L-peptide linking' y PHENYLALANINE   ? 'C9 H11 N O2'    165.189 
PRO 'L-peptide linking' y PROLINE         ? 'C5 H9 N O2'     115.130 
SER 'L-peptide linking' y SERINE          ? 'C3 H7 N O3'     105.093 
THR 'L-peptide linking' y THREONINE       ? 'C4 H9 N O3'     119.119 
TRP 'L-peptide linking' y TRYPTOPHAN      ? 'C11 H12 N2 O2'  204.225 
TYR 'L-peptide linking' y TYROSINE        ? 'C9 H11 N O3'    181.189 
VAL 'L-peptide linking' y VALINE          ? 'C5 H11 N O2'    117.146 
# 
_exptl.entry_id          4ECC 
_exptl.method            'X-RAY DIFFRACTION' 
_exptl.crystals_number   1 
# 
_exptl_crystal.id                    1 
_exptl_crystal.density_meas          ? 
_exptl_crystal.density_Matthews      2.31 
_exptl_crystal.density_percent_sol   46.67 
_exptl_crystal.description           ? 
_exptl_crystal.F_000                 ? 
_exptl_crystal.preparation           ? 
# 
_exptl_crystal_grow.crystal_id      1 
_exptl_crystal_grow.method          'VAPOR DIFFUSION, SITTING DROP' 
_exptl_crystal_grow.temp            293 
_exptl_crystal_grow.temp_details    ? 
_exptl_crystal_grow.pH              7.5 
_exptl_crystal_grow.pdbx_details    
;(1)0.2 M Ammonium Sulfate, 0.1 M Hepes, 25% PEG 3350 (2)0.2 M Lithium Sulfate, 25% PEG 3350, pH 7.5, VAPOR DIFFUSION, SITTING DROP, temperature 293K
;
_exptl_crystal_grow.pdbx_pH_range   ? 
# 
_diffrn.id                     1 
_diffrn.ambient_temp           100 
_diffrn.ambient_temp_details   ? 
_diffrn.crystal_id             1 
# 
_diffrn_detector.diffrn_id              1 
_diffrn_detector.detector               CCD 
_diffrn_detector.type                   'ADSC QUANTUM 315' 
_diffrn_detector.pdbx_collection_date   2008-11-01 
_diffrn_detector.details                ? 
# 
_diffrn_radiation.diffrn_id                        1 
_diffrn_radiation.wavelength_id                    1 
_diffrn_radiation.pdbx_monochromatic_or_laue_m_l   M 
_diffrn_radiation.monochromator                    
'Rosenbaum-Rock high-resolution double-crystal monochromator. LN2 cooled first crystal, sagittal focusing 2nd crystal' 
_diffrn_radiation.pdbx_diffrn_protocol             'SINGLE WAVELENGTH' 
_diffrn_radiation.pdbx_scattering_type             x-ray 
# 
_diffrn_radiation_wavelength.id           1 
_diffrn_radiation_wavelength.wavelength   0.97857 
_diffrn_radiation_wavelength.wt           1.0 
# 
_diffrn_source.diffrn_id                   1 
_diffrn_source.source                      SYNCHROTRON 
_diffrn_source.type                        'APS BEAMLINE 19-ID' 
_diffrn_source.pdbx_synchrotron_site       APS 
_diffrn_source.pdbx_synchrotron_beamline   19-ID 
_diffrn_source.pdbx_wavelength             ? 
_diffrn_source.pdbx_wavelength_list        0.97857 
# 
_reflns.entry_id                     4ECC 
_reflns.observed_criterion_sigma_I   0.0 
_reflns.observed_criterion_sigma_F   0.0 
_reflns.d_resolution_low             50 
_reflns.d_resolution_high            2.2 
_reflns.number_obs                   12806 
_reflns.number_all                   12806 
_reflns.percent_possible_obs         100 
_reflns.pdbx_Rmerge_I_obs            ? 
_reflns.pdbx_Rsym_value              ? 
_reflns.pdbx_netI_over_sigmaI        ? 
_reflns.B_iso_Wilson_estimate        ? 
_reflns.pdbx_redundancy              ? 
_reflns.R_free_details               ? 
_reflns.limit_h_max                  ? 
_reflns.limit_h_min                  ? 
_reflns.limit_k_max                  ? 
_reflns.limit_k_min                  ? 
_reflns.limit_l_max                  ? 
_reflns.limit_l_min                  ? 
_reflns.observed_criterion_F_max     ? 
_reflns.observed_criterion_F_min     ? 
_reflns.pdbx_chi_squared             ? 
_reflns.pdbx_scaling_rejects         ? 
_reflns.pdbx_ordinal                 1 
_reflns.pdbx_diffrn_id               1 
# 
loop_
_reflns_shell.d_res_high 
_reflns_shell.d_res_low 
_reflns_shell.percent_possible_all 
_reflns_shell.Rmerge_I_obs 
_reflns_shell.pdbx_Rsym_value 
_reflns_shell.meanI_over_sigI_obs 
_reflns_shell.pdbx_redundancy 
_reflns_shell.percent_possible_obs 
_reflns_shell.number_unique_all 
_reflns_shell.number_measured_all 
_reflns_shell.number_measured_obs 
_reflns_shell.number_unique_obs 
_reflns_shell.pdbx_chi_squared 
_reflns_shell.pdbx_ordinal 
_reflns_shell.pdbx_diffrn_id 
2.2  2.28 97.8 ? ? ? ? ? ? ? ? ? ? 1  1 
2.28 2.37 97.8 ? ? ? ? ? ? ? ? ? ? 2  1 
2.37 2.48 97.7 ? ? ? ? ? ? ? ? ? ? 3  1 
2.48 2.61 97   ? ? ? ? ? ? ? ? ? ? 4  1 
2.61 2.77 96.5 ? ? ? ? ? ? ? ? ? ? 5  1 
2.77 2.99 97.4 ? ? ? ? ? ? ? ? ? ? 6  1 
2.99 3.29 95.9 ? ? ? ? ? ? ? ? ? ? 7  1 
3.29 3.76 95.6 ? ? ? ? ? ? ? ? ? ? 8  1 
3.76 4.74 94   ? ? ? ? ? ? ? ? ? ? 9  1 
4.74 50   91   ? ? ? ? ? ? ? ? ? ? 10 1 
# 
_refine.entry_id                                 4ECC 
_refine.ls_number_reflns_obs                     12158 
_refine.ls_number_reflns_all                     12784 
_refine.pdbx_ls_sigma_I                          ? 
_refine.pdbx_ls_sigma_F                          ? 
_refine.pdbx_data_cutoff_high_absF               ? 
_refine.pdbx_data_cutoff_low_absF                ? 
_refine.pdbx_data_cutoff_high_rms_absF           ? 
_refine.ls_d_res_low                             50.00 
_refine.ls_d_res_high                            2.20 
_refine.ls_percent_reflns_obs                    96.13 
_refine.ls_R_factor_obs                          0.22231 
_refine.ls_R_factor_all                          0.22231 
_refine.ls_R_factor_R_work                       0.21998 
_refine.ls_R_factor_R_free                       0.26892 
_refine.ls_R_factor_R_free_error                 ? 
_refine.ls_R_factor_R_free_error_details         ? 
_refine.ls_percent_reflns_R_free                 4.9 
_refine.ls_number_reflns_R_free                  626 
_refine.ls_number_parameters                     ? 
_refine.ls_number_restraints                     ? 
_refine.occupancy_min                            ? 
_refine.occupancy_max                            ? 
_refine.correlation_coeff_Fo_to_Fc               0.939 
_refine.correlation_coeff_Fo_to_Fc_free          0.909 
_refine.B_iso_mean                               40.887 
_refine.aniso_B[1][1]                            -0.41 
_refine.aniso_B[2][2]                            -0.41 
_refine.aniso_B[3][3]                            0.82 
_refine.aniso_B[1][2]                            0.00 
_refine.aniso_B[1][3]                            0.00 
_refine.aniso_B[2][3]                            0.00 
_refine.solvent_model_details                    MASK 
_refine.solvent_model_param_ksol                 ? 
_refine.solvent_model_param_bsol                 ? 
_refine.pdbx_solvent_vdw_probe_radii             1.40 
_refine.pdbx_solvent_ion_probe_radii             0.80 
_refine.pdbx_solvent_shrinkage_radii             0.80 
_refine.pdbx_ls_cross_valid_method               THROUGHOUT 
_refine.details                                  'HYDROGENS HAVE BEEN ADDED IN THE RIDING POSITIONS' 
_refine.pdbx_starting_model                      'pdb entry 1M99' 
_refine.pdbx_method_to_determine_struct          'MOLECULAR REPLACEMENT' 
_refine.pdbx_isotropic_thermal_model             ? 
_refine.pdbx_stereochemistry_target_values       'MAXIMUM LIKELIHOOD' 
_refine.pdbx_stereochem_target_val_spec_case     ? 
_refine.pdbx_R_Free_selection_details            RANDOM 
_refine.pdbx_overall_ESU_R                       0.291 
_refine.pdbx_overall_ESU_R_Free                  0.232 
_refine.overall_SU_ML                            0.159 
_refine.pdbx_overall_phase_error                 ? 
_refine.overall_SU_B                             6.113 
_refine.overall_SU_R_Cruickshank_DPI             ? 
_refine.ls_redundancy_reflns_obs                 ? 
_refine.B_iso_min                                ? 
_refine.B_iso_max                                ? 
_refine.overall_SU_R_free                        ? 
_refine.ls_wR_factor_R_free                      ? 
_refine.ls_wR_factor_R_work                      ? 
_refine.overall_FOM_free_R_set                   ? 
_refine.overall_FOM_work_R_set                   ? 
_refine.pdbx_diffrn_id                           1 
_refine.pdbx_refine_id                           'X-RAY DIFFRACTION' 
_refine.pdbx_TLS_residual_ADP_flag               ? 
_refine.pdbx_overall_SU_R_free_Cruickshank_DPI   ? 
_refine.pdbx_overall_SU_R_Blow_DPI               ? 
_refine.pdbx_overall_SU_R_free_Blow_DPI          ? 
# 
_refine_hist.pdbx_refine_id                   'X-RAY DIFFRACTION' 
_refine_hist.cycle_id                         LAST 
_refine_hist.pdbx_number_atoms_protein        1682 
_refine_hist.pdbx_number_atoms_nucleic_acid   0 
_refine_hist.pdbx_number_atoms_ligand         0 
_refine_hist.number_atoms_solvent             71 
_refine_hist.number_atoms_total               1753 
_refine_hist.d_res_high                       2.20 
_refine_hist.d_res_low                        50.00 
# 
loop_
_refine_ls_restr.type 
_refine_ls_restr.dev_ideal 
_refine_ls_restr.dev_ideal_target 
_refine_ls_restr.weight 
_refine_ls_restr.number 
_refine_ls_restr.pdbx_restraint_function 
_refine_ls_restr.pdbx_refine_id 
r_bond_refined_d       0.015  0.022  ? 1727 ? 'X-RAY DIFFRACTION' 
r_angle_refined_deg    1.363  1.988  ? 2333 ? 'X-RAY DIFFRACTION' 
r_dihedral_angle_1_deg 5.437  5.000  ? 204  ? 'X-RAY DIFFRACTION' 
r_dihedral_angle_2_deg 35.727 24.051 ? 79   ? 'X-RAY DIFFRACTION' 
r_dihedral_angle_3_deg 13.957 15.000 ? 312  ? 'X-RAY DIFFRACTION' 
r_dihedral_angle_4_deg 21.447 15.000 ? 8    ? 'X-RAY DIFFRACTION' 
r_chiral_restr         0.095  0.200  ? 246  ? 'X-RAY DIFFRACTION' 
r_gen_planes_refined   0.007  0.021  ? 1302 ? 'X-RAY DIFFRACTION' 
r_mcbond_it            0.970  1.500  ? 1027 ? 'X-RAY DIFFRACTION' 
r_mcangle_it           1.820  2.000  ? 1656 ? 'X-RAY DIFFRACTION' 
r_scbond_it            2.580  3.000  ? 700  ? 'X-RAY DIFFRACTION' 
r_scangle_it           4.135  4.500  ? 677  ? 'X-RAY DIFFRACTION' 
# 
_refine_ls_shell.pdbx_total_number_of_bins_used   20 
_refine_ls_shell.d_res_high                       2.200 
_refine_ls_shell.d_res_low                        2.257 
_refine_ls_shell.number_reflns_R_work             884 
_refine_ls_shell.R_factor_R_work                  0.244 
_refine_ls_shell.percent_reflns_obs               97.30 
_refine_ls_shell.R_factor_R_free                  0.306 
_refine_ls_shell.R_factor_R_free_error            ? 
_refine_ls_shell.percent_reflns_R_free            ? 
_refine_ls_shell.number_reflns_R_free             53 
_refine_ls_shell.number_reflns_all                ? 
_refine_ls_shell.R_factor_all                     ? 
_refine_ls_shell.number_reflns_obs                ? 
_refine_ls_shell.redundancy_reflns_obs            ? 
_refine_ls_shell.pdbx_refine_id                   'X-RAY DIFFRACTION' 
# 
_struct.entry_id                  4ECC 
_struct.title                     'Chimeric GST Containing Inserts of Kininogen Peptides' 
_struct.pdbx_model_details        ? 
_struct.pdbx_CASP_flag            ? 
_struct.pdbx_model_type_details   ? 
# 
_struct_keywords.entry_id        4ECC 
_struct_keywords.pdbx_keywords   'TRANSFERASE, PROTEIN BINDING' 
_struct_keywords.text            
'GST, domain 5 of human high molecular weight kininogen, Biosynthetic Protein, TRANSFERASE, PROTEIN BINDING' 
# 
loop_
_struct_asym.id 
_struct_asym.pdbx_blank_PDB_chainid_flag 
_struct_asym.pdbx_modified 
_struct_asym.entity_id 
_struct_asym.details 
A N N 1 ? 
B N N 2 ? 
# 
_struct_biol.id        1 
_struct_biol.details   ? 
# 
loop_
_struct_conf.conf_type_id 
_struct_conf.id 
_struct_conf.pdbx_PDB_helix_id 
_struct_conf.beg_label_comp_id 
_struct_conf.beg_label_asym_id 
_struct_conf.beg_label_seq_id 
_struct_conf.pdbx_beg_PDB_ins_code 
_struct_conf.end_label_comp_id 
_struct_conf.end_label_asym_id 
_struct_conf.end_label_seq_id 
_struct_conf.pdbx_end_PDB_ins_code 
_struct_conf.beg_auth_comp_id 
_struct_conf.beg_auth_asym_id 
_struct_conf.beg_auth_seq_id 
_struct_conf.end_auth_comp_id 
_struct_conf.end_auth_asym_id 
_struct_conf.end_auth_seq_id 
_struct_conf.pdbx_PDB_helix_class 
_struct_conf.details 
_struct_conf.pdbx_PDB_helix_length 
HELX_P HELX_P1 1 LYS A 11  ? LEU A 13  ? LYS A 11  LEU A 13  5 ? 3  
HELX_P HELX_P2 2 VAL A 14  ? LEU A 24  ? VAL A 14  LEU A 24  1 ? 11 
HELX_P HELX_P3 3 GLN A 80  ? HIS A 92  ? GLN A 80  HIS A 92  1 ? 13 
HELX_P HELX_P4 4 CYS A 98  ? TYR A 124 ? CYS A 98  TYR A 124 1 ? 27 
HELX_P HELX_P5 5 ASP A 127 ? LEU A 150 ? ASP A 127 LEU A 150 1 ? 24 
HELX_P HELX_P6 6 THR A 162 ? ASP A 179 ? THR A 162 ASP A 179 1 ? 18 
HELX_P HELX_P7 7 PHE A 186 ? ILE A 199 ? PHE A 186 ILE A 199 1 ? 14 
HELX_P HELX_P8 8 ILE A 199 ? SER A 208 ? ILE A 199 SER A 208 1 ? 10 
# 
_struct_conf_type.id          HELX_P 
_struct_conf_type.criteria    ? 
_struct_conf_type.reference   ? 
# 
loop_
_struct_mon_prot_cis.pdbx_id 
_struct_mon_prot_cis.label_comp_id 
_struct_mon_prot_cis.label_seq_id 
_struct_mon_prot_cis.label_asym_id 
_struct_mon_prot_cis.label_alt_id 
_struct_mon_prot_cis.pdbx_PDB_ins_code 
_struct_mon_prot_cis.auth_comp_id 
_struct_mon_prot_cis.auth_seq_id 
_struct_mon_prot_cis.auth_asym_id 
_struct_mon_prot_cis.pdbx_label_comp_id_2 
_struct_mon_prot_cis.pdbx_label_seq_id_2 
_struct_mon_prot_cis.pdbx_label_asym_id_2 
_struct_mon_prot_cis.pdbx_PDB_ins_code_2 
_struct_mon_prot_cis.pdbx_auth_comp_id_2 
_struct_mon_prot_cis.pdbx_auth_seq_id_2 
_struct_mon_prot_cis.pdbx_auth_asym_id_2 
_struct_mon_prot_cis.pdbx_PDB_model_num 
_struct_mon_prot_cis.pdbx_omega_angle 
1 LEU 68  A . ? LEU 68  A PRO 69  A ? PRO 69  A 1 -2.44 
2 TRP 214 A . ? TRP 214 A PRO 215 A ? PRO 215 A 1 0.37  
# 
_struct_sheet.id               A 
_struct_sheet.type             ? 
_struct_sheet.number_strands   4 
_struct_sheet.details          ? 
# 
loop_
_struct_sheet_order.sheet_id 
_struct_sheet_order.range_id_1 
_struct_sheet_order.range_id_2 
_struct_sheet_order.offset 
_struct_sheet_order.sense 
A 1 2 ? parallel      
A 2 3 ? anti-parallel 
A 3 4 ? anti-parallel 
# 
loop_
_struct_sheet_range.sheet_id 
_struct_sheet_range.id 
_struct_sheet_range.beg_label_comp_id 
_struct_sheet_range.beg_label_asym_id 
_struct_sheet_range.beg_label_seq_id 
_struct_sheet_range.pdbx_beg_PDB_ins_code 
_struct_sheet_range.end_label_comp_id 
_struct_sheet_range.end_label_asym_id 
_struct_sheet_range.end_label_seq_id 
_struct_sheet_range.pdbx_end_PDB_ins_code 
_struct_sheet_range.beg_auth_comp_id 
_struct_sheet_range.beg_auth_asym_id 
_struct_sheet_range.beg_auth_seq_id 
_struct_sheet_range.end_auth_comp_id 
_struct_sheet_range.end_auth_asym_id 
_struct_sheet_range.end_auth_seq_id 
A 1 GLU A 29 ? TYR A 33 ? GLU A 29 TYR A 33 
A 2 ILE A 4  ? TRP A 8  ? ILE A 4  TRP A 8  
A 3 TYR A 70 ? ASP A 73 ? TYR A 70 ASP A 73 
A 4 VAL A 76 ? THR A 79 ? VAL A 76 THR A 79 
# 
loop_
_pdbx_struct_sheet_hbond.sheet_id 
_pdbx_struct_sheet_hbond.range_id_1 
_pdbx_struct_sheet_hbond.range_id_2 
_pdbx_struct_sheet_hbond.range_1_label_atom_id 
_pdbx_struct_sheet_hbond.range_1_label_comp_id 
_pdbx_struct_sheet_hbond.range_1_label_asym_id 
_pdbx_struct_sheet_hbond.range_1_label_seq_id 
_pdbx_struct_sheet_hbond.range_1_PDB_ins_code 
_pdbx_struct_sheet_hbond.range_1_auth_atom_id 
_pdbx_struct_sheet_hbond.range_1_auth_comp_id 
_pdbx_struct_sheet_hbond.range_1_auth_asym_id 
_pdbx_struct_sheet_hbond.range_1_auth_seq_id 
_pdbx_struct_sheet_hbond.range_2_label_atom_id 
_pdbx_struct_sheet_hbond.range_2_label_comp_id 
_pdbx_struct_sheet_hbond.range_2_label_asym_id 
_pdbx_struct_sheet_hbond.range_2_label_seq_id 
_pdbx_struct_sheet_hbond.range_2_PDB_ins_code 
_pdbx_struct_sheet_hbond.range_2_auth_atom_id 
_pdbx_struct_sheet_hbond.range_2_auth_comp_id 
_pdbx_struct_sheet_hbond.range_2_auth_asym_id 
_pdbx_struct_sheet_hbond.range_2_auth_seq_id 
A 1 2 O HIS A 31 ? O HIS A 31 N TYR A 7  ? N TYR A 7  
A 2 3 N GLY A 6  ? N GLY A 6  O TYR A 70 ? O TYR A 70 
A 3 4 N TYR A 71 ? N TYR A 71 O LEU A 78 ? O LEU A 78 
# 
_atom_sites.entry_id                    4ECC 
_atom_sites.fract_transf_matrix[1][1]   0.00329672 
_atom_sites.fract_transf_matrix[1][2]   0.00921785 
_atom_sites.fract_transf_matrix[1][3]   0.00457993 
_atom_sites.fract_transf_matrix[2][1]   -0.00527466 
_atom_sites.fract_transf_matrix[2][2]   -0.00261670 
_atom_sites.fract_transf_matrix[2][3]   0.00906332 
_atom_sites.fract_transf_matrix[3][1]   0.01407910 
_atom_sites.fract_transf_matrix[3][2]   -0.00796399 
_atom_sites.fract_transf_matrix[3][3]   0.00589443 
_atom_sites.fract_transf_vector[1]      0.201649 
_atom_sites.fract_transf_vector[2]      -0.105127 
_atom_sites.fract_transf_vector[3]      -0.061429 
# 
loop_
_atom_type.symbol 
C 
N 
O 
S 
# 
loop_
_atom_site.group_PDB 
_atom_site.id 
_atom_site.type_symbol 
_atom_site.label_atom_id 
_atom_site.label_alt_id 
_atom_site.label_comp_id 
_atom_site.label_asym_id 
_atom_site.label_entity_id 
_atom_site.label_seq_id 
_atom_site.pdbx_PDB_ins_code 
_atom_site.Cartn_x 
_atom_site.Cartn_y 
_atom_site.Cartn_z 
_atom_site.occupancy 
_atom_site.B_iso_or_equiv 
_atom_site.pdbx_formal_charge 
_atom_site.auth_seq_id 
_atom_site.auth_comp_id 
_atom_site.auth_asym_id 
_atom_site.auth_atom_id 
_atom_site.pdbx_PDB_model_num 
ATOM   1    N N   . SER A 1 2   ? 3.433   -23.009 -4.903  1.00 43.69 ? 2   SER A N   1 
ATOM   2    C CA  . SER A 1 2   ? 3.623   -21.787 -4.058  1.00 43.73 ? 2   SER A CA  1 
ATOM   3    C C   . SER A 1 2   ? 3.435   -20.560 -4.972  1.00 42.30 ? 2   SER A C   1 
ATOM   4    O O   . SER A 1 2   ? 4.037   -20.514 -6.054  1.00 42.18 ? 2   SER A O   1 
ATOM   5    C CB  . SER A 1 2   ? 5.038   -21.793 -3.479  1.00 44.45 ? 2   SER A CB  1 
ATOM   6    O OG  . SER A 1 2   ? 5.109   -21.121 -2.230  1.00 47.54 ? 2   SER A OG  1 
ATOM   7    N N   . PRO A 1 3   ? 2.557   -19.608 -4.575  1.00 40.70 ? 3   PRO A N   1 
ATOM   8    C CA  . PRO A 1 3   ? 2.291   -18.381 -5.334  1.00 39.72 ? 3   PRO A CA  1 
ATOM   9    C C   . PRO A 1 3   ? 3.544   -17.521 -5.532  1.00 38.43 ? 3   PRO A C   1 
ATOM   10   O O   . PRO A 1 3   ? 4.381   -17.400 -4.625  1.00 38.96 ? 3   PRO A O   1 
ATOM   11   C CB  . PRO A 1 3   ? 1.283   -17.642 -4.443  1.00 39.77 ? 3   PRO A CB  1 
ATOM   12   C CG  . PRO A 1 3   ? 0.560   -18.746 -3.737  1.00 40.76 ? 3   PRO A CG  1 
ATOM   13   C CD  . PRO A 1 3   ? 1.647   -19.725 -3.419  1.00 40.68 ? 3   PRO A CD  1 
ATOM   14   N N   . ILE A 1 4   ? 3.658   -16.932 -6.713  1.00 37.03 ? 4   ILE A N   1 
ATOM   15   C CA  . ILE A 1 4   ? 4.760   -16.038 -7.056  1.00 35.34 ? 4   ILE A CA  1 
ATOM   16   C C   . ILE A 1 4   ? 4.242   -14.605 -7.252  1.00 34.76 ? 4   ILE A C   1 
ATOM   17   O O   . ILE A 1 4   ? 3.252   -14.392 -7.952  1.00 35.07 ? 4   ILE A O   1 
ATOM   18   C CB  . ILE A 1 4   ? 5.443   -16.498 -8.349  1.00 35.56 ? 4   ILE A CB  1 
ATOM   19   C CG1 . ILE A 1 4   ? 5.996   -17.938 -8.188  1.00 36.15 ? 4   ILE A CG1 1 
ATOM   20   C CG2 . ILE A 1 4   ? 6.561   -15.505 -8.766  1.00 34.96 ? 4   ILE A CG2 1 
ATOM   21   C CD1 . ILE A 1 4   ? 6.510   -18.532 -9.491  1.00 36.41 ? 4   ILE A CD1 1 
ATOM   22   N N   . LEU A 1 5   ? 4.914   -13.646 -6.622  1.00 33.58 ? 5   LEU A N   1 
ATOM   23   C CA  . LEU A 1 5   ? 4.621   -12.211 -6.776  1.00 32.63 ? 5   LEU A CA  1 
ATOM   24   C C   . LEU A 1 5   ? 5.806   -11.510 -7.431  1.00 31.91 ? 5   LEU A C   1 
ATOM   25   O O   . LEU A 1 5   ? 6.885   -11.412 -6.839  1.00 32.23 ? 5   LEU A O   1 
ATOM   26   C CB  . LEU A 1 5   ? 4.337   -11.564 -5.418  1.00 32.06 ? 5   LEU A CB  1 
ATOM   27   C CG  . LEU A 1 5   ? 4.011   -10.060 -5.413  1.00 30.76 ? 5   LEU A CG  1 
ATOM   28   C CD1 . LEU A 1 5   ? 2.648   -9.747  -6.050  1.00 29.80 ? 5   LEU A CD1 1 
ATOM   29   C CD2 . LEU A 1 5   ? 4.075   -9.544  -3.981  1.00 32.89 ? 5   LEU A CD2 1 
ATOM   30   N N   . GLY A 1 6   ? 5.624   -11.028 -8.653  1.00 30.99 ? 6   GLY A N   1 
ATOM   31   C CA  . GLY A 1 6   ? 6.723   -10.351 -9.346  1.00 30.70 ? 6   GLY A CA  1 
ATOM   32   C C   . GLY A 1 6   ? 6.539   -8.845  -9.283  1.00 31.07 ? 6   GLY A C   1 
ATOM   33   O O   . GLY A 1 6   ? 5.419   -8.322  -9.498  1.00 31.81 ? 6   GLY A O   1 
ATOM   34   N N   . TYR A 1 7   ? 7.611   -8.131  -8.966  1.00 30.55 ? 7   TYR A N   1 
ATOM   35   C CA  . TYR A 1 7   ? 7.571   -6.664  -9.022  1.00 30.76 ? 7   TYR A CA  1 
ATOM   36   C C   . TYR A 1 7   ? 8.976   -6.103  -8.934  1.00 30.81 ? 7   TYR A C   1 
ATOM   37   O O   . TYR A 1 7   ? 9.918   -6.855  -8.692  1.00 31.23 ? 7   TYR A O   1 
ATOM   38   C CB  . TYR A 1 7   ? 6.680   -6.118  -7.884  1.00 30.02 ? 7   TYR A CB  1 
ATOM   39   C CG  . TYR A 1 7   ? 6.340   -4.643  -7.987  1.00 30.31 ? 7   TYR A CG  1 
ATOM   40   C CD1 . TYR A 1 7   ? 5.602   -4.132  -9.077  1.00 28.86 ? 7   TYR A CD1 1 
ATOM   41   C CD2 . TYR A 1 7   ? 6.713   -3.769  -6.975  1.00 26.42 ? 7   TYR A CD2 1 
ATOM   42   C CE1 . TYR A 1 7   ? 5.290   -2.756  -9.151  1.00 29.75 ? 7   TYR A CE1 1 
ATOM   43   C CE2 . TYR A 1 7   ? 6.407   -2.428  -7.048  1.00 27.84 ? 7   TYR A CE2 1 
ATOM   44   C CZ  . TYR A 1 7   ? 5.686   -1.933  -8.123  1.00 28.05 ? 7   TYR A CZ  1 
ATOM   45   O OH  . TYR A 1 7   ? 5.409   -0.586  -8.144  1.00 33.21 ? 7   TYR A OH  1 
ATOM   46   N N   . TRP A 1 8   ? 9.126   -4.792  -9.102  1.00 30.44 ? 8   TRP A N   1 
ATOM   47   C CA  . TRP A 1 8   ? 10.396  -4.147  -8.820  1.00 30.04 ? 8   TRP A CA  1 
ATOM   48   C C   . TRP A 1 8   ? 10.740  -4.330  -7.361  1.00 30.79 ? 8   TRP A C   1 
ATOM   49   O O   . TRP A 1 8   ? 9.845   -4.476  -6.498  1.00 29.56 ? 8   TRP A O   1 
ATOM   50   C CB  . TRP A 1 8   ? 10.344  -2.629  -9.139  1.00 30.16 ? 8   TRP A CB  1 
ATOM   51   C CG  . TRP A 1 8   ? 9.936   -2.376  -10.537 1.00 31.79 ? 8   TRP A CG  1 
ATOM   52   C CD1 . TRP A 1 8   ? 8.685   -2.002  -10.987 1.00 30.32 ? 8   TRP A CD1 1 
ATOM   53   C CD2 . TRP A 1 8   ? 10.752  -2.538  -11.702 1.00 32.45 ? 8   TRP A CD2 1 
ATOM   54   N NE1 . TRP A 1 8   ? 8.691   -1.915  -12.356 1.00 31.53 ? 8   TRP A NE1 1 
ATOM   55   C CE2 . TRP A 1 8   ? 9.945   -2.239  -12.821 1.00 34.02 ? 8   TRP A CE2 1 
ATOM   56   C CE3 . TRP A 1 8   ? 12.086  -2.915  -11.910 1.00 35.07 ? 8   TRP A CE3 1 
ATOM   57   C CZ2 . TRP A 1 8   ? 10.438  -2.291  -14.143 1.00 35.70 ? 8   TRP A CZ2 1 
ATOM   58   C CZ3 . TRP A 1 8   ? 12.570  -2.966  -13.212 1.00 36.16 ? 8   TRP A CZ3 1 
ATOM   59   C CH2 . TRP A 1 8   ? 11.741  -2.658  -14.312 1.00 35.09 ? 8   TRP A CH2 1 
ATOM   60   N N   . LYS A 1 9   ? 12.035  -4.266  -7.060  1.00 30.54 ? 9   LYS A N   1 
ATOM   61   C CA  . LYS A 1 9   ? 12.477  -4.370  -5.688  1.00 30.99 ? 9   LYS A CA  1 
ATOM   62   C C   . LYS A 1 9   ? 12.366  -3.004  -5.028  1.00 30.98 ? 9   LYS A C   1 
ATOM   63   O O   . LYS A 1 9   ? 13.367  -2.376  -4.615  1.00 30.94 ? 9   LYS A O   1 
ATOM   64   C CB  . LYS A 1 9   ? 13.899  -4.925  -5.605  1.00 31.99 ? 9   LYS A CB  1 
ATOM   65   C CG  . LYS A 1 9   ? 14.398  -5.156  -4.198  1.00 32.88 ? 9   LYS A CG  1 
ATOM   66   C CD  . LYS A 1 9   ? 15.829  -5.711  -4.263  1.00 41.61 ? 9   LYS A CD  1 
ATOM   67   C CE  . LYS A 1 9   ? 16.296  -6.283  -2.922  1.00 44.07 ? 9   LYS A CE  1 
ATOM   68   N NZ  . LYS A 1 9   ? 17.503  -7.206  -3.082  1.00 47.93 ? 9   LYS A NZ  1 
ATOM   69   N N   . ILE A 1 10  ? 11.117  -2.561  -4.934  1.00 30.36 ? 10  ILE A N   1 
ATOM   70   C CA  . ILE A 1 10  ? 10.751  -1.276  -4.358  1.00 29.32 ? 10  ILE A CA  1 
ATOM   71   C C   . ILE A 1 10  ? 9.431   -1.486  -3.592  1.00 28.84 ? 10  ILE A C   1 
ATOM   72   O O   . ILE A 1 10  ? 8.733   -2.497  -3.788  1.00 27.39 ? 10  ILE A O   1 
ATOM   73   C CB  . ILE A 1 10  ? 10.546  -0.204  -5.477  1.00 29.73 ? 10  ILE A CB  1 
ATOM   74   C CG1 . ILE A 1 10  ? 9.259   -0.488  -6.260  1.00 27.83 ? 10  ILE A CG1 1 
ATOM   75   C CG2 . ILE A 1 10  ? 11.772  -0.146  -6.432  1.00 29.38 ? 10  ILE A CG2 1 
ATOM   76   C CD1 . ILE A 1 10  ? 8.902   0.602   -7.385  1.00 29.59 ? 10  ILE A CD1 1 
ATOM   77   N N   . LYS A 1 11  ? 9.067   -0.528  -2.744  1.00 27.94 ? 11  LYS A N   1 
ATOM   78   C CA  . LYS A 1 11  ? 7.743   -0.570  -2.145  1.00 27.76 ? 11  LYS A CA  1 
ATOM   79   C C   . LYS A 1 11  ? 6.691   -0.448  -3.259  1.00 27.28 ? 11  LYS A C   1 
ATOM   80   O O   . LYS A 1 11  ? 6.038   -1.428  -3.623  1.00 26.43 ? 11  LYS A O   1 
ATOM   81   C CB  . LYS A 1 11  ? 7.581   0.519   -1.062  1.00 26.92 ? 11  LYS A CB  1 
ATOM   82   C CG  . LYS A 1 11  ? 8.441   0.240   0.134   1.00 28.26 ? 11  LYS A CG  1 
ATOM   83   C CD  . LYS A 1 11  ? 7.995   0.988   1.341   1.00 28.75 ? 11  LYS A CD  1 
ATOM   84   C CE  . LYS A 1 11  ? 8.931   0.737   2.501   1.00 33.16 ? 11  LYS A CE  1 
ATOM   85   N NZ  . LYS A 1 11  ? 8.601   1.469   3.750   1.00 30.13 ? 11  LYS A NZ  1 
ATOM   86   N N   . GLY A 1 12  ? 6.559   0.748   -3.817  1.00 26.29 ? 12  GLY A N   1 
ATOM   87   C CA  . GLY A 1 12  ? 5.718   0.973   -4.985  1.00 26.37 ? 12  GLY A CA  1 
ATOM   88   C C   . GLY A 1 12  ? 4.301   0.465   -4.798  1.00 27.55 ? 12  GLY A C   1 
ATOM   89   O O   . GLY A 1 12  ? 3.722   0.566   -3.694  1.00 28.03 ? 12  GLY A O   1 
ATOM   90   N N   . LEU A 1 13  ? 3.736   -0.061  -5.875  1.00 26.57 ? 13  LEU A N   1 
ATOM   91   C CA  . LEU A 1 13  ? 2.317   -0.427  -5.905  1.00 27.99 ? 13  LEU A CA  1 
ATOM   92   C C   . LEU A 1 13  ? 2.038   -1.684  -5.104  1.00 28.14 ? 13  LEU A C   1 
ATOM   93   O O   . LEU A 1 13  ? 0.916   -1.925  -4.745  1.00 27.88 ? 13  LEU A O   1 
ATOM   94   C CB  . LEU A 1 13  ? 1.868   -0.706  -7.330  1.00 28.71 ? 13  LEU A CB  1 
ATOM   95   C CG  . LEU A 1 13  ? 1.906   0.423   -8.383  1.00 32.21 ? 13  LEU A CG  1 
ATOM   96   C CD1 . LEU A 1 13  ? 1.546   -0.189  -9.793  1.00 29.73 ? 13  LEU A CD1 1 
ATOM   97   C CD2 . LEU A 1 13  ? 0.919   1.511   -7.972  1.00 31.73 ? 13  LEU A CD2 1 
ATOM   98   N N   . VAL A 1 14  ? 3.065   -2.473  -4.821  1.00 28.02 ? 14  VAL A N   1 
ATOM   99   C CA  . VAL A 1 14  ? 2.842   -3.814  -4.329  1.00 28.90 ? 14  VAL A CA  1 
ATOM   100  C C   . VAL A 1 14  ? 3.024   -3.918  -2.819  1.00 27.89 ? 14  VAL A C   1 
ATOM   101  O O   . VAL A 1 14  ? 2.635   -4.909  -2.224  1.00 27.19 ? 14  VAL A O   1 
ATOM   102  C CB  . VAL A 1 14  ? 3.684   -4.815  -5.135  1.00 29.65 ? 14  VAL A CB  1 
ATOM   103  C CG1 . VAL A 1 14  ? 4.917   -5.226  -4.375  1.00 30.48 ? 14  VAL A CG1 1 
ATOM   104  C CG2 . VAL A 1 14  ? 2.852   -6.033  -5.512  1.00 33.59 ? 14  VAL A CG2 1 
ATOM   105  N N   . GLN A 1 15  ? 3.593   -2.884  -2.175  1.00 26.58 ? 15  GLN A N   1 
ATOM   106  C CA  . GLN A 1 15  ? 3.836   -2.991  -0.731  1.00 25.70 ? 15  GLN A CA  1 
ATOM   107  C C   . GLN A 1 15  ? 2.603   -3.394  0.135   1.00 25.71 ? 15  GLN A C   1 
ATOM   108  O O   . GLN A 1 15  ? 2.737   -4.213  1.053   1.00 25.43 ? 15  GLN A O   1 
ATOM   109  C CB  . GLN A 1 15  ? 4.518   -1.741  -0.188  1.00 25.69 ? 15  GLN A CB  1 
ATOM   110  C CG  . GLN A 1 15  ? 4.995   -1.851  1.238   1.00 23.92 ? 15  GLN A CG  1 
ATOM   111  C CD  . GLN A 1 15  ? 6.218   -2.777  1.390   1.00 28.20 ? 15  GLN A CD  1 
ATOM   112  O OE1 . GLN A 1 15  ? 6.680   -3.446  0.431   1.00 22.93 ? 15  GLN A OE1 1 
ATOM   113  N NE2 . GLN A 1 15  ? 6.744   -2.815  2.609   1.00 27.86 ? 15  GLN A NE2 1 
ATOM   114  N N   . PRO A 1 16  ? 1.417   -2.807  -0.129  1.00 24.89 ? 16  PRO A N   1 
ATOM   115  C CA  . PRO A 1 16  ? 0.238   -3.256  0.614   1.00 24.60 ? 16  PRO A CA  1 
ATOM   116  C C   . PRO A 1 16  ? -0.099  -4.751  0.413   1.00 24.72 ? 16  PRO A C   1 
ATOM   117  O O   . PRO A 1 16  ? -0.579  -5.384  1.341   1.00 24.81 ? 16  PRO A O   1 
ATOM   118  C CB  . PRO A 1 16  ? -0.882  -2.371  0.055   1.00 24.98 ? 16  PRO A CB  1 
ATOM   119  C CG  . PRO A 1 16  ? -0.104  -1.058  -0.403  1.00 24.28 ? 16  PRO A CG  1 
ATOM   120  C CD  . PRO A 1 16  ? 1.076   -1.726  -1.077  1.00 24.81 ? 16  PRO A CD  1 
ATOM   121  N N   . THR A 1 17  ? 0.134   -5.296  -0.778  1.00 24.44 ? 17  THR A N   1 
ATOM   122  C CA  . THR A 1 17  ? -0.089  -6.691  -1.051  1.00 25.59 ? 17  THR A CA  1 
ATOM   123  C C   . THR A 1 17  ? 0.876   -7.576  -0.247  1.00 26.87 ? 17  THR A C   1 
ATOM   124  O O   . THR A 1 17  ? 0.474   -8.621  0.299   1.00 25.89 ? 17  THR A O   1 
ATOM   125  C CB  . THR A 1 17  ? 0.100   -6.997  -2.536  1.00 25.18 ? 17  THR A CB  1 
ATOM   126  O OG1 . THR A 1 17  ? -0.974  -6.381  -3.273  1.00 29.36 ? 17  THR A OG1 1 
ATOM   127  C CG2 . THR A 1 17  ? 0.054   -8.522  -2.781  1.00 25.18 ? 17  THR A CG2 1 
ATOM   128  N N   . ARG A 1 18  ? 2.140   -7.164  -0.189  1.00 27.44 ? 18  ARG A N   1 
ATOM   129  C CA  . ARG A 1 18  ? 3.124   -7.839  0.657   1.00 28.42 ? 18  ARG A CA  1 
ATOM   130  C C   . ARG A 1 18  ? 2.691   -7.808  2.140   1.00 29.90 ? 18  ARG A C   1 
ATOM   131  O O   . ARG A 1 18  ? 2.846   -8.813  2.854   1.00 29.83 ? 18  ARG A O   1 
ATOM   132  C CB  . ARG A 1 18  ? 4.542   -7.268  0.436   1.00 28.46 ? 18  ARG A CB  1 
ATOM   133  C CG  . ARG A 1 18  ? 5.060   -7.517  -1.007  1.00 30.37 ? 18  ARG A CG  1 
ATOM   134  C CD  . ARG A 1 18  ? 6.558   -7.202  -1.289  1.00 34.69 ? 18  ARG A CD  1 
ATOM   135  N NE  . ARG A 1 18  ? 6.795   -5.797  -1.350  1.00 40.11 ? 18  ARG A NE  1 
ATOM   136  C CZ  . ARG A 1 18  ? 7.434   -5.126  -2.308  1.00 38.03 ? 18  ARG A CZ  1 
ATOM   137  N NH1 . ARG A 1 18  ? 7.487   -3.820  -2.166  1.00 35.75 ? 18  ARG A NH1 1 
ATOM   138  N NH2 . ARG A 1 18  ? 8.002   -5.712  -3.365  1.00 32.55 ? 18  ARG A NH2 1 
ATOM   139  N N   . LEU A 1 19  ? 2.110   -6.698  2.602   1.00 30.13 ? 19  LEU A N   1 
ATOM   140  C CA  . LEU A 1 19  ? 1.691   -6.642  4.008   1.00 30.84 ? 19  LEU A CA  1 
ATOM   141  C C   . LEU A 1 19  ? 0.524   -7.605  4.272   1.00 31.29 ? 19  LEU A C   1 
ATOM   142  O O   . LEU A 1 19  ? 0.521   -8.323  5.279   1.00 30.87 ? 19  LEU A O   1 
ATOM   143  C CB  . LEU A 1 19  ? 1.338   -5.213  4.438   1.00 30.77 ? 19  LEU A CB  1 
ATOM   144  C CG  . LEU A 1 19  ? 2.482   -4.181  4.345   1.00 30.41 ? 19  LEU A CG  1 
ATOM   145  C CD1 . LEU A 1 19  ? 1.940   -2.802  4.617   1.00 31.31 ? 19  LEU A CD1 1 
ATOM   146  C CD2 . LEU A 1 19  ? 3.553   -4.498  5.362   1.00 31.66 ? 19  LEU A CD2 1 
ATOM   147  N N   . LEU A 1 20  ? -0.435  -7.625  3.347   1.00 30.43 ? 20  LEU A N   1 
ATOM   148  C CA  . LEU A 1 20  ? -1.556  -8.516  3.426   1.00 31.10 ? 20  LEU A CA  1 
ATOM   149  C C   . LEU A 1 20  ? -1.129  -9.994  3.455   1.00 31.84 ? 20  LEU A C   1 
ATOM   150  O O   . LEU A 1 20  ? -1.606  -10.748 4.293   1.00 31.48 ? 20  LEU A O   1 
ATOM   151  C CB  . LEU A 1 20  ? -2.537  -8.267  2.267   1.00 30.59 ? 20  LEU A CB  1 
ATOM   152  C CG  . LEU A 1 20  ? -3.763  -9.189  2.207   1.00 31.13 ? 20  LEU A CG  1 
ATOM   153  C CD1 . LEU A 1 20  ? -4.673  -8.996  3.437   1.00 30.57 ? 20  LEU A CD1 1 
ATOM   154  C CD2 . LEU A 1 20  ? -4.590  -8.992  0.938   1.00 28.22 ? 20  LEU A CD2 1 
ATOM   155  N N   . LEU A 1 21  ? -0.281  -10.403 2.516   1.00 31.54 ? 21  LEU A N   1 
ATOM   156  C CA  . LEU A 1 21  ? 0.267   -11.750 2.498   1.00 32.72 ? 21  LEU A CA  1 
ATOM   157  C C   . LEU A 1 21  ? 0.911   -12.150 3.845   1.00 33.45 ? 21  LEU A C   1 
ATOM   158  O O   . LEU A 1 21  ? 0.696   -13.251 4.351   1.00 33.54 ? 21  LEU A O   1 
ATOM   159  C CB  . LEU A 1 21  ? 1.286   -11.915 1.352   1.00 32.17 ? 21  LEU A CB  1 
ATOM   160  C CG  . LEU A 1 21  ? 0.677   -11.975 -0.053  1.00 32.46 ? 21  LEU A CG  1 
ATOM   161  C CD1 . LEU A 1 21  ? 1.698   -11.712 -1.160  1.00 26.01 ? 21  LEU A CD1 1 
ATOM   162  C CD2 . LEU A 1 21  ? 0.002   -13.320 -0.258  1.00 30.72 ? 21  LEU A CD2 1 
ATOM   163  N N   . GLU A 1 22  ? 1.689   -11.253 4.425   1.00 34.02 ? 22  GLU A N   1 
ATOM   164  C CA  . GLU A 1 22  ? 2.309   -11.518 5.705   1.00 35.19 ? 22  GLU A CA  1 
ATOM   165  C C   . GLU A 1 22  ? 1.251   -11.623 6.833   1.00 35.89 ? 22  GLU A C   1 
ATOM   166  O O   . GLU A 1 22  ? 1.302   -12.530 7.672   1.00 36.32 ? 22  GLU A O   1 
ATOM   167  C CB  . GLU A 1 22  ? 3.338   -10.415 6.009   1.00 34.56 ? 22  GLU A CB  1 
ATOM   168  C CG  . GLU A 1 22  ? 4.483   -10.382 5.009   1.00 35.98 ? 22  GLU A CG  1 
ATOM   169  C CD  . GLU A 1 22  ? 5.320   -11.661 5.012   1.00 35.95 ? 22  GLU A CD  1 
ATOM   170  O OE1 . GLU A 1 22  ? 5.392   -12.320 6.063   1.00 37.73 ? 22  GLU A OE1 1 
ATOM   171  O OE2 . GLU A 1 22  ? 5.919   -11.992 3.967   1.00 34.98 ? 22  GLU A OE2 1 
ATOM   172  N N   . TYR A 1 23  ? 0.288   -10.703 6.833   1.00 35.93 ? 23  TYR A N   1 
ATOM   173  C CA  . TYR A 1 23  ? -0.820  -10.753 7.772   1.00 37.00 ? 23  TYR A CA  1 
ATOM   174  C C   . TYR A 1 23  ? -1.498  -12.118 7.744   1.00 37.45 ? 23  TYR A C   1 
ATOM   175  O O   . TYR A 1 23  ? -1.782  -12.698 8.781   1.00 37.80 ? 23  TYR A O   1 
ATOM   176  C CB  . TYR A 1 23  ? -1.842  -9.649  7.474   1.00 36.61 ? 23  TYR A CB  1 
ATOM   177  C CG  . TYR A 1 23  ? -3.067  -9.744  8.355   1.00 37.47 ? 23  TYR A CG  1 
ATOM   178  C CD1 . TYR A 1 23  ? -3.000  -9.409  9.714   1.00 34.94 ? 23  TYR A CD1 1 
ATOM   179  C CD2 . TYR A 1 23  ? -4.293  -10.170 7.834   1.00 38.15 ? 23  TYR A CD2 1 
ATOM   180  C CE1 . TYR A 1 23  ? -4.116  -9.518  10.539  1.00 37.03 ? 23  TYR A CE1 1 
ATOM   181  C CE2 . TYR A 1 23  ? -5.434  -10.279 8.666   1.00 38.59 ? 23  TYR A CE2 1 
ATOM   182  C CZ  . TYR A 1 23  ? -5.329  -9.937  10.004  1.00 38.91 ? 23  TYR A CZ  1 
ATOM   183  O OH  . TYR A 1 23  ? -6.434  -10.028 10.818  1.00 40.40 ? 23  TYR A OH  1 
ATOM   184  N N   . LEU A 1 24  ? -1.738  -12.632 6.544   1.00 38.42 ? 24  LEU A N   1 
ATOM   185  C CA  . LEU A 1 24  ? -2.399  -13.914 6.371   1.00 38.74 ? 24  LEU A CA  1 
ATOM   186  C C   . LEU A 1 24  ? -1.455  -15.094 6.590   1.00 39.88 ? 24  LEU A C   1 
ATOM   187  O O   . LEU A 1 24  ? -1.904  -16.234 6.613   1.00 40.77 ? 24  LEU A O   1 
ATOM   188  C CB  . LEU A 1 24  ? -3.037  -13.999 4.982   1.00 38.09 ? 24  LEU A CB  1 
ATOM   189  C CG  . LEU A 1 24  ? -4.127  -12.984 4.651   1.00 36.03 ? 24  LEU A CG  1 
ATOM   190  C CD1 . LEU A 1 24  ? -4.386  -12.972 3.147   1.00 33.95 ? 24  LEU A CD1 1 
ATOM   191  C CD2 . LEU A 1 24  ? -5.396  -13.306 5.397   1.00 38.58 ? 24  LEU A CD2 1 
ATOM   192  N N   . GLU A 1 25  ? -0.159  -14.818 6.758   1.00 41.35 ? 25  GLU A N   1 
ATOM   193  C CA  . GLU A 1 25  ? 0.861   -15.862 6.980   1.00 42.57 ? 25  GLU A CA  1 
ATOM   194  C C   . GLU A 1 25  ? 0.949   -16.785 5.780   1.00 42.17 ? 25  GLU A C   1 
ATOM   195  O O   . GLU A 1 25  ? 1.446   -17.908 5.872   1.00 42.46 ? 25  GLU A O   1 
ATOM   196  C CB  . GLU A 1 25  ? 0.580   -16.663 8.261   1.00 42.53 ? 25  GLU A CB  1 
ATOM   197  C CG  . GLU A 1 25  ? 1.065   -15.954 9.512   1.00 46.49 ? 25  GLU A CG  1 
ATOM   198  C CD  . GLU A 1 25  ? 0.420   -16.483 10.791  1.00 51.13 ? 25  GLU A CD  1 
ATOM   199  O OE1 . GLU A 1 25  ? 0.797   -16.007 11.885  1.00 54.32 ? 25  GLU A OE1 1 
ATOM   200  O OE2 . GLU A 1 25  ? -0.463  -17.365 10.711  1.00 52.75 ? 25  GLU A OE2 1 
ATOM   201  N N   . GLU A 1 26  ? 0.445   -16.303 4.658   1.00 42.08 ? 26  GLU A N   1 
ATOM   202  C CA  . GLU A 1 26  ? 0.565   -17.006 3.374   1.00 42.43 ? 26  GLU A CA  1 
ATOM   203  C C   . GLU A 1 26  ? 1.990   -17.216 2.883   1.00 42.28 ? 26  GLU A C   1 
ATOM   204  O O   . GLU A 1 26  ? 2.868   -16.354 3.042   1.00 42.41 ? 26  GLU A O   1 
ATOM   205  C CB  . GLU A 1 26  ? -0.260  -16.290 2.306   1.00 42.45 ? 26  GLU A CB  1 
ATOM   206  C CG  . GLU A 1 26  ? -1.773  -16.487 2.546   1.00 44.19 ? 26  GLU A CG  1 
ATOM   207  C CD  . GLU A 1 26  ? -2.303  -17.822 2.031   1.00 45.13 ? 26  GLU A CD  1 
ATOM   208  O OE1 . GLU A 1 26  ? -1.792  -18.225 0.922   1.00 47.66 ? 26  GLU A OE1 1 
ATOM   209  O OE2 . GLU A 1 26  ? -3.247  -18.412 2.685   1.00 36.72 ? 26  GLU A OE2 1 
ATOM   210  N N   . LYS A 1 27  ? 2.226   -18.373 2.283   1.00 42.17 ? 27  LYS A N   1 
ATOM   211  C CA  . LYS A 1 27  ? 3.562   -18.660 1.781   1.00 42.70 ? 27  LYS A CA  1 
ATOM   212  C C   . LYS A 1 27  ? 3.642   -18.262 0.330   1.00 41.13 ? 27  LYS A C   1 
ATOM   213  O O   . LYS A 1 27  ? 2.776   -18.605 -0.457  1.00 40.90 ? 27  LYS A O   1 
ATOM   214  C CB  . LYS A 1 27  ? 3.968   -20.128 1.988   1.00 43.19 ? 27  LYS A CB  1 
ATOM   215  C CG  . LYS A 1 27  ? 5.348   -20.505 1.388   1.00 46.66 ? 27  LYS A CG  1 
ATOM   216  C CD  . LYS A 1 27  ? 6.509   -19.487 1.678   1.00 50.93 ? 27  LYS A CD  1 
ATOM   217  C CE  . LYS A 1 27  ? 7.692   -19.655 0.649   1.00 53.59 ? 27  LYS A CE  1 
ATOM   218  N NZ  . LYS A 1 27  ? 8.574   -18.443 0.455   1.00 52.60 ? 27  LYS A NZ  1 
ATOM   219  N N   . TYR A 1 28  ? 4.710   -17.548 -0.012  1.00 40.55 ? 28  TYR A N   1 
ATOM   220  C CA  . TYR A 1 28  ? 4.863   -17.007 -1.354  1.00 39.66 ? 28  TYR A CA  1 
ATOM   221  C C   . TYR A 1 28  ? 6.306   -16.723 -1.617  1.00 39.31 ? 28  TYR A C   1 
ATOM   222  O O   . TYR A 1 28  ? 7.068   -16.495 -0.692  1.00 39.42 ? 28  TYR A O   1 
ATOM   223  C CB  . TYR A 1 28  ? 4.010   -15.725 -1.520  1.00 39.53 ? 28  TYR A CB  1 
ATOM   224  C CG  . TYR A 1 28  ? 4.503   -14.546 -0.701  1.00 37.26 ? 28  TYR A CG  1 
ATOM   225  C CD1 . TYR A 1 28  ? 4.181   -14.430 0.650   1.00 36.32 ? 28  TYR A CD1 1 
ATOM   226  C CD2 . TYR A 1 28  ? 5.275   -13.555 -1.284  1.00 37.29 ? 28  TYR A CD2 1 
ATOM   227  C CE1 . TYR A 1 28  ? 4.635   -13.354 1.408   1.00 38.43 ? 28  TYR A CE1 1 
ATOM   228  C CE2 . TYR A 1 28  ? 5.739   -12.464 -0.547  1.00 36.17 ? 28  TYR A CE2 1 
ATOM   229  C CZ  . TYR A 1 28  ? 5.412   -12.361 0.782   1.00 39.04 ? 28  TYR A CZ  1 
ATOM   230  O OH  . TYR A 1 28  ? 5.872   -11.291 1.498   1.00 38.95 ? 28  TYR A OH  1 
ATOM   231  N N   . GLU A 1 29  ? 6.687   -16.783 -2.886  1.00 39.18 ? 29  GLU A N   1 
ATOM   232  C CA  . GLU A 1 29  ? 7.993   -16.330 -3.291  1.00 40.23 ? 29  GLU A CA  1 
ATOM   233  C C   . GLU A 1 29  ? 7.848   -15.061 -4.148  1.00 38.85 ? 29  GLU A C   1 
ATOM   234  O O   . GLU A 1 29  ? 6.782   -14.785 -4.709  1.00 38.37 ? 29  GLU A O   1 
ATOM   235  C CB  . GLU A 1 29  ? 8.772   -17.438 -4.027  1.00 41.06 ? 29  GLU A CB  1 
ATOM   236  C CG  . GLU A 1 29  ? 7.943   -18.210 -5.030  1.00 46.38 ? 29  GLU A CG  1 
ATOM   237  C CD  . GLU A 1 29  ? 8.533   -19.578 -5.364  1.00 51.67 ? 29  GLU A CD  1 
ATOM   238  O OE1 . GLU A 1 29  ? 9.226   -19.673 -6.406  1.00 52.87 ? 29  GLU A OE1 1 
ATOM   239  O OE2 . GLU A 1 29  ? 8.304   -20.542 -4.587  1.00 55.75 ? 29  GLU A OE2 1 
ATOM   240  N N   . GLU A 1 30  ? 8.914   -14.279 -4.213  1.00 37.53 ? 30  GLU A N   1 
ATOM   241  C CA  . GLU A 1 30  ? 8.887   -13.051 -4.988  1.00 36.83 ? 30  GLU A CA  1 
ATOM   242  C C   . GLU A 1 30  ? 9.917   -13.110 -6.080  1.00 36.26 ? 30  GLU A C   1 
ATOM   243  O O   . GLU A 1 30  ? 11.018  -13.631 -5.886  1.00 36.91 ? 30  GLU A O   1 
ATOM   244  C CB  . GLU A 1 30  ? 9.167   -11.835 -4.111  1.00 36.06 ? 30  GLU A CB  1 
ATOM   245  C CG  . GLU A 1 30  ? 8.256   -11.659 -2.931  1.00 37.00 ? 30  GLU A CG  1 
ATOM   246  C CD  . GLU A 1 30  ? 8.448   -10.289 -2.290  1.00 38.55 ? 30  GLU A CD  1 
ATOM   247  O OE1 . GLU A 1 30  ? 7.952   -9.279  -2.852  1.00 37.87 ? 30  GLU A OE1 1 
ATOM   248  O OE2 . GLU A 1 30  ? 9.100   -10.223 -1.240  1.00 39.05 ? 30  GLU A OE2 1 
ATOM   249  N N   . HIS A 1 31  ? 9.541   -12.585 -7.232  1.00 36.05 ? 31  HIS A N   1 
ATOM   250  C CA  . HIS A 1 31  ? 10.475  -12.262 -8.283  1.00 35.65 ? 31  HIS A CA  1 
ATOM   251  C C   . HIS A 1 31  ? 10.729  -10.768 -8.129  1.00 35.96 ? 31  HIS A C   1 
ATOM   252  O O   . HIS A 1 31  ? 9.838   -9.958  -8.423  1.00 35.45 ? 31  HIS A O   1 
ATOM   253  C CB  . HIS A 1 31  ? 9.842   -12.514 -9.637  1.00 35.27 ? 31  HIS A CB  1 
ATOM   254  C CG  . HIS A 1 31  ? 9.692   -13.961 -9.981  1.00 38.40 ? 31  HIS A CG  1 
ATOM   255  N ND1 . HIS A 1 31  ? 9.055   -14.387 -11.129 1.00 37.88 ? 31  HIS A ND1 1 
ATOM   256  C CD2 . HIS A 1 31  ? 10.120  -15.083 -9.347  1.00 39.92 ? 31  HIS A CD2 1 
ATOM   257  C CE1 . HIS A 1 31  ? 9.092   -15.708 -11.187 1.00 40.01 ? 31  HIS A CE1 1 
ATOM   258  N NE2 . HIS A 1 31  ? 9.727   -16.154 -10.112 1.00 41.59 ? 31  HIS A NE2 1 
ATOM   259  N N   . LEU A 1 32  ? 11.926  -10.406 -7.677  1.00 35.56 ? 32  LEU A N   1 
ATOM   260  C CA  . LEU A 1 32  ? 12.289  -9.030  -7.449  1.00 36.96 ? 32  LEU A CA  1 
ATOM   261  C C   . LEU A 1 32  ? 13.210  -8.473  -8.545  1.00 38.79 ? 32  LEU A C   1 
ATOM   262  O O   . LEU A 1 32  ? 14.400  -8.832  -8.623  1.00 38.82 ? 32  LEU A O   1 
ATOM   263  C CB  . LEU A 1 32  ? 12.933  -8.875  -6.062  1.00 35.52 ? 32  LEU A CB  1 
ATOM   264  C CG  . LEU A 1 32  ? 11.970  -9.157  -4.897  1.00 35.84 ? 32  LEU A CG  1 
ATOM   265  C CD1 . LEU A 1 32  ? 12.696  -9.285  -3.532  1.00 32.71 ? 32  LEU A CD1 1 
ATOM   266  C CD2 . LEU A 1 32  ? 10.816  -8.112  -4.820  1.00 35.48 ? 32  LEU A CD2 1 
ATOM   267  N N   . TYR A 1 33  ? 12.653  -7.595  -9.379  1.00 40.18 ? 33  TYR A N   1 
ATOM   268  C CA  . TYR A 1 33  ? 13.415  -6.936  -10.449 1.00 42.54 ? 33  TYR A CA  1 
ATOM   269  C C   . TYR A 1 33  ? 14.198  -5.697  -9.974  1.00 44.19 ? 33  TYR A C   1 
ATOM   270  O O   . TYR A 1 33  ? 13.654  -4.794  -9.321  1.00 42.90 ? 33  TYR A O   1 
ATOM   271  C CB  . TYR A 1 33  ? 12.509  -6.635  -11.646 1.00 42.64 ? 33  TYR A CB  1 
ATOM   272  C CG  . TYR A 1 33  ? 11.882  -7.892  -12.231 1.00 43.90 ? 33  TYR A CG  1 
ATOM   273  C CD1 . TYR A 1 33  ? 12.418  -8.505  -13.358 1.00 44.17 ? 33  TYR A CD1 1 
ATOM   274  C CD2 . TYR A 1 33  ? 10.758  -8.481  -11.631 1.00 44.59 ? 33  TYR A CD2 1 
ATOM   275  C CE1 . TYR A 1 33  ? 11.846  -9.677  -13.887 1.00 44.20 ? 33  TYR A CE1 1 
ATOM   276  C CE2 . TYR A 1 33  ? 10.180  -9.626  -12.157 1.00 43.13 ? 33  TYR A CE2 1 
ATOM   277  C CZ  . TYR A 1 33  ? 10.725  -10.219 -13.281 1.00 44.51 ? 33  TYR A CZ  1 
ATOM   278  O OH  . TYR A 1 33  ? 10.140  -11.369 -13.779 1.00 44.04 ? 33  TYR A OH  1 
ATOM   279  N N   . GLU A 1 34  ? 15.490  -5.703  -10.288 1.00 47.14 ? 34  GLU A N   1 
ATOM   280  C CA  . GLU A 1 34  ? 16.445  -4.676  -9.886  1.00 50.71 ? 34  GLU A CA  1 
ATOM   281  C C   . GLU A 1 34  ? 16.455  -3.551  -10.895 1.00 52.45 ? 34  GLU A C   1 
ATOM   282  O O   . GLU A 1 34  ? 15.902  -3.690  -11.970 1.00 52.03 ? 34  GLU A O   1 
ATOM   283  C CB  . GLU A 1 34  ? 17.867  -5.268  -9.783  1.00 51.23 ? 34  GLU A CB  1 
ATOM   284  C CG  . GLU A 1 34  ? 18.028  -6.418  -8.792  1.00 54.44 ? 34  GLU A CG  1 
ATOM   285  C CD  . GLU A 1 34  ? 18.063  -5.959  -7.352  1.00 59.66 ? 34  GLU A CD  1 
ATOM   286  O OE1 . GLU A 1 34  ? 18.542  -6.753  -6.500  1.00 61.58 ? 34  GLU A OE1 1 
ATOM   287  O OE2 . GLU A 1 34  ? 17.622  -4.812  -7.063  1.00 61.13 ? 34  GLU A OE2 1 
ATOM   288  N N   . ARG A 1 35  ? 17.119  -2.455  -10.520 1.00 55.88 ? 35  ARG A N   1 
ATOM   289  C CA  . ARG A 1 35  ? 17.227  -1.201  -11.284 1.00 59.58 ? 35  ARG A CA  1 
ATOM   290  C C   . ARG A 1 35  ? 17.675  -1.383  -12.747 1.00 61.95 ? 35  ARG A C   1 
ATOM   291  O O   . ARG A 1 35  ? 17.022  -0.892  -13.681 1.00 62.21 ? 35  ARG A O   1 
ATOM   292  C CB  . ARG A 1 35  ? 18.189  -0.262  -10.532 1.00 59.83 ? 35  ARG A CB  1 
ATOM   293  C CG  . ARG A 1 35  ? 18.210  1.176   -10.988 1.00 61.30 ? 35  ARG A CG  1 
ATOM   294  C CD  . ARG A 1 35  ? 18.860  2.084   -9.931  1.00 64.46 ? 35  ARG A CD  1 
ATOM   295  N NE  . ARG A 1 35  ? 18.821  3.480   -10.383 1.00 68.01 ? 35  ARG A NE  1 
ATOM   296  C CZ  . ARG A 1 35  ? 19.105  4.546   -9.638  1.00 67.77 ? 35  ARG A CZ  1 
ATOM   297  N NH1 . ARG A 1 35  ? 19.026  5.758   -10.174 1.00 67.58 ? 35  ARG A NH1 1 
ATOM   298  N NH2 . ARG A 1 35  ? 19.459  4.405   -8.364  1.00 67.67 ? 35  ARG A NH2 1 
ATOM   299  N N   . ASP A 1 36  ? 18.778  -2.099  -12.940 1.00 64.73 ? 36  ASP A N   1 
ATOM   300  C CA  . ASP A 1 36  ? 19.304  -2.354  -14.286 1.00 67.87 ? 36  ASP A CA  1 
ATOM   301  C C   . ASP A 1 36  ? 18.598  -3.488  -15.038 1.00 69.21 ? 36  ASP A C   1 
ATOM   302  O O   . ASP A 1 36  ? 18.895  -3.735  -16.210 1.00 69.62 ? 36  ASP A O   1 
ATOM   303  C CB  . ASP A 1 36  ? 20.829  -2.596  -14.258 1.00 68.44 ? 36  ASP A CB  1 
ATOM   304  C CG  . ASP A 1 36  ? 21.284  -3.462  -13.074 1.00 70.57 ? 36  ASP A CG  1 
ATOM   305  O OD1 . ASP A 1 36  ? 22.516  -3.529  -12.843 1.00 72.12 ? 36  ASP A OD1 1 
ATOM   306  O OD2 . ASP A 1 36  ? 20.431  -4.071  -12.376 1.00 73.11 ? 36  ASP A OD2 1 
ATOM   307  N N   . GLU A 1 37  ? 17.655  -4.162  -14.380 1.00 70.76 ? 37  GLU A N   1 
ATOM   308  C CA  . GLU A 1 37  ? 17.027  -5.353  -14.972 1.00 72.25 ? 37  GLU A CA  1 
ATOM   309  C C   . GLU A 1 37  ? 15.876  -5.045  -15.923 1.00 73.07 ? 37  GLU A C   1 
ATOM   310  O O   . GLU A 1 37  ? 14.907  -5.802  -16.001 1.00 73.10 ? 37  GLU A O   1 
ATOM   311  C CB  . GLU A 1 37  ? 16.630  -6.387  -13.904 1.00 72.05 ? 37  GLU A CB  1 
ATOM   312  C CG  . GLU A 1 37  ? 17.790  -7.289  -13.486 1.00 72.55 ? 37  GLU A CG  1 
ATOM   313  C CD  . GLU A 1 37  ? 17.453  -8.210  -12.324 1.00 72.84 ? 37  GLU A CD  1 
ATOM   314  O OE1 . GLU A 1 37  ? 16.600  -7.847  -11.493 1.00 71.41 ? 37  GLU A OE1 1 
ATOM   315  O OE2 . GLU A 1 37  ? 18.055  -9.303  -12.234 1.00 73.89 ? 37  GLU A OE2 1 
ATOM   316  N N   . GLY A 1 38  ? 16.007  -3.938  -16.656 1.00 74.26 ? 38  GLY A N   1 
ATOM   317  C CA  . GLY A 1 38  ? 15.114  -3.629  -17.771 1.00 75.72 ? 38  GLY A CA  1 
ATOM   318  C C   . GLY A 1 38  ? 15.200  -4.656  -18.898 1.00 76.79 ? 38  GLY A C   1 
ATOM   319  O O   . GLY A 1 38  ? 14.339  -4.674  -19.788 1.00 77.03 ? 38  GLY A O   1 
ATOM   320  N N   . ASP A 1 39  ? 16.232  -5.510  -18.849 1.00 77.32 ? 39  ASP A N   1 
ATOM   321  C CA  . ASP A 1 39  ? 16.445  -6.593  -19.830 1.00 77.78 ? 39  ASP A CA  1 
ATOM   322  C C   . ASP A 1 39  ? 15.936  -7.976  -19.377 1.00 77.88 ? 39  ASP A C   1 
ATOM   323  O O   . ASP A 1 39  ? 15.062  -8.101  -18.508 1.00 77.75 ? 39  ASP A O   1 
ATOM   324  C CB  . ASP A 1 39  ? 17.934  -6.686  -20.204 1.00 77.92 ? 39  ASP A CB  1 
ATOM   325  C CG  . ASP A 1 39  ? 18.314  -5.752  -21.349 1.00 78.20 ? 39  ASP A CG  1 
ATOM   326  O OD1 . ASP A 1 39  ? 17.659  -5.794  -22.420 1.00 78.36 ? 39  ASP A OD1 1 
ATOM   327  O OD2 . ASP A 1 39  ? 19.291  -4.991  -21.183 1.00 78.78 ? 39  ASP A OD2 1 
ATOM   328  N N   . GLY A 1 62  ? -1.479  -17.809 -20.488 1.00 73.96 ? 62  GLY A N   1 
ATOM   329  C CA  . GLY A 1 62  ? -0.366  -16.971 -20.041 1.00 74.00 ? 62  GLY A CA  1 
ATOM   330  C C   . GLY A 1 62  ? -0.861  -15.709 -19.356 1.00 73.80 ? 62  GLY A C   1 
ATOM   331  O O   . GLY A 1 62  ? -2.031  -15.642 -18.958 1.00 74.20 ? 62  GLY A O   1 
ATOM   332  N N   . LEU A 1 63  ? 0.025   -14.714 -19.213 1.00 73.33 ? 63  LEU A N   1 
ATOM   333  C CA  . LEU A 1 63  ? -0.340  -13.403 -18.638 1.00 72.67 ? 63  LEU A CA  1 
ATOM   334  C C   . LEU A 1 63  ? -1.143  -12.564 -19.633 1.00 72.05 ? 63  LEU A C   1 
ATOM   335  O O   . LEU A 1 63  ? -0.613  -12.128 -20.669 1.00 71.95 ? 63  LEU A O   1 
ATOM   336  C CB  . LEU A 1 63  ? 0.901   -12.630 -18.161 1.00 72.68 ? 63  LEU A CB  1 
ATOM   337  C CG  . LEU A 1 63  ? 1.352   -12.753 -16.700 1.00 72.62 ? 63  LEU A CG  1 
ATOM   338  C CD1 . LEU A 1 63  ? 1.994   -14.110 -16.384 1.00 73.03 ? 63  LEU A CD1 1 
ATOM   339  C CD2 . LEU A 1 63  ? 2.333   -11.643 -16.411 1.00 73.31 ? 63  LEU A CD2 1 
ATOM   340  N N   . GLU A 1 64  ? -2.422  -12.352 -19.311 1.00 71.30 ? 64  GLU A N   1 
ATOM   341  C CA  . GLU A 1 64  ? -3.363  -11.681 -20.223 1.00 70.24 ? 64  GLU A CA  1 
ATOM   342  C C   . GLU A 1 64  ? -2.946  -10.238 -20.538 1.00 68.83 ? 64  GLU A C   1 
ATOM   343  O O   . GLU A 1 64  ? -3.022  -9.796  -21.691 1.00 68.54 ? 64  GLU A O   1 
ATOM   344  C CB  . GLU A 1 64  ? -4.807  -11.719 -19.674 1.00 70.80 ? 64  GLU A CB  1 
ATOM   345  C CG  . GLU A 1 64  ? -5.395  -13.127 -19.400 1.00 72.24 ? 64  GLU A CG  1 
ATOM   346  C CD  . GLU A 1 64  ? -5.473  -14.005 -20.653 1.00 73.91 ? 64  GLU A CD  1 
ATOM   347  O OE1 . GLU A 1 64  ? -5.662  -15.232 -20.514 1.00 74.38 ? 64  GLU A OE1 1 
ATOM   348  O OE2 . GLU A 1 64  ? -5.336  -13.471 -21.778 1.00 75.17 ? 64  GLU A OE2 1 
ATOM   349  N N   . PHE A 1 65  ? -2.498  -9.518  -19.511 1.00 66.98 ? 65  PHE A N   1 
ATOM   350  C CA  . PHE A 1 65  ? -2.160  -8.104  -19.661 1.00 65.38 ? 65  PHE A CA  1 
ATOM   351  C C   . PHE A 1 65  ? -0.772  -7.766  -19.103 1.00 63.74 ? 65  PHE A C   1 
ATOM   352  O O   . PHE A 1 65  ? -0.674  -7.112  -18.065 1.00 63.99 ? 65  PHE A O   1 
ATOM   353  C CB  . PHE A 1 65  ? -3.286  -7.239  -19.056 1.00 65.45 ? 65  PHE A CB  1 
ATOM   354  C CG  . PHE A 1 65  ? -4.567  -7.311  -19.844 1.00 65.65 ? 65  PHE A CG  1 
ATOM   355  C CD1 . PHE A 1 65  ? -4.877  -6.330  -20.795 1.00 65.56 ? 65  PHE A CD1 1 
ATOM   356  C CD2 . PHE A 1 65  ? -5.439  -8.387  -19.680 1.00 65.66 ? 65  PHE A CD2 1 
ATOM   357  C CE1 . PHE A 1 65  ? -6.046  -6.410  -21.554 1.00 65.02 ? 65  PHE A CE1 1 
ATOM   358  C CE2 . PHE A 1 65  ? -6.599  -8.477  -20.438 1.00 66.30 ? 65  PHE A CE2 1 
ATOM   359  C CZ  . PHE A 1 65  ? -6.902  -7.483  -21.383 1.00 65.27 ? 65  PHE A CZ  1 
ATOM   360  N N   . PRO A 1 66  ? 0.306   -8.216  -19.799 1.00 62.29 ? 66  PRO A N   1 
ATOM   361  C CA  . PRO A 1 66  ? 1.713   -8.054  -19.374 1.00 60.43 ? 66  PRO A CA  1 
ATOM   362  C C   . PRO A 1 66  ? 2.003   -6.741  -18.623 1.00 58.52 ? 66  PRO A C   1 
ATOM   363  O O   . PRO A 1 66  ? 1.744   -5.640  -19.146 1.00 58.48 ? 66  PRO A O   1 
ATOM   364  C CB  . PRO A 1 66  ? 2.474   -8.081  -20.709 1.00 61.04 ? 66  PRO A CB  1 
ATOM   365  C CG  . PRO A 1 66  ? 1.691   -9.062  -21.533 1.00 61.53 ? 66  PRO A CG  1 
ATOM   366  C CD  . PRO A 1 66  ? 0.231   -8.836  -21.143 1.00 61.98 ? 66  PRO A CD  1 
ATOM   367  N N   . ASN A 1 67  ? 2.524   -6.877  -17.404 1.00 55.59 ? 67  ASN A N   1 
ATOM   368  C CA  . ASN A 1 67  ? 2.868   -5.739  -16.554 1.00 52.37 ? 67  ASN A CA  1 
ATOM   369  C C   . ASN A 1 67  ? 3.682   -6.222  -15.343 1.00 50.07 ? 67  ASN A C   1 
ATOM   370  O O   . ASN A 1 67  ? 3.891   -7.429  -15.147 1.00 49.27 ? 67  ASN A O   1 
ATOM   371  C CB  . ASN A 1 67  ? 1.580   -5.034  -16.089 1.00 52.39 ? 67  ASN A CB  1 
ATOM   372  C CG  . ASN A 1 67  ? 1.694   -3.479  -16.037 1.00 53.58 ? 67  ASN A CG  1 
ATOM   373  O OD1 . ASN A 1 67  ? 2.786   -2.901  -15.875 1.00 51.80 ? 67  ASN A OD1 1 
ATOM   374  N ND2 . ASN A 1 67  ? 0.530   -2.806  -16.163 1.00 54.41 ? 67  ASN A ND2 1 
ATOM   375  N N   . LEU A 1 68  ? 4.150   -5.267  -14.546 1.00 46.98 ? 68  LEU A N   1 
ATOM   376  C CA  . LEU A 1 68  ? 4.512   -5.525  -13.169 1.00 43.96 ? 68  LEU A CA  1 
ATOM   377  C C   . LEU A 1 68  ? 3.532   -4.678  -12.373 1.00 41.98 ? 68  LEU A C   1 
ATOM   378  O O   . LEU A 1 68  ? 3.218   -3.584  -12.790 1.00 42.41 ? 68  LEU A O   1 
ATOM   379  C CB  . LEU A 1 68  ? 5.969   -5.141  -12.872 1.00 43.34 ? 68  LEU A CB  1 
ATOM   380  C CG  . LEU A 1 68  ? 7.070   -5.994  -13.504 1.00 42.79 ? 68  LEU A CG  1 
ATOM   381  C CD1 . LEU A 1 68  ? 8.429   -5.397  -13.250 1.00 40.24 ? 68  LEU A CD1 1 
ATOM   382  C CD2 . LEU A 1 68  ? 7.038   -7.447  -13.014 1.00 41.56 ? 68  LEU A CD2 1 
ATOM   383  N N   . PRO A 1 69  ? 3.026   -5.187  -11.239 1.00 40.31 ? 69  PRO A N   1 
ATOM   384  C CA  . PRO A 1 69  ? 3.286   -6.521  -10.700 1.00 38.97 ? 69  PRO A CA  1 
ATOM   385  C C   . PRO A 1 69  ? 2.532   -7.638  -11.415 1.00 38.48 ? 69  PRO A C   1 
ATOM   386  O O   . PRO A 1 69  ? 1.482   -7.397  -12.028 1.00 38.48 ? 69  PRO A O   1 
ATOM   387  C CB  . PRO A 1 69  ? 2.742   -6.426  -9.279  1.00 38.65 ? 69  PRO A CB  1 
ATOM   388  C CG  . PRO A 1 69  ? 1.612   -5.420  -9.381  1.00 39.29 ? 69  PRO A CG  1 
ATOM   389  C CD  . PRO A 1 69  ? 2.100   -4.408  -10.386 1.00 40.10 ? 69  PRO A CD  1 
ATOM   390  N N   . TYR A 1 70  ? 3.049   -8.858  -11.288 1.00 37.47 ? 70  TYR A N   1 
ATOM   391  C CA  . TYR A 1 70  ? 2.271   -10.050 -11.610 1.00 36.93 ? 70  TYR A CA  1 
ATOM   392  C C   . TYR A 1 70  ? 2.176   -11.008 -10.426 1.00 37.84 ? 70  TYR A C   1 
ATOM   393  O O   . TYR A 1 70  ? 3.086   -11.099 -9.599  1.00 37.37 ? 70  TYR A O   1 
ATOM   394  C CB  . TYR A 1 70  ? 2.818   -10.751 -12.844 1.00 36.22 ? 70  TYR A CB  1 
ATOM   395  C CG  . TYR A 1 70  ? 4.237   -11.246 -12.741 1.00 35.08 ? 70  TYR A CG  1 
ATOM   396  C CD1 . TYR A 1 70  ? 4.560   -12.403 -11.997 1.00 34.16 ? 70  TYR A CD1 1 
ATOM   397  C CD2 . TYR A 1 70  ? 5.249   -10.604 -13.419 1.00 31.82 ? 70  TYR A CD2 1 
ATOM   398  C CE1 . TYR A 1 70  ? 5.893   -12.865 -11.923 1.00 33.27 ? 70  TYR A CE1 1 
ATOM   399  C CE2 . TYR A 1 70  ? 6.567   -11.052 -13.345 1.00 35.52 ? 70  TYR A CE2 1 
ATOM   400  C CZ  . TYR A 1 70  ? 6.877   -12.182 -12.609 1.00 33.79 ? 70  TYR A CZ  1 
ATOM   401  O OH  . TYR A 1 70  ? 8.180   -12.583 -12.590 1.00 37.09 ? 70  TYR A OH  1 
ATOM   402  N N   . TYR A 1 71  ? 1.039   -11.679 -10.342 1.00 38.71 ? 71  TYR A N   1 
ATOM   403  C CA  . TYR A 1 71  ? 0.796   -12.699 -9.372  1.00 40.48 ? 71  TYR A CA  1 
ATOM   404  C C   . TYR A 1 71  ? 0.374   -13.985 -10.093 1.00 42.70 ? 71  TYR A C   1 
ATOM   405  O O   . TYR A 1 71  ? -0.627  -13.999 -10.836 1.00 42.87 ? 71  TYR A O   1 
ATOM   406  C CB  . TYR A 1 71  ? -0.294  -12.250 -8.435  1.00 40.06 ? 71  TYR A CB  1 
ATOM   407  C CG  . TYR A 1 71  ? -0.487  -13.118 -7.243  1.00 39.79 ? 71  TYR A CG  1 
ATOM   408  C CD1 . TYR A 1 71  ? 0.408   -13.059 -6.173  1.00 39.23 ? 71  TYR A CD1 1 
ATOM   409  C CD2 . TYR A 1 71  ? -1.578  -13.981 -7.159  1.00 39.94 ? 71  TYR A CD2 1 
ATOM   410  C CE1 . TYR A 1 71  ? 0.228   -13.826 -5.056  1.00 39.99 ? 71  TYR A CE1 1 
ATOM   411  C CE2 . TYR A 1 71  ? -1.773  -14.762 -6.038  1.00 42.73 ? 71  TYR A CE2 1 
ATOM   412  C CZ  . TYR A 1 71  ? -0.859  -14.680 -4.987  1.00 43.86 ? 71  TYR A CZ  1 
ATOM   413  O OH  . TYR A 1 71  ? -1.029  -15.443 -3.849  1.00 46.46 ? 71  TYR A OH  1 
ATOM   414  N N   . ILE A 1 72  ? 1.159   -15.039 -9.861  1.00 44.51 ? 72  ILE A N   1 
ATOM   415  C CA  . ILE A 1 72  ? 0.971   -16.369 -10.450 1.00 46.86 ? 72  ILE A CA  1 
ATOM   416  C C   . ILE A 1 72  ? 0.779   -17.354 -9.317  1.00 48.36 ? 72  ILE A C   1 
ATOM   417  O O   . ILE A 1 72  ? 1.685   -17.534 -8.510  1.00 47.92 ? 72  ILE A O   1 
ATOM   418  C CB  . ILE A 1 72  ? 2.225   -16.826 -11.227 1.00 46.42 ? 72  ILE A CB  1 
ATOM   419  C CG1 . ILE A 1 72  ? 2.583   -15.805 -12.311 1.00 47.10 ? 72  ILE A CG1 1 
ATOM   420  C CG2 . ILE A 1 72  ? 2.023   -18.264 -11.763 1.00 47.24 ? 72  ILE A CG2 1 
ATOM   421  C CD1 . ILE A 1 72  ? 3.785   -16.171 -13.195 1.00 48.17 ? 72  ILE A CD1 1 
ATOM   422  N N   . ASP A 1 73  ? -0.405  -17.960 -9.240  1.00 51.20 ? 73  ASP A N   1 
ATOM   423  C CA  . ASP A 1 73  ? -0.649  -19.073 -8.319  1.00 54.23 ? 73  ASP A CA  1 
ATOM   424  C C   . ASP A 1 73  ? -1.579  -20.135 -8.909  1.00 55.95 ? 73  ASP A C   1 
ATOM   425  O O   . ASP A 1 73  ? -2.671  -19.814 -9.400  1.00 56.23 ? 73  ASP A O   1 
ATOM   426  C CB  . ASP A 1 73  ? -1.115  -18.579 -6.935  1.00 54.96 ? 73  ASP A CB  1 
ATOM   427  C CG  . ASP A 1 73  ? -2.630  -18.630 -6.729  1.00 56.68 ? 73  ASP A CG  1 
ATOM   428  O OD1 . ASP A 1 73  ? -3.405  -18.474 -7.691  1.00 59.77 ? 73  ASP A OD1 1 
ATOM   429  O OD2 . ASP A 1 73  ? -3.053  -18.790 -5.564  1.00 58.72 ? 73  ASP A OD2 1 
ATOM   430  N N   . GLY A 1 74  ? -1.133  -21.393 -8.872  1.00 57.65 ? 74  GLY A N   1 
ATOM   431  C CA  . GLY A 1 74  ? -1.974  -22.533 -9.271  1.00 59.93 ? 74  GLY A CA  1 
ATOM   432  C C   . GLY A 1 74  ? -2.742  -22.255 -10.554 1.00 61.20 ? 74  GLY A C   1 
ATOM   433  O O   . GLY A 1 74  ? -3.949  -22.526 -10.641 1.00 61.30 ? 74  GLY A O   1 
ATOM   434  N N   . ASP A 1 75  ? -2.029  -21.669 -11.525 1.00 62.29 ? 75  ASP A N   1 
ATOM   435  C CA  . ASP A 1 75  ? -2.562  -21.322 -12.854 1.00 62.85 ? 75  ASP A CA  1 
ATOM   436  C C   . ASP A 1 75  ? -3.608  -20.170 -12.905 1.00 62.24 ? 75  ASP A C   1 
ATOM   437  O O   . ASP A 1 75  ? -4.410  -20.063 -13.846 1.00 62.63 ? 75  ASP A O   1 
ATOM   438  C CB  . ASP A 1 75  ? -3.052  -22.577 -13.600 1.00 63.66 ? 75  ASP A CB  1 
ATOM   439  C CG  . ASP A 1 75  ? -1.960  -23.213 -14.490 1.00 66.38 ? 75  ASP A CG  1 
ATOM   440  O OD1 . ASP A 1 75  ? -2.276  -24.219 -15.167 1.00 69.08 ? 75  ASP A OD1 1 
ATOM   441  O OD2 . ASP A 1 75  ? -0.801  -22.713 -14.526 1.00 68.65 ? 75  ASP A OD2 1 
ATOM   442  N N   . VAL A 1 76  ? -3.598  -19.315 -11.884 1.00 61.14 ? 76  VAL A N   1 
ATOM   443  C CA  . VAL A 1 76  ? -4.200  -17.975 -11.982 1.00 59.12 ? 76  VAL A CA  1 
ATOM   444  C C   . VAL A 1 76  ? -3.049  -17.041 -12.309 1.00 57.41 ? 76  VAL A C   1 
ATOM   445  O O   . VAL A 1 76  ? -2.117  -16.929 -11.522 1.00 57.96 ? 76  VAL A O   1 
ATOM   446  C CB  . VAL A 1 76  ? -4.841  -17.527 -10.660 1.00 59.29 ? 76  VAL A CB  1 
ATOM   447  C CG1 . VAL A 1 76  ? -5.676  -16.270 -10.869 1.00 58.84 ? 76  VAL A CG1 1 
ATOM   448  C CG2 . VAL A 1 76  ? -5.703  -18.642 -10.067 1.00 60.41 ? 76  VAL A CG2 1 
ATOM   449  N N   . LYS A 1 77  ? -3.078  -16.412 -13.478 1.00 55.24 ? 77  LYS A N   1 
ATOM   450  C CA  . LYS A 1 77  ? -2.010  -15.492 -13.873 1.00 53.09 ? 77  LYS A CA  1 
ATOM   451  C C   . LYS A 1 77  ? -2.551  -14.052 -13.914 1.00 50.83 ? 77  LYS A C   1 
ATOM   452  O O   . LYS A 1 77  ? -3.286  -13.690 -14.839 1.00 50.32 ? 77  LYS A O   1 
ATOM   453  C CB  . LYS A 1 77  ? -1.403  -15.874 -15.232 1.00 53.37 ? 77  LYS A CB  1 
ATOM   454  C CG  . LYS A 1 77  ? -1.264  -17.376 -15.538 1.00 55.73 ? 77  LYS A CG  1 
ATOM   455  C CD  . LYS A 1 77  ? -0.160  -18.032 -14.726 1.00 57.51 ? 77  LYS A CD  1 
ATOM   456  C CE  . LYS A 1 77  ? -0.012  -19.517 -15.077 1.00 58.80 ? 77  LYS A CE  1 
ATOM   457  N NZ  . LYS A 1 77  ? 0.924   -19.751 -16.218 1.00 56.86 ? 77  LYS A NZ  1 
ATOM   458  N N   . LEU A 1 78  ? -2.191  -13.248 -12.909 1.00 47.51 ? 78  LEU A N   1 
ATOM   459  C CA  . LEU A 1 78  ? -2.754  -11.905 -12.755 1.00 44.31 ? 78  LEU A CA  1 
ATOM   460  C C   . LEU A 1 78  ? -1.739  -10.760 -12.919 1.00 42.36 ? 78  LEU A C   1 
ATOM   461  O O   . LEU A 1 78  ? -0.579  -10.872 -12.511 1.00 40.76 ? 78  LEU A O   1 
ATOM   462  C CB  . LEU A 1 78  ? -3.496  -11.753 -11.420 1.00 44.51 ? 78  LEU A CB  1 
ATOM   463  C CG  . LEU A 1 78  ? -4.728  -12.603 -11.082 1.00 45.55 ? 78  LEU A CG  1 
ATOM   464  C CD1 . LEU A 1 78  ? -5.223  -12.292 -9.693  1.00 43.72 ? 78  LEU A CD1 1 
ATOM   465  C CD2 . LEU A 1 78  ? -5.871  -12.402 -12.069 1.00 46.71 ? 78  LEU A CD2 1 
ATOM   466  N N   . THR A 1 79  ? -2.203  -9.674  -13.538 1.00 40.05 ? 79  THR A N   1 
ATOM   467  C CA  . THR A 1 79  ? -1.517  -8.379  -13.529 1.00 38.65 ? 79  THR A CA  1 
ATOM   468  C C   . THR A 1 79  ? -2.496  -7.376  -12.895 1.00 37.82 ? 79  THR A C   1 
ATOM   469  O O   . THR A 1 79  ? -3.609  -7.780  -12.479 1.00 37.21 ? 79  THR A O   1 
ATOM   470  C CB  . THR A 1 79  ? -1.113  -7.916  -14.937 1.00 38.66 ? 79  THR A CB  1 
ATOM   471  O OG1 . THR A 1 79  ? -2.263  -7.921  -15.793 1.00 38.16 ? 79  THR A OG1 1 
ATOM   472  C CG2 . THR A 1 79  ? -0.035  -8.819  -15.512 1.00 38.65 ? 79  THR A CG2 1 
ATOM   473  N N   . GLN A 1 80  ? -2.084  -6.100  -12.816 1.00 35.57 ? 80  GLN A N   1 
ATOM   474  C CA  . GLN A 1 80  ? -2.858  -5.037  -12.172 1.00 33.71 ? 80  GLN A CA  1 
ATOM   475  C C   . GLN A 1 80  ? -2.813  -5.209  -10.653 1.00 33.09 ? 80  GLN A C   1 
ATOM   476  O O   . GLN A 1 80  ? -3.370  -6.178  -10.105 1.00 32.23 ? 80  GLN A O   1 
ATOM   477  C CB  . GLN A 1 80  ? -4.317  -4.972  -12.696 1.00 33.35 ? 80  GLN A CB  1 
ATOM   478  C CG  . GLN A 1 80  ? -4.484  -4.427  -14.135 1.00 33.30 ? 80  GLN A CG  1 
ATOM   479  C CD  . GLN A 1 80  ? -3.934  -2.976  -14.297 1.00 35.64 ? 80  GLN A CD  1 
ATOM   480  O OE1 . GLN A 1 80  ? -4.009  -2.144  -13.381 1.00 37.18 ? 80  GLN A OE1 1 
ATOM   481  N NE2 . GLN A 1 80  ? -3.363  -2.695  -15.451 1.00 35.89 ? 80  GLN A NE2 1 
ATOM   482  N N   . SER A 1 81  ? -2.160  -4.267  -9.971  1.00 31.10 ? 81  SER A N   1 
ATOM   483  C CA  . SER A 1 81  ? -1.945  -4.373  -8.529  1.00 31.57 ? 81  SER A CA  1 
ATOM   484  C C   . SER A 1 81  ? -3.220  -4.565  -7.729  1.00 30.73 ? 81  SER A C   1 
ATOM   485  O O   . SER A 1 81  ? -3.241  -5.421  -6.855  1.00 30.23 ? 81  SER A O   1 
ATOM   486  C CB  . SER A 1 81  ? -1.147  -3.183  -7.952  1.00 31.51 ? 81  SER A CB  1 
ATOM   487  O OG  . SER A 1 81  ? -1.969  -2.033  -8.015  1.00 36.29 ? 81  SER A OG  1 
ATOM   488  N N   . MET A 1 82  ? -4.266  -3.791  -8.034  1.00 29.53 ? 82  MET A N   1 
ATOM   489  C CA  . MET A 1 82  ? -5.545  -3.910  -7.347  1.00 28.88 ? 82  MET A CA  1 
ATOM   490  C C   . MET A 1 82  ? -6.242  -5.237  -7.570  1.00 29.05 ? 82  MET A C   1 
ATOM   491  O O   . MET A 1 82  ? -6.854  -5.776  -6.658  1.00 28.52 ? 82  MET A O   1 
ATOM   492  C CB  . MET A 1 82  ? -6.505  -2.764  -7.729  1.00 29.26 ? 82  MET A CB  1 
ATOM   493  C CG  . MET A 1 82  ? -6.133  -1.400  -7.038  1.00 31.71 ? 82  MET A CG  1 
ATOM   494  S SD  . MET A 1 82  ? -5.563  -1.615  -5.315  1.00 34.45 ? 82  MET A SD  1 
ATOM   495  C CE  . MET A 1 82  ? -7.081  -2.127  -4.624  1.00 30.69 ? 82  MET A CE  1 
ATOM   496  N N   . ALA A 1 83  ? -6.180  -5.743  -8.786  1.00 28.27 ? 83  ALA A N   1 
ATOM   497  C CA  . ALA A 1 83  ? -6.722  -7.064  -9.053  1.00 29.27 ? 83  ALA A CA  1 
ATOM   498  C C   . ALA A 1 83  ? -6.015  -8.117  -8.196  1.00 29.03 ? 83  ALA A C   1 
ATOM   499  O O   . ALA A 1 83  ? -6.640  -9.044  -7.716  1.00 29.06 ? 83  ALA A O   1 
ATOM   500  C CB  . ALA A 1 83  ? -6.523  -7.393  -10.503 1.00 29.16 ? 83  ALA A CB  1 
ATOM   501  N N   . ILE A 1 84  ? -4.705  -7.966  -8.012  1.00 29.19 ? 84  ILE A N   1 
ATOM   502  C CA  . ILE A 1 84  ? -3.934  -8.947  -7.264  1.00 29.40 ? 84  ILE A CA  1 
ATOM   503  C C   . ILE A 1 84  ? -4.280  -8.889  -5.769  1.00 30.63 ? 84  ILE A C   1 
ATOM   504  O O   . ILE A 1 84  ? -4.513  -9.940  -5.142  1.00 30.07 ? 84  ILE A O   1 
ATOM   505  C CB  . ILE A 1 84  ? -2.441  -8.741  -7.485  1.00 29.90 ? 84  ILE A CB  1 
ATOM   506  C CG1 . ILE A 1 84  ? -2.055  -9.196  -8.892  1.00 29.81 ? 84  ILE A CG1 1 
ATOM   507  C CG2 . ILE A 1 84  ? -1.600  -9.438  -6.366  1.00 30.34 ? 84  ILE A CG2 1 
ATOM   508  C CD1 . ILE A 1 84  ? -0.701  -8.658  -9.342  1.00 32.91 ? 84  ILE A CD1 1 
ATOM   509  N N   . ILE A 1 85  ? -4.344  -7.678  -5.197  1.00 29.54 ? 85  ILE A N   1 
ATOM   510  C CA  . ILE A 1 85  ? -4.599  -7.585  -3.781  1.00 30.76 ? 85  ILE A CA  1 
ATOM   511  C C   . ILE A 1 85  ? -6.013  -8.040  -3.479  1.00 31.57 ? 85  ILE A C   1 
ATOM   512  O O   . ILE A 1 85  ? -6.253  -8.721  -2.473  1.00 30.93 ? 85  ILE A O   1 
ATOM   513  C CB  . ILE A 1 85  ? -4.290  -6.195  -3.154  1.00 30.13 ? 85  ILE A CB  1 
ATOM   514  C CG1 . ILE A 1 85  ? -4.252  -6.304  -1.631  1.00 29.82 ? 85  ILE A CG1 1 
ATOM   515  C CG2 . ILE A 1 85  ? -5.297  -5.098  -3.594  1.00 30.09 ? 85  ILE A CG2 1 
ATOM   516  C CD1 . ILE A 1 85  ? -3.739  -5.018  -0.904  1.00 28.63 ? 85  ILE A CD1 1 
ATOM   517  N N   . ARG A 1 86  ? -6.943  -7.648  -4.341  1.00 32.07 ? 86  ARG A N   1 
ATOM   518  C CA  . ARG A 1 86  ? -8.332  -8.047  -4.163  1.00 32.76 ? 86  ARG A CA  1 
ATOM   519  C C   . ARG A 1 86  ? -8.500  -9.565  -4.303  1.00 32.95 ? 86  ARG A C   1 
ATOM   520  O O   . ARG A 1 86  ? -9.270  -10.168 -3.570  1.00 32.50 ? 86  ARG A O   1 
ATOM   521  C CB  . ARG A 1 86  ? -9.247  -7.297  -5.135  1.00 32.56 ? 86  ARG A CB  1 
ATOM   522  C CG  . ARG A 1 86  ? -9.476  -5.858  -4.712  1.00 33.71 ? 86  ARG A CG  1 
ATOM   523  C CD  . ARG A 1 86  ? -10.436 -5.146  -5.679  1.00 36.98 ? 86  ARG A CD  1 
ATOM   524  N NE  . ARG A 1 86  ? -11.788 -5.684  -5.544  1.00 41.61 ? 86  ARG A NE  1 
ATOM   525  C CZ  . ARG A 1 86  ? -12.653 -5.381  -4.570  1.00 42.79 ? 86  ARG A CZ  1 
ATOM   526  N NH1 . ARG A 1 86  ? -13.852 -5.946  -4.575  1.00 46.74 ? 86  ARG A NH1 1 
ATOM   527  N NH2 . ARG A 1 86  ? -12.346 -4.525  -3.593  1.00 42.44 ? 86  ARG A NH2 1 
ATOM   528  N N   . TYR A 1 87  ? -7.771  -10.166 -5.234  1.00 33.96 ? 87  TYR A N   1 
ATOM   529  C CA  . TYR A 1 87  ? -7.779  -11.594 -5.376  1.00 36.05 ? 87  TYR A CA  1 
ATOM   530  C C   . TYR A 1 87  ? -7.332  -12.294 -4.048  1.00 36.42 ? 87  TYR A C   1 
ATOM   531  O O   . TYR A 1 87  ? -8.089  -13.098 -3.457  1.00 36.29 ? 87  TYR A O   1 
ATOM   532  C CB  . TYR A 1 87  ? -6.936  -12.025 -6.589  1.00 35.96 ? 87  TYR A CB  1 
ATOM   533  C CG  . TYR A 1 87  ? -6.838  -13.523 -6.704  1.00 39.47 ? 87  TYR A CG  1 
ATOM   534  C CD1 . TYR A 1 87  ? -7.909  -14.278 -7.211  1.00 42.47 ? 87  TYR A CD1 1 
ATOM   535  C CD2 . TYR A 1 87  ? -5.707  -14.203 -6.255  1.00 43.78 ? 87  TYR A CD2 1 
ATOM   536  C CE1 . TYR A 1 87  ? -7.842  -15.669 -7.301  1.00 42.49 ? 87  TYR A CE1 1 
ATOM   537  C CE2 . TYR A 1 87  ? -5.631  -15.606 -6.322  1.00 45.43 ? 87  TYR A CE2 1 
ATOM   538  C CZ  . TYR A 1 87  ? -6.711  -16.327 -6.845  1.00 44.51 ? 87  TYR A CZ  1 
ATOM   539  O OH  . TYR A 1 87  ? -6.642  -17.698 -6.928  1.00 44.85 ? 87  TYR A OH  1 
ATOM   540  N N   . ILE A 1 88  ? -6.138  -11.949 -3.562  1.00 36.73 ? 88  ILE A N   1 
ATOM   541  C CA  . ILE A 1 88  ? -5.668  -12.406 -2.232  1.00 37.49 ? 88  ILE A CA  1 
ATOM   542  C C   . ILE A 1 88  ? -6.725  -12.237 -1.146  1.00 38.18 ? 88  ILE A C   1 
ATOM   543  O O   . ILE A 1 88  ? -6.990  -13.173 -0.387  1.00 38.33 ? 88  ILE A O   1 
ATOM   544  C CB  . ILE A 1 88  ? -4.364  -11.681 -1.771  1.00 37.87 ? 88  ILE A CB  1 
ATOM   545  C CG1 . ILE A 1 88  ? -3.304  -11.672 -2.866  1.00 37.87 ? 88  ILE A CG1 1 
ATOM   546  C CG2 . ILE A 1 88  ? -3.778  -12.303 -0.480  1.00 37.94 ? 88  ILE A CG2 1 
ATOM   547  C CD1 . ILE A 1 88  ? -2.997  -12.985 -3.334  1.00 41.82 ? 88  ILE A CD1 1 
ATOM   548  N N   . ALA A 1 89  ? -7.324  -11.047 -1.052  1.00 39.11 ? 89  ALA A N   1 
ATOM   549  C CA  . ALA A 1 89  ? -8.372  -10.783 -0.054  1.00 39.94 ? 89  ALA A CA  1 
ATOM   550  C C   . ALA A 1 89  ? -9.559  -11.752 -0.236  1.00 41.34 ? 89  ALA A C   1 
ATOM   551  O O   . ALA A 1 89  ? -10.019 -12.400 0.724   1.00 41.01 ? 89  ALA A O   1 
ATOM   552  C CB  . ALA A 1 89  ? -8.847  -9.382  -0.166  1.00 39.87 ? 89  ALA A CB  1 
ATOM   553  N N   . ASP A 1 90  ? -10.021 -11.829 -1.484  1.00 42.06 ? 90  ASP A N   1 
ATOM   554  C CA  . ASP A 1 90  ? -11.160 -12.631 -1.890  1.00 43.05 ? 90  ASP A CA  1 
ATOM   555  C C   . ASP A 1 90  ? -10.987 -14.083 -1.487  1.00 44.10 ? 90  ASP A C   1 
ATOM   556  O O   . ASP A 1 90  ? -11.885 -14.669 -0.904  1.00 44.37 ? 90  ASP A O   1 
ATOM   557  C CB  . ASP A 1 90  ? -11.297 -12.582 -3.398  1.00 42.03 ? 90  ASP A CB  1 
ATOM   558  C CG  . ASP A 1 90  ? -12.722 -12.757 -3.864  1.00 43.90 ? 90  ASP A CG  1 
ATOM   559  O OD1 . ASP A 1 90  ? -13.648 -12.857 -3.019  1.00 42.91 ? 90  ASP A OD1 1 
ATOM   560  O OD2 . ASP A 1 90  ? -12.906 -12.768 -5.099  1.00 43.63 ? 90  ASP A OD2 1 
ATOM   561  N N   . LYS A 1 91  ? -9.826  -14.653 -1.820  1.00 45.24 ? 91  LYS A N   1 
ATOM   562  C CA  . LYS A 1 91  ? -9.516  -16.051 -1.548  1.00 45.55 ? 91  LYS A CA  1 
ATOM   563  C C   . LYS A 1 91  ? -9.645  -16.388 -0.079  1.00 45.84 ? 91  LYS A C   1 
ATOM   564  O O   . LYS A 1 91  ? -9.953  -17.546 0.268   1.00 46.00 ? 91  LYS A O   1 
ATOM   565  C CB  . LYS A 1 91  ? -8.113  -16.407 -2.015  1.00 45.94 ? 91  LYS A CB  1 
ATOM   566  C CG  . LYS A 1 91  ? -7.998  -16.634 -3.501  1.00 47.43 ? 91  LYS A CG  1 
ATOM   567  C CD  . LYS A 1 91  ? -8.994  -17.668 -4.020  1.00 49.91 ? 91  LYS A CD  1 
ATOM   568  C CE  . LYS A 1 91  ? -8.517  -19.128 -3.871  1.00 52.40 ? 91  LYS A CE  1 
ATOM   569  N NZ  . LYS A 1 91  ? -9.572  -20.052 -4.395  1.00 52.40 ? 91  LYS A NZ  1 
ATOM   570  N N   . HIS A 1 92  ? -9.442  -15.373 0.762   1.00 45.01 ? 92  HIS A N   1 
ATOM   571  C CA  . HIS A 1 92  ? -9.530  -15.496 2.201   1.00 45.06 ? 92  HIS A CA  1 
ATOM   572  C C   . HIS A 1 92  ? -10.785 -14.854 2.750   1.00 45.13 ? 92  HIS A C   1 
ATOM   573  O O   . HIS A 1 92  ? -10.823 -14.500 3.931   1.00 44.29 ? 92  HIS A O   1 
ATOM   574  C CB  . HIS A 1 92  ? -8.305  -14.864 2.862   1.00 44.80 ? 92  HIS A CB  1 
ATOM   575  C CG  . HIS A 1 92  ? -7.045  -15.613 2.594   1.00 45.58 ? 92  HIS A CG  1 
ATOM   576  N ND1 . HIS A 1 92  ? -6.425  -15.610 1.362   1.00 45.22 ? 92  HIS A ND1 1 
ATOM   577  C CD2 . HIS A 1 92  ? -6.302  -16.418 3.391   1.00 45.78 ? 92  HIS A CD2 1 
ATOM   578  C CE1 . HIS A 1 92  ? -5.351  -16.376 1.410   1.00 44.39 ? 92  HIS A CE1 1 
ATOM   579  N NE2 . HIS A 1 92  ? -5.248  -16.867 2.633   1.00 46.10 ? 92  HIS A NE2 1 
ATOM   580  N N   . ASN A 1 93  ? -11.793 -14.693 1.888   1.00 45.87 ? 93  ASN A N   1 
ATOM   581  C CA  . ASN A 1 93  ? -13.103 -14.122 2.277   1.00 47.03 ? 93  ASN A CA  1 
ATOM   582  C C   . ASN A 1 93  ? -13.032 -12.802 3.040   1.00 46.18 ? 93  ASN A C   1 
ATOM   583  O O   . ASN A 1 93  ? -13.758 -12.606 4.019   1.00 46.45 ? 93  ASN A O   1 
ATOM   584  C CB  . ASN A 1 93  ? -13.969 -15.169 3.036   1.00 48.01 ? 93  ASN A CB  1 
ATOM   585  C CG  . ASN A 1 93  ? -14.098 -16.478 2.261   1.00 51.82 ? 93  ASN A CG  1 
ATOM   586  O OD1 . ASN A 1 93  ? -14.843 -16.557 1.286   1.00 55.53 ? 93  ASN A OD1 1 
ATOM   587  N ND2 . ASN A 1 93  ? -13.346 -17.501 2.673   1.00 55.38 ? 93  ASN A ND2 1 
ATOM   588  N N   . MET A 1 94  ? -12.190 -11.880 2.573   1.00 45.43 ? 94  MET A N   1 
ATOM   589  C CA  . MET A 1 94  ? -12.081 -10.567 3.213   1.00 45.15 ? 94  MET A CA  1 
ATOM   590  C C   . MET A 1 94  ? -12.750 -9.400  2.453   1.00 44.76 ? 94  MET A C   1 
ATOM   591  O O   . MET A 1 94  ? -12.783 -8.281  2.958   1.00 44.61 ? 94  MET A O   1 
ATOM   592  C CB  . MET A 1 94  ? -10.607 -10.235 3.479   1.00 45.32 ? 94  MET A CB  1 
ATOM   593  C CG  . MET A 1 94  ? -9.895  -11.269 4.333   1.00 44.76 ? 94  MET A CG  1 
ATOM   594  S SD  . MET A 1 94  ? -8.149  -10.898 4.497   1.00 45.81 ? 94  MET A SD  1 
ATOM   595  C CE  . MET A 1 94  ? -8.197  -9.508  5.606   1.00 43.19 ? 94  MET A CE  1 
ATOM   596  N N   . LEU A 1 95  ? -13.276 -9.649  1.255   1.00 44.89 ? 95  LEU A N   1 
ATOM   597  C CA  . LEU A 1 95  ? -13.815 -8.544  0.413   1.00 44.40 ? 95  LEU A CA  1 
ATOM   598  C C   . LEU A 1 95  ? -15.170 -7.976  0.818   1.00 45.19 ? 95  LEU A C   1 
ATOM   599  O O   . LEU A 1 95  ? -15.545 -6.885  0.365   1.00 45.21 ? 95  LEU A O   1 
ATOM   600  C CB  . LEU A 1 95  ? -13.844 -8.930  -1.053  1.00 43.99 ? 95  LEU A CB  1 
ATOM   601  C CG  . LEU A 1 95  ? -12.519 -8.976  -1.791  1.00 41.76 ? 95  LEU A CG  1 
ATOM   602  C CD1 . LEU A 1 95  ? -12.797 -9.333  -3.229  1.00 41.09 ? 95  LEU A CD1 1 
ATOM   603  C CD2 . LEU A 1 95  ? -11.792 -7.643  -1.683  1.00 37.37 ? 95  LEU A CD2 1 
ATOM   604  N N   . GLY A 1 96  ? -15.891 -8.692  1.685   1.00 45.96 ? 96  GLY A N   1 
ATOM   605  C CA  . GLY A 1 96  ? -17.213 -8.261  2.136   1.00 46.35 ? 96  GLY A CA  1 
ATOM   606  C C   . GLY A 1 96  ? -18.266 -9.329  1.901   1.00 46.93 ? 96  GLY A C   1 
ATOM   607  O O   . GLY A 1 96  ? -18.213 -10.067 0.898   1.00 46.47 ? 96  GLY A O   1 
ATOM   608  N N   . GLY A 1 97  ? -19.219 -9.401  2.839   1.00 47.51 ? 97  GLY A N   1 
ATOM   609  C CA  . GLY A 1 97  ? -20.265 -10.426 2.863   1.00 48.14 ? 97  GLY A CA  1 
ATOM   610  C C   . GLY A 1 97  ? -21.411 -10.198 1.891   1.00 48.77 ? 97  GLY A C   1 
ATOM   611  O O   . GLY A 1 97  ? -21.907 -11.148 1.274   1.00 49.04 ? 97  GLY A O   1 
ATOM   612  N N   . CYS A 1 98  ? -21.817 -8.939  1.746   1.00 48.70 ? 98  CYS A N   1 
ATOM   613  C CA  . CYS A 1 98  ? -22.910 -8.556  0.861   1.00 48.94 ? 98  CYS A CA  1 
ATOM   614  C C   . CYS A 1 98  ? -22.489 -7.425  -0.087  1.00 48.67 ? 98  CYS A C   1 
ATOM   615  O O   . CYS A 1 98  ? -21.507 -6.722  0.187   1.00 48.30 ? 98  CYS A O   1 
ATOM   616  C CB  . CYS A 1 98  ? -24.084 -8.086  1.702   1.00 48.52 ? 98  CYS A CB  1 
ATOM   617  S SG  . CYS A 1 98  ? -23.610 -6.743  2.777   1.00 51.48 ? 98  CYS A SG  1 
ATOM   618  N N   . PRO A 1 99  ? -23.241 -7.216  -1.194  1.00 48.67 ? 99  PRO A N   1 
ATOM   619  C CA  . PRO A 1 99  ? -22.866 -6.113  -2.108  1.00 48.31 ? 99  PRO A CA  1 
ATOM   620  C C   . PRO A 1 99  ? -22.550 -4.788  -1.395  1.00 48.10 ? 99  PRO A C   1 
ATOM   621  O O   . PRO A 1 99  ? -21.587 -4.105  -1.774  1.00 47.82 ? 99  PRO A O   1 
ATOM   622  C CB  . PRO A 1 99  ? -24.083 -5.992  -3.014  1.00 48.03 ? 99  PRO A CB  1 
ATOM   623  C CG  . PRO A 1 99  ? -24.550 -7.429  -3.131  1.00 48.68 ? 99  PRO A CG  1 
ATOM   624  C CD  . PRO A 1 99  ? -24.389 -7.985  -1.723  1.00 48.42 ? 99  PRO A CD  1 
ATOM   625  N N   . LYS A 1 100 ? -23.310 -4.463  -0.349  1.00 47.46 ? 100 LYS A N   1 
ATOM   626  C CA  . LYS A 1 100 ? -23.084 -3.236  0.430   1.00 47.58 ? 100 LYS A CA  1 
ATOM   627  C C   . LYS A 1 100 ? -21.735 -3.181  1.193   1.00 46.97 ? 100 LYS A C   1 
ATOM   628  O O   . LYS A 1 100 ? -21.092 -2.113  1.301   1.00 45.81 ? 100 LYS A O   1 
ATOM   629  C CB  . LYS A 1 100 ? -24.227 -3.003  1.422   1.00 47.90 ? 100 LYS A CB  1 
ATOM   630  C CG  . LYS A 1 100 ? -24.031 -1.732  2.225   1.00 50.45 ? 100 LYS A CG  1 
ATOM   631  C CD  . LYS A 1 100 ? -24.967 -1.581  3.422   1.00 54.77 ? 100 LYS A CD  1 
ATOM   632  C CE  . LYS A 1 100 ? -24.832 -0.138  3.966   1.00 55.87 ? 100 LYS A CE  1 
ATOM   633  N NZ  . LYS A 1 100 ? -25.414 0.065   5.321   1.00 58.02 ? 100 LYS A NZ  1 
ATOM   634  N N   . GLU A 1 101 ? -21.346 -4.320  1.762   1.00 45.99 ? 101 GLU A N   1 
ATOM   635  C CA  . GLU A 1 101 ? -20.114 -4.386  2.539   1.00 45.67 ? 101 GLU A CA  1 
ATOM   636  C C   . GLU A 1 101 ? -18.902 -4.310  1.593   1.00 44.13 ? 101 GLU A C   1 
ATOM   637  O O   . GLU A 1 101 ? -17.910 -3.645  1.881   1.00 43.46 ? 101 GLU A O   1 
ATOM   638  C CB  . GLU A 1 101 ? -20.070 -5.653  3.403   1.00 45.87 ? 101 GLU A CB  1 
ATOM   639  C CG  . GLU A 1 101 ? -19.461 -5.401  4.786   1.00 49.14 ? 101 GLU A CG  1 
ATOM   640  C CD  . GLU A 1 101 ? -18.735 -6.616  5.373   1.00 52.33 ? 101 GLU A CD  1 
ATOM   641  O OE1 . GLU A 1 101 ? -19.091 -7.788  5.057   1.00 51.13 ? 101 GLU A OE1 1 
ATOM   642  O OE2 . GLU A 1 101 ? -17.798 -6.375  6.168   1.00 53.79 ? 101 GLU A OE2 1 
ATOM   643  N N   . ARG A 1 102 ? -19.028 -4.980  0.456   1.00 43.04 ? 102 ARG A N   1 
ATOM   644  C CA  . ARG A 1 102 ? -18.025 -4.983  -0.592  1.00 42.30 ? 102 ARG A CA  1 
ATOM   645  C C   . ARG A 1 102 ? -17.757 -3.574  -1.174  1.00 42.01 ? 102 ARG A C   1 
ATOM   646  O O   . ARG A 1 102 ? -16.612 -3.210  -1.433  1.00 41.57 ? 102 ARG A O   1 
ATOM   647  C CB  . ARG A 1 102 ? -18.435 -5.966  -1.674  1.00 42.52 ? 102 ARG A CB  1 
ATOM   648  C CG  . ARG A 1 102 ? -18.398 -7.429  -1.197  1.00 43.45 ? 102 ARG A CG  1 
ATOM   649  C CD  . ARG A 1 102 ? -18.442 -8.439  -2.336  1.00 42.94 ? 102 ARG A CD  1 
ATOM   650  N NE  . ARG A 1 102 ? -19.798 -8.641  -2.848  1.00 45.43 ? 102 ARG A NE  1 
ATOM   651  C CZ  . ARG A 1 102 ? -20.633 -9.619  -2.473  1.00 48.15 ? 102 ARG A CZ  1 
ATOM   652  N NH1 . ARG A 1 102 ? -21.840 -9.689  -3.021  1.00 49.23 ? 102 ARG A NH1 1 
ATOM   653  N NH2 . ARG A 1 102 ? -20.276 -10.533 -1.564  1.00 45.49 ? 102 ARG A NH2 1 
ATOM   654  N N   . ALA A 1 103 ? -18.821 -2.798  -1.346  1.00 41.31 ? 103 ALA A N   1 
ATOM   655  C CA  . ALA A 1 103 ? -18.748 -1.431  -1.825  1.00 40.96 ? 103 ALA A CA  1 
ATOM   656  C C   . ALA A 1 103 ? -18.070 -0.517  -0.813  1.00 40.94 ? 103 ALA A C   1 
ATOM   657  O O   . ALA A 1 103 ? -17.320 0.393   -1.189  1.00 41.16 ? 103 ALA A O   1 
ATOM   658  C CB  . ALA A 1 103 ? -20.140 -0.915  -2.147  1.00 40.45 ? 103 ALA A CB  1 
ATOM   659  N N   . GLU A 1 104 ? -18.331 -0.756  0.467   1.00 40.12 ? 104 GLU A N   1 
ATOM   660  C CA  . GLU A 1 104 ? -17.668 -0.027  1.547   1.00 39.66 ? 104 GLU A CA  1 
ATOM   661  C C   . GLU A 1 104 ? -16.147 -0.236  1.520   1.00 38.24 ? 104 GLU A C   1 
ATOM   662  O O   . GLU A 1 104 ? -15.376 0.708   1.755   1.00 38.02 ? 104 GLU A O   1 
ATOM   663  C CB  . GLU A 1 104 ? -18.249 -0.475  2.892   1.00 40.90 ? 104 GLU A CB  1 
ATOM   664  C CG  . GLU A 1 104 ? -18.047 0.504   4.020   1.00 45.32 ? 104 GLU A CG  1 
ATOM   665  C CD  . GLU A 1 104 ? -19.108 1.601   4.041   1.00 52.84 ? 104 GLU A CD  1 
ATOM   666  O OE1 . GLU A 1 104 ? -20.214 1.388   3.488   1.00 57.12 ? 104 GLU A OE1 1 
ATOM   667  O OE2 . GLU A 1 104 ? -18.842 2.675   4.627   1.00 55.51 ? 104 GLU A OE2 1 
ATOM   668  N N   . ILE A 1 105 ? -15.732 -1.472  1.223   1.00 37.12 ? 105 ILE A N   1 
ATOM   669  C CA  . ILE A 1 105 ? -14.330 -1.845  1.117   1.00 36.19 ? 105 ILE A CA  1 
ATOM   670  C C   . ILE A 1 105 ? -13.733 -1.172  -0.135  1.00 35.11 ? 105 ILE A C   1 
ATOM   671  O O   . ILE A 1 105 ? -12.689 -0.546  -0.055  1.00 34.57 ? 105 ILE A O   1 
ATOM   672  C CB  . ILE A 1 105 ? -14.156 -3.393  1.056   1.00 36.29 ? 105 ILE A CB  1 
ATOM   673  C CG1 . ILE A 1 105 ? -14.729 -4.101  2.303   1.00 38.89 ? 105 ILE A CG1 1 
ATOM   674  C CG2 . ILE A 1 105 ? -12.726 -3.782  0.919   1.00 36.72 ? 105 ILE A CG2 1 
ATOM   675  C CD1 . ILE A 1 105 ? -14.073 -3.784  3.562   1.00 40.89 ? 105 ILE A CD1 1 
ATOM   676  N N   . SER A 1 106 ? -14.427 -1.274  -1.273  1.00 33.84 ? 106 SER A N   1 
ATOM   677  C CA  . SER A 1 106 ? -13.997 -0.627  -2.516  1.00 32.59 ? 106 SER A CA  1 
ATOM   678  C C   . SER A 1 106 ? -13.937 0.906   -2.386  1.00 32.18 ? 106 SER A C   1 
ATOM   679  O O   . SER A 1 106 ? -13.051 1.548   -2.949  1.00 31.56 ? 106 SER A O   1 
ATOM   680  C CB  . SER A 1 106 ? -14.877 -1.047  -3.679  1.00 30.98 ? 106 SER A CB  1 
ATOM   681  O OG  . SER A 1 106 ? -14.667 -2.404  -3.945  1.00 30.85 ? 106 SER A OG  1 
ATOM   682  N N   . MET A 1 107 ? -14.835 1.472   -1.586  1.00 32.53 ? 107 MET A N   1 
ATOM   683  C CA  . MET A 1 107 ? -14.808 2.912   -1.309  1.00 33.10 ? 107 MET A CA  1 
ATOM   684  C C   . MET A 1 107 ? -13.543 3.336   -0.554  1.00 33.10 ? 107 MET A C   1 
ATOM   685  O O   . MET A 1 107 ? -12.857 4.263   -0.981  1.00 33.31 ? 107 MET A O   1 
ATOM   686  C CB  . MET A 1 107 ? -16.038 3.333   -0.537  1.00 33.70 ? 107 MET A CB  1 
ATOM   687  C CG  . MET A 1 107 ? -16.290 4.824   -0.562  1.00 37.94 ? 107 MET A CG  1 
ATOM   688  S SD  . MET A 1 107 ? -17.607 5.372   0.522   1.00 49.23 ? 107 MET A SD  1 
ATOM   689  C CE  . MET A 1 107 ? -19.032 4.764   -0.284  1.00 47.02 ? 107 MET A CE  1 
ATOM   690  N N   . LEU A 1 108 ? -13.223 2.653   0.551   1.00 33.00 ? 108 LEU A N   1 
ATOM   691  C CA  . LEU A 1 108 ? -11.992 2.932   1.325   1.00 33.02 ? 108 LEU A CA  1 
ATOM   692  C C   . LEU A 1 108 ? -10.760 2.731   0.456   1.00 31.92 ? 108 LEU A C   1 
ATOM   693  O O   . LEU A 1 108 ? -9.786  3.458   0.556   1.00 32.86 ? 108 LEU A O   1 
ATOM   694  C CB  . LEU A 1 108 ? -11.887 1.995   2.537   1.00 33.18 ? 108 LEU A CB  1 
ATOM   695  C CG  . LEU A 1 108 ? -13.006 2.014   3.582   1.00 33.77 ? 108 LEU A CG  1 
ATOM   696  C CD1 . LEU A 1 108 ? -12.875 0.762   4.468   1.00 33.38 ? 108 LEU A CD1 1 
ATOM   697  C CD2 . LEU A 1 108 ? -12.925 3.263   4.410   1.00 31.22 ? 108 LEU A CD2 1 
ATOM   698  N N   . GLU A 1 109 ? -10.820 1.711   -0.371  1.00 30.83 ? 109 GLU A N   1 
ATOM   699  C CA  . GLU A 1 109 ? -9.774  1.367   -1.316  1.00 31.16 ? 109 GLU A CA  1 
ATOM   700  C C   . GLU A 1 109 ? -9.470  2.536   -2.255  1.00 30.52 ? 109 GLU A C   1 
ATOM   701  O O   . GLU A 1 109 ? -8.318  2.945   -2.402  1.00 29.62 ? 109 GLU A O   1 
ATOM   702  C CB  . GLU A 1 109 ? -10.318 0.224   -2.148  1.00 31.84 ? 109 GLU A CB  1 
ATOM   703  C CG  . GLU A 1 109 ? -9.365  -0.654  -2.817  1.00 35.54 ? 109 GLU A CG  1 
ATOM   704  C CD  . GLU A 1 109 ? -10.112 -1.686  -3.628  1.00 39.17 ? 109 GLU A CD  1 
ATOM   705  O OE1 . GLU A 1 109 ? -10.681 -1.285  -4.665  1.00 40.77 ? 109 GLU A OE1 1 
ATOM   706  O OE2 . GLU A 1 109 ? -10.138 -2.870  -3.226  1.00 38.65 ? 109 GLU A OE2 1 
ATOM   707  N N   . GLY A 1 110 ? -10.522 3.082   -2.868  1.00 29.61 ? 110 GLY A N   1 
ATOM   708  C CA  . GLY A 1 110 ? -10.386 4.199   -3.788  1.00 28.37 ? 110 GLY A CA  1 
ATOM   709  C C   . GLY A 1 110 ? -9.929  5.439   -3.065  1.00 27.94 ? 110 GLY A C   1 
ATOM   710  O O   . GLY A 1 110 ? -9.137  6.216   -3.597  1.00 28.58 ? 110 GLY A O   1 
ATOM   711  N N   . ALA A 1 111 ? -10.425 5.634   -1.846  1.00 27.53 ? 111 ALA A N   1 
ATOM   712  C CA  . ALA A 1 111 ? -10.042 6.796   -1.066  1.00 27.16 ? 111 ALA A CA  1 
ATOM   713  C C   . ALA A 1 111 ? -8.552  6.768   -0.701  1.00 25.97 ? 111 ALA A C   1 
ATOM   714  O O   . ALA A 1 111 ? -7.906  7.794   -0.686  1.00 24.85 ? 111 ALA A O   1 
ATOM   715  C CB  . ALA A 1 111 ? -10.930 6.945   0.228   1.00 28.02 ? 111 ALA A CB  1 
ATOM   716  N N   . VAL A 1 112 ? -8.019  5.586   -0.400  1.00 25.97 ? 112 VAL A N   1 
ATOM   717  C CA  . VAL A 1 112 ? -6.595  5.461   -0.070  1.00 25.18 ? 112 VAL A CA  1 
ATOM   718  C C   . VAL A 1 112 ? -5.762  5.725   -1.309  1.00 25.50 ? 112 VAL A C   1 
ATOM   719  O O   . VAL A 1 112 ? -4.809  6.490   -1.270  1.00 25.46 ? 112 VAL A O   1 
ATOM   720  C CB  . VAL A 1 112 ? -6.259  4.052   0.450   1.00 24.95 ? 112 VAL A CB  1 
ATOM   721  C CG1 . VAL A 1 112 ? -4.750  3.948   0.711   1.00 26.84 ? 112 VAL A CG1 1 
ATOM   722  C CG2 . VAL A 1 112 ? -7.056  3.741   1.728   1.00 25.64 ? 112 VAL A CG2 1 
ATOM   723  N N   . LEU A 1 113 ? -6.140  5.089   -2.415  1.00 25.53 ? 113 LEU A N   1 
ATOM   724  C CA  . LEU A 1 113 ? -5.498  5.310   -3.699  1.00 27.64 ? 113 LEU A CA  1 
ATOM   725  C C   . LEU A 1 113 ? -5.401  6.780   -4.145  1.00 28.35 ? 113 LEU A C   1 
ATOM   726  O O   . LEU A 1 113 ? -4.420  7.155   -4.762  1.00 29.88 ? 113 LEU A O   1 
ATOM   727  C CB  . LEU A 1 113 ? -6.198  4.479   -4.802  1.00 26.91 ? 113 LEU A CB  1 
ATOM   728  C CG  . LEU A 1 113 ? -5.939  2.973   -4.716  1.00 27.64 ? 113 LEU A CG  1 
ATOM   729  C CD1 . LEU A 1 113 ? -6.788  2.179   -5.788  1.00 28.07 ? 113 LEU A CD1 1 
ATOM   730  C CD2 . LEU A 1 113 ? -4.420  2.710   -4.869  1.00 24.35 ? 113 LEU A CD2 1 
ATOM   731  N N   . ASP A 1 114 ? -6.412  7.597   -3.867  1.00 29.50 ? 114 ASP A N   1 
ATOM   732  C CA  . ASP A 1 114 ? -6.290  9.052   -4.093  1.00 30.53 ? 114 ASP A CA  1 
ATOM   733  C C   . ASP A 1 114 ? -5.060  9.642   -3.386  1.00 30.55 ? 114 ASP A C   1 
ATOM   734  O O   . ASP A 1 114 ? -4.348  10.466  -3.933  1.00 30.20 ? 114 ASP A O   1 
ATOM   735  C CB  . ASP A 1 114 ? -7.553  9.764   -3.620  1.00 30.98 ? 114 ASP A CB  1 
ATOM   736  C CG  . ASP A 1 114 ? -8.761  9.489   -4.520  1.00 32.69 ? 114 ASP A CG  1 
ATOM   737  O OD1 . ASP A 1 114 ? -9.892  9.739   -4.073  1.00 38.92 ? 114 ASP A OD1 1 
ATOM   738  O OD2 . ASP A 1 114 ? -8.591  9.043   -5.664  1.00 37.36 ? 114 ASP A OD2 1 
ATOM   739  N N   . ILE A 1 115 ? -4.799  9.207   -2.162  1.00 30.37 ? 115 ILE A N   1 
ATOM   740  C CA  . ILE A 1 115 ? -3.538  9.593   -1.504  1.00 29.73 ? 115 ILE A CA  1 
ATOM   741  C C   . ILE A 1 115 ? -2.295  8.979   -2.162  1.00 29.53 ? 115 ILE A C   1 
ATOM   742  O O   . ILE A 1 115 ? -1.355  9.692   -2.565  1.00 28.79 ? 115 ILE A O   1 
ATOM   743  C CB  . ILE A 1 115 ? -3.572  9.209   -0.033  1.00 30.55 ? 115 ILE A CB  1 
ATOM   744  C CG1 . ILE A 1 115 ? -4.815  9.851   0.636   1.00 29.90 ? 115 ILE A CG1 1 
ATOM   745  C CG2 . ILE A 1 115 ? -2.216  9.552   0.620   1.00 27.88 ? 115 ILE A CG2 1 
ATOM   746  C CD1 . ILE A 1 115 ? -4.913  9.611   2.101   1.00 33.12 ? 115 ILE A CD1 1 
ATOM   747  N N   . ARG A 1 116 ? -2.283  7.656   -2.281  1.00 28.98 ? 116 ARG A N   1 
ATOM   748  C CA  . ARG A 1 116 ? -1.106  6.984   -2.820  1.00 28.53 ? 116 ARG A CA  1 
ATOM   749  C C   . ARG A 1 116 ? -0.746  7.403   -4.257  1.00 28.77 ? 116 ARG A C   1 
ATOM   750  O O   . ARG A 1 116 ? 0.423   7.682   -4.530  1.00 26.65 ? 116 ARG A O   1 
ATOM   751  C CB  . ARG A 1 116 ? -1.277  5.451   -2.733  1.00 28.88 ? 116 ARG A CB  1 
ATOM   752  C CG  . ARG A 1 116 ? 0.025   4.651   -3.039  1.00 27.13 ? 116 ARG A CG  1 
ATOM   753  C CD  . ARG A 1 116 ? 1.075   5.002   -2.029  1.00 25.04 ? 116 ARG A CD  1 
ATOM   754  N NE  . ARG A 1 116 ? 2.416   4.477   -2.327  1.00 24.82 ? 116 ARG A NE  1 
ATOM   755  C CZ  . ARG A 1 116 ? 3.316   5.133   -3.063  1.00 25.83 ? 116 ARG A CZ  1 
ATOM   756  N NH1 . ARG A 1 116 ? 4.544   4.628   -3.248  1.00 23.54 ? 116 ARG A NH1 1 
ATOM   757  N NH2 . ARG A 1 116 ? 2.983   6.318   -3.614  1.00 25.82 ? 116 ARG A NH2 1 
ATOM   758  N N   . TYR A 1 117 ? -1.729  7.407   -5.173  1.00 29.81 ? 117 TYR A N   1 
ATOM   759  C CA  . TYR A 1 117 ? -1.510  7.882   -6.549  1.00 31.61 ? 117 TYR A CA  1 
ATOM   760  C C   . TYR A 1 117 ? -1.209  9.363   -6.554  1.00 30.97 ? 117 TYR A C   1 
ATOM   761  O O   . TYR A 1 117 ? -0.490  9.835   -7.412  1.00 30.87 ? 117 TYR A O   1 
ATOM   762  C CB  . TYR A 1 117 ? -2.734  7.677   -7.478  1.00 33.73 ? 117 TYR A CB  1 
ATOM   763  C CG  . TYR A 1 117 ? -3.035  6.258   -7.879  1.00 40.68 ? 117 TYR A CG  1 
ATOM   764  C CD1 . TYR A 1 117 ? -2.038  5.287   -7.913  1.00 47.22 ? 117 TYR A CD1 1 
ATOM   765  C CD2 . TYR A 1 117 ? -4.340  5.879   -8.246  1.00 47.17 ? 117 TYR A CD2 1 
ATOM   766  C CE1 . TYR A 1 117 ? -2.328  3.956   -8.280  1.00 50.11 ? 117 TYR A CE1 1 
ATOM   767  C CE2 . TYR A 1 117 ? -4.634  4.566   -8.619  1.00 49.32 ? 117 TYR A CE2 1 
ATOM   768  C CZ  . TYR A 1 117 ? -3.613  3.617   -8.633  1.00 50.69 ? 117 TYR A CZ  1 
ATOM   769  O OH  . TYR A 1 117 ? -3.894  2.312   -8.983  1.00 56.06 ? 117 TYR A OH  1 
ATOM   770  N N   . GLY A 1 118 ? -1.781  10.101  -5.604  1.00 30.93 ? 118 GLY A N   1 
ATOM   771  C CA  . GLY A 1 118 ? -1.540  11.520  -5.483  1.00 30.43 ? 118 GLY A CA  1 
ATOM   772  C C   . GLY A 1 118 ? -0.047  11.732  -5.372  1.00 31.07 ? 118 GLY A C   1 
ATOM   773  O O   . GLY A 1 118 ? 0.488   12.658  -5.977  1.00 30.96 ? 118 GLY A O   1 
ATOM   774  N N   . VAL A 1 119 ? 0.629   10.867  -4.608  1.00 30.12 ? 119 VAL A N   1 
ATOM   775  C CA  . VAL A 1 119 ? 2.081   10.950  -4.456  1.00 29.68 ? 119 VAL A CA  1 
ATOM   776  C C   . VAL A 1 119 ? 2.799   10.538  -5.744  1.00 30.73 ? 119 VAL A C   1 
ATOM   777  O O   . VAL A 1 119 ? 3.661   11.263  -6.249  1.00 29.27 ? 119 VAL A O   1 
ATOM   778  C CB  . VAL A 1 119 ? 2.578   10.065  -3.310  1.00 29.56 ? 119 VAL A CB  1 
ATOM   779  C CG1 . VAL A 1 119 ? 4.092   9.994   -3.310  1.00 28.37 ? 119 VAL A CG1 1 
ATOM   780  C CG2 . VAL A 1 119 ? 2.049   10.563  -1.958  1.00 29.20 ? 119 VAL A CG2 1 
ATOM   781  N N   . SER A 1 120 ? 2.440   9.371   -6.277  1.00 31.74 ? 120 SER A N   1 
ATOM   782  C CA  . SER A 1 120 ? 3.141   8.822   -7.438  1.00 33.80 ? 120 SER A CA  1 
ATOM   783  C C   . SER A 1 120 ? 3.022   9.717   -8.663  1.00 34.13 ? 120 SER A C   1 
ATOM   784  O O   . SER A 1 120 ? 3.977   9.869   -9.415  1.00 34.77 ? 120 SER A O   1 
ATOM   785  C CB  . SER A 1 120 ? 2.620   7.416   -7.758  1.00 33.33 ? 120 SER A CB  1 
ATOM   786  O OG  . SER A 1 120 ? 2.802   6.612   -6.622  1.00 38.19 ? 120 SER A OG  1 
ATOM   787  N N   . ARG A 1 121 ? 1.847   10.317  -8.828  1.00 34.70 ? 121 ARG A N   1 
ATOM   788  C CA  . ARG A 1 121 ? 1.538   11.224  -9.922  1.00 36.52 ? 121 ARG A CA  1 
ATOM   789  C C   . ARG A 1 121 ? 2.511   12.427  -9.992  1.00 35.92 ? 121 ARG A C   1 
ATOM   790  O O   . ARG A 1 121 ? 2.742   12.941  -11.064 1.00 36.93 ? 121 ARG A O   1 
ATOM   791  C CB  . ARG A 1 121 ? 0.062   11.667  -9.771  1.00 37.48 ? 121 ARG A CB  1 
ATOM   792  C CG  . ARG A 1 121 ? -0.508  12.618  -10.811 1.00 43.83 ? 121 ARG A CG  1 
ATOM   793  C CD  . ARG A 1 121 ? -1.863  13.218  -10.339 1.00 50.73 ? 121 ARG A CD  1 
ATOM   794  N NE  . ARG A 1 121 ? -2.871  12.178  -10.051 1.00 56.99 ? 121 ARG A NE  1 
ATOM   795  C CZ  . ARG A 1 121 ? -3.869  12.271  -9.154  1.00 59.93 ? 121 ARG A CZ  1 
ATOM   796  N NH1 . ARG A 1 121 ? -4.706  11.238  -8.989  1.00 61.48 ? 121 ARG A NH1 1 
ATOM   797  N NH2 . ARG A 1 121 ? -4.035  13.368  -8.405  1.00 58.92 ? 121 ARG A NH2 1 
ATOM   798  N N   . ILE A 1 122 ? 3.092   12.859  -8.870  1.00 34.88 ? 122 ILE A N   1 
ATOM   799  C CA  . ILE A 1 122 ? 4.031   13.990  -8.889  1.00 34.52 ? 122 ILE A CA  1 
ATOM   800  C C   . ILE A 1 122 ? 5.483   13.598  -8.629  1.00 35.27 ? 122 ILE A C   1 
ATOM   801  O O   . ILE A 1 122 ? 6.395   14.398  -8.901  1.00 35.55 ? 122 ILE A O   1 
ATOM   802  C CB  . ILE A 1 122 ? 3.652   15.109  -7.898  1.00 34.23 ? 122 ILE A CB  1 
ATOM   803  C CG1 . ILE A 1 122 ? 3.738   14.617  -6.440  1.00 33.09 ? 122 ILE A CG1 1 
ATOM   804  C CG2 . ILE A 1 122 ? 2.258   15.678  -8.235  1.00 33.45 ? 122 ILE A CG2 1 
ATOM   805  C CD1 . ILE A 1 122 ? 3.491   15.723  -5.387  1.00 33.09 ? 122 ILE A CD1 1 
ATOM   806  N N   . ALA A 1 123 ? 5.688   12.368  -8.141  1.00 34.59 ? 123 ALA A N   1 
ATOM   807  C CA  . ALA A 1 123 ? 6.979   11.909  -7.638  1.00 34.81 ? 123 ALA A CA  1 
ATOM   808  C C   . ALA A 1 123 ? 8.078   11.896  -8.686  1.00 35.40 ? 123 ALA A C   1 
ATOM   809  O O   . ALA A 1 123 ? 9.254   11.891  -8.333  1.00 35.20 ? 123 ALA A O   1 
ATOM   810  C CB  . ALA A 1 123 ? 6.839   10.504  -6.982  1.00 33.87 ? 123 ALA A CB  1 
ATOM   811  N N   . TYR A 1 124 ? 7.699   11.891  -9.960  1.00 36.80 ? 124 TYR A N   1 
ATOM   812  C CA  . TYR A 1 124 ? 8.658   11.784  -11.070 1.00 39.30 ? 124 TYR A CA  1 
ATOM   813  C C   . TYR A 1 124 ? 8.815   13.130  -11.843 1.00 41.11 ? 124 TYR A C   1 
ATOM   814  O O   . TYR A 1 124 ? 9.535   13.215  -12.863 1.00 41.16 ? 124 TYR A O   1 
ATOM   815  C CB  . TYR A 1 124 ? 8.216   10.666  -12.039 1.00 38.87 ? 124 TYR A CB  1 
ATOM   816  C CG  . TYR A 1 124 ? 8.094   9.290   -11.398 1.00 39.32 ? 124 TYR A CG  1 
ATOM   817  C CD1 . TYR A 1 124 ? 9.210   8.450   -11.267 1.00 39.29 ? 124 TYR A CD1 1 
ATOM   818  C CD2 . TYR A 1 124 ? 6.861   8.832   -10.911 1.00 38.72 ? 124 TYR A CD2 1 
ATOM   819  C CE1 . TYR A 1 124 ? 9.092   7.174   -10.644 1.00 38.41 ? 124 TYR A CE1 1 
ATOM   820  C CE2 . TYR A 1 124 ? 6.733   7.568   -10.311 1.00 37.48 ? 124 TYR A CE2 1 
ATOM   821  C CZ  . TYR A 1 124 ? 7.858   6.754   -10.177 1.00 36.65 ? 124 TYR A CZ  1 
ATOM   822  O OH  . TYR A 1 124 ? 7.735   5.514   -9.585  1.00 34.67 ? 124 TYR A OH  1 
ATOM   823  N N   . SER A 1 125 ? 8.120   14.159  -11.368 1.00 42.66 ? 125 SER A N   1 
ATOM   824  C CA  . SER A 1 125 ? 7.970   15.399  -12.120 1.00 44.39 ? 125 SER A CA  1 
ATOM   825  C C   . SER A 1 125 ? 9.165   16.301  -11.890 1.00 45.13 ? 125 SER A C   1 
ATOM   826  O O   . SER A 1 125 ? 9.747   16.331  -10.798 1.00 44.95 ? 125 SER A O   1 
ATOM   827  C CB  . SER A 1 125 ? 6.664   16.111  -11.750 1.00 44.65 ? 125 SER A CB  1 
ATOM   828  O OG  . SER A 1 125 ? 6.400   17.240  -12.583 1.00 46.21 ? 125 SER A OG  1 
ATOM   829  N N   . LYS A 1 126 ? 9.546   17.009  -12.950 1.00 46.63 ? 126 LYS A N   1 
ATOM   830  C CA  . LYS A 1 126 ? 10.563  18.065  -12.849 1.00 48.21 ? 126 LYS A CA  1 
ATOM   831  C C   . LYS A 1 126 ? 10.125  19.032  -11.727 1.00 47.90 ? 126 LYS A C   1 
ATOM   832  O O   . LYS A 1 126 ? 10.920  19.389  -10.854 1.00 48.61 ? 126 LYS A O   1 
ATOM   833  C CB  . LYS A 1 126 ? 10.750  18.781  -14.202 1.00 48.64 ? 126 LYS A CB  1 
ATOM   834  C CG  . LYS A 1 126 ? 9.466   19.380  -14.786 1.00 49.96 ? 126 LYS A CG  1 
ATOM   835  C CD  . LYS A 1 126 ? 9.561   19.615  -16.288 1.00 53.05 ? 126 LYS A CD  1 
ATOM   836  C CE  . LYS A 1 126 ? 8.242   20.182  -16.833 1.00 55.05 ? 126 LYS A CE  1 
ATOM   837  N NZ  . LYS A 1 126 ? 8.382   20.843  -18.159 1.00 54.79 ? 126 LYS A NZ  1 
ATOM   838  N N   . ASP A 1 127 ? 8.823   19.327  -11.709 1.00 47.41 ? 127 ASP A N   1 
ATOM   839  C CA  . ASP A 1 127 ? 8.198   20.264  -10.759 1.00 46.08 ? 127 ASP A CA  1 
ATOM   840  C C   . ASP A 1 127 ? 7.777   19.672  -9.398  1.00 44.51 ? 127 ASP A C   1 
ATOM   841  O O   . ASP A 1 127 ? 6.998   20.315  -8.675  1.00 44.13 ? 127 ASP A O   1 
ATOM   842  C CB  . ASP A 1 127 ? 6.991   20.935  -11.438 1.00 46.32 ? 127 ASP A CB  1 
ATOM   843  C CG  . ASP A 1 127 ? 7.378   21.683  -12.729 1.00 49.39 ? 127 ASP A CG  1 
ATOM   844  O OD1 . ASP A 1 127 ? 6.601   21.620  -13.723 1.00 52.17 ? 127 ASP A OD1 1 
ATOM   845  O OD2 . ASP A 1 127 ? 8.474   22.305  -12.756 1.00 49.16 ? 127 ASP A OD2 1 
ATOM   846  N N   . PHE A 1 128 ? 8.295   18.492  -9.032  1.00 41.92 ? 128 PHE A N   1 
ATOM   847  C CA  . PHE A 1 128 ? 7.912   17.845  -7.760  1.00 40.03 ? 128 PHE A CA  1 
ATOM   848  C C   . PHE A 1 128 ? 7.770   18.824  -6.586  1.00 39.88 ? 128 PHE A C   1 
ATOM   849  O O   . PHE A 1 128 ? 6.722   18.905  -5.962  1.00 38.46 ? 128 PHE A O   1 
ATOM   850  C CB  . PHE A 1 128 ? 8.883   16.734  -7.319  1.00 39.72 ? 128 PHE A CB  1 
ATOM   851  C CG  . PHE A 1 128 ? 8.685   16.333  -5.876  1.00 38.05 ? 128 PHE A CG  1 
ATOM   852  C CD1 . PHE A 1 128 ? 7.505   15.687  -5.476  1.00 35.55 ? 128 PHE A CD1 1 
ATOM   853  C CD2 . PHE A 1 128 ? 9.622   16.673  -4.912  1.00 36.22 ? 128 PHE A CD2 1 
ATOM   854  C CE1 . PHE A 1 128 ? 7.286   15.362  -4.148  1.00 37.48 ? 128 PHE A CE1 1 
ATOM   855  C CE2 . PHE A 1 128 ? 9.425   16.353  -3.578  1.00 35.85 ? 128 PHE A CE2 1 
ATOM   856  C CZ  . PHE A 1 128 ? 8.251   15.690  -3.184  1.00 36.04 ? 128 PHE A CZ  1 
ATOM   857  N N   . GLU A 1 129 ? 8.839   19.567  -6.307  1.00 40.36 ? 129 GLU A N   1 
ATOM   858  C CA  . GLU A 1 129 ? 8.894   20.486  -5.154  1.00 40.97 ? 129 GLU A CA  1 
ATOM   859  C C   . GLU A 1 129 ? 7.750   21.498  -5.108  1.00 39.85 ? 129 GLU A C   1 
ATOM   860  O O   . GLU A 1 129 ? 7.192   21.751  -4.059  1.00 39.43 ? 129 GLU A O   1 
ATOM   861  C CB  . GLU A 1 129 ? 10.254  21.181  -5.091  1.00 42.03 ? 129 GLU A CB  1 
ATOM   862  C CG  . GLU A 1 129 ? 11.402  20.223  -4.689  1.00 46.40 ? 129 GLU A CG  1 
ATOM   863  C CD  . GLU A 1 129 ? 11.275  19.705  -3.253  1.00 52.96 ? 129 GLU A CD  1 
ATOM   864  O OE1 . GLU A 1 129 ? 12.080  18.823  -2.870  1.00 56.80 ? 129 GLU A OE1 1 
ATOM   865  O OE2 . GLU A 1 129 ? 10.370  20.165  -2.507  1.00 55.62 ? 129 GLU A OE2 1 
ATOM   866  N N   . THR A 1 130 ? 7.381   22.008  -6.270  1.00 39.05 ? 130 THR A N   1 
ATOM   867  C CA  . THR A 1 130 ? 6.211   22.864  -6.441  1.00 39.82 ? 130 THR A CA  1 
ATOM   868  C C   . THR A 1 130 ? 4.868   22.114  -6.280  1.00 39.29 ? 130 THR A C   1 
ATOM   869  O O   . THR A 1 130 ? 3.975   22.527  -5.511  1.00 38.25 ? 130 THR A O   1 
ATOM   870  C CB  . THR A 1 130 ? 6.323   23.574  -7.819  1.00 39.31 ? 130 THR A CB  1 
ATOM   871  O OG1 . THR A 1 130 ? 7.148   24.743  -7.653  1.00 42.56 ? 130 THR A OG1 1 
ATOM   872  C CG2 . THR A 1 130 ? 5.003   24.002  -8.304  1.00 42.99 ? 130 THR A CG2 1 
ATOM   873  N N   . LEU A 1 131 ? 4.732   21.019  -7.023  1.00 38.39 ? 131 LEU A N   1 
ATOM   874  C CA  . LEU A 1 131 ? 3.533   20.191  -6.965  1.00 38.35 ? 131 LEU A CA  1 
ATOM   875  C C   . LEU A 1 131 ? 3.329   19.623  -5.561  1.00 37.76 ? 131 LEU A C   1 
ATOM   876  O O   . LEU A 1 131 ? 2.227   19.416  -5.133  1.00 37.56 ? 131 LEU A O   1 
ATOM   877  C CB  . LEU A 1 131 ? 3.629   19.079  -8.008  1.00 37.55 ? 131 LEU A CB  1 
ATOM   878  C CG  . LEU A 1 131 ? 3.723   19.610  -9.441  1.00 38.88 ? 131 LEU A CG  1 
ATOM   879  C CD1 . LEU A 1 131 ? 4.281   18.564  -10.415 1.00 39.94 ? 131 LEU A CD1 1 
ATOM   880  C CD2 . LEU A 1 131 ? 2.382   20.144  -9.925  1.00 41.11 ? 131 LEU A CD2 1 
ATOM   881  N N   . LYS A 1 132 ? 4.418   19.399  -4.845  1.00 37.99 ? 132 LYS A N   1 
ATOM   882  C CA  . LYS A 1 132 ? 4.365   18.848  -3.500  1.00 38.90 ? 132 LYS A CA  1 
ATOM   883  C C   . LYS A 1 132 ? 3.567   19.771  -2.576  1.00 39.39 ? 132 LYS A C   1 
ATOM   884  O O   . LYS A 1 132 ? 2.832   19.310  -1.679  1.00 39.01 ? 132 LYS A O   1 
ATOM   885  C CB  . LYS A 1 132 ? 5.802   18.666  -3.005  1.00 39.06 ? 132 LYS A CB  1 
ATOM   886  C CG  . LYS A 1 132 ? 5.979   18.516  -1.522  1.00 41.59 ? 132 LYS A CG  1 
ATOM   887  C CD  . LYS A 1 132 ? 7.460   18.561  -1.172  1.00 44.71 ? 132 LYS A CD  1 
ATOM   888  C CE  . LYS A 1 132 ? 7.648   18.415  0.340   1.00 49.26 ? 132 LYS A CE  1 
ATOM   889  N NZ  . LYS A 1 132 ? 9.075   18.518  0.756   1.00 49.57 ? 132 LYS A NZ  1 
ATOM   890  N N   . VAL A 1 133 ? 3.700   21.078  -2.816  1.00 39.30 ? 133 VAL A N   1 
ATOM   891  C CA  . VAL A 1 133 ? 3.021   22.091  -2.013  1.00 39.24 ? 133 VAL A CA  1 
ATOM   892  C C   . VAL A 1 133 ? 1.531   21.943  -2.140  1.00 38.98 ? 133 VAL A C   1 
ATOM   893  O O   . VAL A 1 133 ? 0.838   21.912  -1.130  1.00 38.76 ? 133 VAL A O   1 
ATOM   894  C CB  . VAL A 1 133 ? 3.477   23.543  -2.367  1.00 39.68 ? 133 VAL A CB  1 
ATOM   895  C CG1 . VAL A 1 133 ? 2.453   24.576  -1.900  1.00 38.76 ? 133 VAL A CG1 1 
ATOM   896  C CG2 . VAL A 1 133 ? 4.857   23.815  -1.760  1.00 37.37 ? 133 VAL A CG2 1 
ATOM   897  N N   . ASP A 1 134 ? 1.043   21.844  -3.370  1.00 39.22 ? 134 ASP A N   1 
ATOM   898  C CA  . ASP A 1 134 ? -0.396  21.677  -3.608  1.00 40.40 ? 134 ASP A CA  1 
ATOM   899  C C   . ASP A 1 134 ? -0.949  20.330  -3.079  1.00 39.57 ? 134 ASP A C   1 
ATOM   900  O O   . ASP A 1 134 ? -2.038  20.279  -2.530  1.00 39.63 ? 134 ASP A O   1 
ATOM   901  C CB  . ASP A 1 134 ? -0.676  21.812  -5.096  1.00 42.04 ? 134 ASP A CB  1 
ATOM   902  C CG  . ASP A 1 134 ? 0.149   22.940  -5.743  1.00 48.25 ? 134 ASP A CG  1 
ATOM   903  O OD1 . ASP A 1 134 ? -0.187  24.127  -5.531  1.00 51.97 ? 134 ASP A OD1 1 
ATOM   904  O OD2 . ASP A 1 134 ? 1.143   22.643  -6.454  1.00 56.33 ? 134 ASP A OD2 1 
ATOM   905  N N   . PHE A 1 135 ? -0.186  19.248  -3.241  1.00 37.81 ? 135 PHE A N   1 
ATOM   906  C CA  . PHE A 1 135 ? -0.579  17.963  -2.652  1.00 37.10 ? 135 PHE A CA  1 
ATOM   907  C C   . PHE A 1 135 ? -0.683  17.991  -1.109  1.00 36.84 ? 135 PHE A C   1 
ATOM   908  O O   . PHE A 1 135 ? -1.676  17.524  -0.547  1.00 36.01 ? 135 PHE A O   1 
ATOM   909  C CB  . PHE A 1 135 ? 0.393   16.858  -3.077  1.00 36.15 ? 135 PHE A CB  1 
ATOM   910  C CG  . PHE A 1 135 ? 0.081   15.530  -2.469  1.00 34.01 ? 135 PHE A CG  1 
ATOM   911  C CD1 . PHE A 1 135 ? 0.898   14.999  -1.498  1.00 30.65 ? 135 PHE A CD1 1 
ATOM   912  C CD2 . PHE A 1 135 ? -1.058  14.818  -2.850  1.00 30.90 ? 135 PHE A CD2 1 
ATOM   913  C CE1 . PHE A 1 135 ? 0.616   13.747  -0.945  1.00 31.49 ? 135 PHE A CE1 1 
ATOM   914  C CE2 . PHE A 1 135 ? -1.350  13.578  -2.272  1.00 31.14 ? 135 PHE A CE2 1 
ATOM   915  C CZ  . PHE A 1 135 ? -0.508  13.041  -1.333  1.00 25.80 ? 135 PHE A CZ  1 
ATOM   916  N N   . LEU A 1 136 ? 0.344   18.529  -0.444  1.00 37.02 ? 136 LEU A N   1 
ATOM   917  C CA  . LEU A 1 136 ? 0.367   18.614  1.016   1.00 37.81 ? 136 LEU A CA  1 
ATOM   918  C C   . LEU A 1 136 ? -0.720  19.553  1.522   1.00 38.61 ? 136 LEU A C   1 
ATOM   919  O O   . LEU A 1 136 ? -1.296  19.347  2.595   1.00 39.47 ? 136 LEU A O   1 
ATOM   920  C CB  . LEU A 1 136 ? 1.731   19.071  1.527   1.00 37.28 ? 136 LEU A CB  1 
ATOM   921  C CG  . LEU A 1 136 ? 2.867   18.056  1.355   1.00 36.42 ? 136 LEU A CG  1 
ATOM   922  C CD1 . LEU A 1 136 ? 4.116   18.618  1.974   1.00 34.49 ? 136 LEU A CD1 1 
ATOM   923  C CD2 . LEU A 1 136 ? 2.515   16.734  2.021   1.00 37.10 ? 136 LEU A CD2 1 
ATOM   924  N N   . SER A 1 137 ? -1.030  20.562  0.724   1.00 39.32 ? 137 SER A N   1 
ATOM   925  C CA  . SER A 1 137 ? -2.150  21.458  1.039   1.00 40.57 ? 137 SER A CA  1 
ATOM   926  C C   . SER A 1 137 ? -3.512  20.740  1.101   1.00 39.94 ? 137 SER A C   1 
ATOM   927  O O   . SER A 1 137 ? -4.318  21.025  1.978   1.00 40.77 ? 137 SER A O   1 
ATOM   928  C CB  . SER A 1 137 ? -2.175  22.637  0.052   1.00 40.73 ? 137 SER A CB  1 
ATOM   929  O OG  . SER A 1 137 ? -3.429  23.285  0.112   1.00 45.32 ? 137 SER A OG  1 
ATOM   930  N N   . LYS A 1 138 ? -3.737  19.798  0.184   1.00 39.63 ? 138 LYS A N   1 
ATOM   931  C CA  . LYS A 1 138 ? -4.990  19.046  0.096   1.00 39.67 ? 138 LYS A CA  1 
ATOM   932  C C   . LYS A 1 138 ? -5.019  17.756  0.936   1.00 38.85 ? 138 LYS A C   1 
ATOM   933  O O   . LYS A 1 138 ? -6.094  17.189  1.167   1.00 39.51 ? 138 LYS A O   1 
ATOM   934  C CB  . LYS A 1 138 ? -5.288  18.692  -1.368  1.00 40.62 ? 138 LYS A CB  1 
ATOM   935  C CG  . LYS A 1 138 ? -5.289  19.923  -2.335  1.00 44.61 ? 138 LYS A CG  1 
ATOM   936  C CD  . LYS A 1 138 ? -5.460  19.495  -3.797  1.00 49.09 ? 138 LYS A CD  1 
ATOM   937  C CE  . LYS A 1 138 ? -6.905  19.756  -4.292  1.00 52.97 ? 138 LYS A CE  1 
ATOM   938  N NZ  . LYS A 1 138 ? -7.285  21.216  -4.233  1.00 53.36 ? 138 LYS A NZ  1 
ATOM   939  N N   . LEU A 1 139 ? -3.853  17.289  1.368   1.00 37.29 ? 139 LEU A N   1 
ATOM   940  C CA  . LEU A 1 139 ? -3.722  16.048  2.113   1.00 36.50 ? 139 LEU A CA  1 
ATOM   941  C C   . LEU A 1 139 ? -4.573  16.029  3.399   1.00 37.65 ? 139 LEU A C   1 
ATOM   942  O O   . LEU A 1 139 ? -5.265  15.041  3.655   1.00 36.50 ? 139 LEU A O   1 
ATOM   943  C CB  . LEU A 1 139 ? -2.242  15.752  2.413   1.00 35.55 ? 139 LEU A CB  1 
ATOM   944  C CG  . LEU A 1 139 ? -1.941  14.425  3.115   1.00 35.31 ? 139 LEU A CG  1 
ATOM   945  C CD1 . LEU A 1 139 ? -2.508  13.204  2.344   1.00 32.40 ? 139 LEU A CD1 1 
ATOM   946  C CD2 . LEU A 1 139 ? -0.462  14.245  3.454   1.00 33.01 ? 139 LEU A CD2 1 
ATOM   947  N N   . PRO A 1 140 ? -4.553  17.134  4.199   1.00 38.49 ? 140 PRO A N   1 
ATOM   948  C CA  . PRO A 1 140 ? -5.305  17.123  5.452   1.00 39.20 ? 140 PRO A CA  1 
ATOM   949  C C   . PRO A 1 140 ? -6.789  16.791  5.283   1.00 40.34 ? 140 PRO A C   1 
ATOM   950  O O   . PRO A 1 140 ? -7.339  16.006  6.074   1.00 40.27 ? 140 PRO A O   1 
ATOM   951  C CB  . PRO A 1 140 ? -5.123  18.548  5.981   1.00 38.88 ? 140 PRO A CB  1 
ATOM   952  C CG  . PRO A 1 140 ? -3.784  18.911  5.527   1.00 39.76 ? 140 PRO A CG  1 
ATOM   953  C CD  . PRO A 1 140 ? -3.713  18.341  4.105   1.00 38.78 ? 140 PRO A CD  1 
ATOM   954  N N   . GLU A 1 141 ? -7.424  17.354  4.255   1.00 40.98 ? 141 GLU A N   1 
ATOM   955  C CA  . GLU A 1 141 ? -8.826  17.100  3.990   1.00 42.56 ? 141 GLU A CA  1 
ATOM   956  C C   . GLU A 1 141 ? -9.049  15.616  3.637   1.00 42.71 ? 141 GLU A C   1 
ATOM   957  O O   . GLU A 1 141 ? -10.091 15.050  4.005   1.00 43.08 ? 141 GLU A O   1 
ATOM   958  C CB  . GLU A 1 141 ? -9.313  18.000  2.845   1.00 43.73 ? 141 GLU A CB  1 
ATOM   959  C CG  . GLU A 1 141 ? -9.640  17.256  1.538   1.00 49.20 ? 141 GLU A CG  1 
ATOM   960  C CD  . GLU A 1 141 ? -9.157  17.963  0.268   1.00 57.65 ? 141 GLU A CD  1 
ATOM   961  O OE1 . GLU A 1 141 ? -8.514  17.285  -0.584  1.00 59.33 ? 141 GLU A OE1 1 
ATOM   962  O OE2 . GLU A 1 141 ? -9.434  19.184  0.113   1.00 62.88 ? 141 GLU A OE2 1 
ATOM   963  N N   . MET A 1 142 ? -8.088  15.011  2.915   1.00 41.53 ? 142 MET A N   1 
ATOM   964  C CA  . MET A 1 142 ? -8.105  13.580  2.607   1.00 41.51 ? 142 MET A CA  1 
ATOM   965  C C   . MET A 1 142 ? -7.907  12.737  3.868   1.00 40.85 ? 142 MET A C   1 
ATOM   966  O O   . MET A 1 142 ? -8.661  11.799  4.097   1.00 40.38 ? 142 MET A O   1 
ATOM   967  C CB  . MET A 1 142 ? -7.044  13.206  1.563   1.00 41.53 ? 142 MET A CB  1 
ATOM   968  C CG  . MET A 1 142 ? -7.103  14.010  0.265   1.00 43.64 ? 142 MET A CG  1 
ATOM   969  S SD  . MET A 1 142 ? -5.866  13.529  -0.979  1.00 44.94 ? 142 MET A SD  1 
ATOM   970  C CE  . MET A 1 142 ? -6.896  12.496  -1.986  1.00 42.25 ? 142 MET A CE  1 
ATOM   971  N N   . LEU A 1 143 ? -6.912  13.087  4.689   1.00 39.92 ? 143 LEU A N   1 
ATOM   972  C CA  . LEU A 1 143 ? -6.647  12.332  5.911   1.00 39.60 ? 143 LEU A CA  1 
ATOM   973  C C   . LEU A 1 143 ? -7.816  12.388  6.898   1.00 40.85 ? 143 LEU A C   1 
ATOM   974  O O   . LEU A 1 143 ? -8.087  11.417  7.573   1.00 40.86 ? 143 LEU A O   1 
ATOM   975  C CB  . LEU A 1 143 ? -5.334  12.764  6.573   1.00 38.37 ? 143 LEU A CB  1 
ATOM   976  C CG  . LEU A 1 143 ? -4.026  12.554  5.794   1.00 37.51 ? 143 LEU A CG  1 
ATOM   977  C CD1 . LEU A 1 143 ? -2.837  13.245  6.474   1.00 34.29 ? 143 LEU A CD1 1 
ATOM   978  C CD2 . LEU A 1 143 ? -3.733  11.063  5.523   1.00 34.74 ? 143 LEU A CD2 1 
ATOM   979  N N   . LYS A 1 144 ? -8.519  13.521  6.956   1.00 42.51 ? 144 LYS A N   1 
ATOM   980  C CA  . LYS A 1 144 ? -9.586  13.753  7.943   1.00 43.46 ? 144 LYS A CA  1 
ATOM   981  C C   . LYS A 1 144 ? -10.700 12.719  7.855   1.00 43.60 ? 144 LYS A C   1 
ATOM   982  O O   . LYS A 1 144 ? -11.241 12.304  8.892   1.00 43.82 ? 144 LYS A O   1 
ATOM   983  C CB  . LYS A 1 144 ? -10.174 15.167  7.826   1.00 44.17 ? 144 LYS A CB  1 
ATOM   984  C CG  . LYS A 1 144 ? -10.984 15.607  9.074   1.00 48.92 ? 144 LYS A CG  1 
ATOM   985  C CD  . LYS A 1 144 ? -11.489 17.058  8.967   1.00 55.14 ? 144 LYS A CD  1 
ATOM   986  C CE  . LYS A 1 144 ? -12.748 17.310  9.841   1.00 58.79 ? 144 LYS A CE  1 
ATOM   987  N NZ  . LYS A 1 144 ? -12.416 17.463  11.301  1.00 60.71 ? 144 LYS A NZ  1 
ATOM   988  N N   . MET A 1 145 ? -11.049 12.298  6.641   1.00 42.60 ? 145 MET A N   1 
ATOM   989  C CA  . MET A 1 145 ? -12.061 11.260  6.475   1.00 42.62 ? 145 MET A CA  1 
ATOM   990  C C   . MET A 1 145 ? -11.642 9.927   7.120   1.00 41.71 ? 145 MET A C   1 
ATOM   991  O O   . MET A 1 145 ? -12.463 9.243   7.728   1.00 41.35 ? 145 MET A O   1 
ATOM   992  C CB  . MET A 1 145 ? -12.422 11.066  5.000   1.00 43.37 ? 145 MET A CB  1 
ATOM   993  C CG  . MET A 1 145 ? -12.810 12.353  4.232   1.00 48.79 ? 145 MET A CG  1 
ATOM   994  S SD  . MET A 1 145 ? -13.846 13.536  5.172   1.00 60.54 ? 145 MET A SD  1 
ATOM   995  C CE  . MET A 1 145 ? -15.305 12.559  5.597   1.00 58.71 ? 145 MET A CE  1 
ATOM   996  N N   . PHE A 1 146 ? -10.363 9.563   7.013   1.00 40.56 ? 146 PHE A N   1 
ATOM   997  C CA  . PHE A 1 146 ? -9.890  8.352   7.676   1.00 39.47 ? 146 PHE A CA  1 
ATOM   998  C C   . PHE A 1 146 ? -9.809  8.577   9.187   1.00 40.61 ? 146 PHE A C   1 
ATOM   999  O O   . PHE A 1 146 ? -10.194 7.701   9.943   1.00 40.80 ? 146 PHE A O   1 
ATOM   1000 C CB  . PHE A 1 146 ? -8.542  7.867   7.119   1.00 37.78 ? 146 PHE A CB  1 
ATOM   1001 C CG  . PHE A 1 146 ? -8.585  7.499   5.658   1.00 34.22 ? 146 PHE A CG  1 
ATOM   1002 C CD1 . PHE A 1 146 ? -8.080  8.376   4.691   1.00 30.26 ? 146 PHE A CD1 1 
ATOM   1003 C CD2 . PHE A 1 146 ? -9.111  6.273   5.241   1.00 32.41 ? 146 PHE A CD2 1 
ATOM   1004 C CE1 . PHE A 1 146 ? -8.112  8.044   3.328   1.00 30.18 ? 146 PHE A CE1 1 
ATOM   1005 C CE2 . PHE A 1 146 ? -9.133  5.916   3.860   1.00 29.53 ? 146 PHE A CE2 1 
ATOM   1006 C CZ  . PHE A 1 146 ? -8.638  6.806   2.920   1.00 29.16 ? 146 PHE A CZ  1 
ATOM   1007 N N   . GLU A 1 147 ? -9.318  9.745   9.605   1.00 41.67 ? 147 GLU A N   1 
ATOM   1008 C CA  . GLU A 1 147 ? -9.309  10.148  11.003  1.00 44.11 ? 147 GLU A CA  1 
ATOM   1009 C C   . GLU A 1 147 ? -10.676 9.901   11.657  1.00 44.90 ? 147 GLU A C   1 
ATOM   1010 O O   . GLU A 1 147 ? -10.755 9.233   12.692  1.00 44.48 ? 147 GLU A O   1 
ATOM   1011 C CB  . GLU A 1 147 ? -8.936  11.634  11.142  1.00 44.09 ? 147 GLU A CB  1 
ATOM   1012 C CG  . GLU A 1 147 ? -8.785  12.136  12.583  1.00 45.59 ? 147 GLU A CG  1 
ATOM   1013 C CD  . GLU A 1 147 ? -7.608  11.485  13.307  1.00 48.43 ? 147 GLU A CD  1 
ATOM   1014 O OE1 . GLU A 1 147 ? -7.461  11.673  14.532  1.00 48.06 ? 147 GLU A OE1 1 
ATOM   1015 O OE2 . GLU A 1 147 ? -6.809  10.793  12.642  1.00 50.13 ? 147 GLU A OE2 1 
ATOM   1016 N N   . ASP A 1 148 ? -11.731 10.432  11.022  1.00 46.15 ? 148 ASP A N   1 
ATOM   1017 C CA  . ASP A 1 148 ? -13.125 10.323  11.490  1.00 47.36 ? 148 ASP A CA  1 
ATOM   1018 C C   . ASP A 1 148 ? -13.604 8.887   11.471  1.00 47.59 ? 148 ASP A C   1 
ATOM   1019 O O   . ASP A 1 148 ? -14.214 8.426   12.421  1.00 47.50 ? 148 ASP A O   1 
ATOM   1020 C CB  . ASP A 1 148 ? -14.072 11.159  10.624  1.00 47.59 ? 148 ASP A CB  1 
ATOM   1021 C CG  . ASP A 1 148 ? -13.754 12.637  10.662  1.00 51.17 ? 148 ASP A CG  1 
ATOM   1022 O OD1 . ASP A 1 148 ? -13.135 13.121  11.656  1.00 54.78 ? 148 ASP A OD1 1 
ATOM   1023 O OD2 . ASP A 1 148 ? -14.116 13.321  9.674   1.00 54.76 ? 148 ASP A OD2 1 
ATOM   1024 N N   . ARG A 1 149 ? -13.344 8.190   10.372  1.00 48.21 ? 149 ARG A N   1 
ATOM   1025 C CA  . ARG A 1 149 ? -13.650 6.773   10.278  1.00 49.09 ? 149 ARG A CA  1 
ATOM   1026 C C   . ARG A 1 149 ? -13.075 6.049   11.509  1.00 49.77 ? 149 ARG A C   1 
ATOM   1027 O O   . ARG A 1 149 ? -13.717 5.171   12.079  1.00 50.19 ? 149 ARG A O   1 
ATOM   1028 C CB  . ARG A 1 149 ? -13.084 6.209   8.967   1.00 49.19 ? 149 ARG A CB  1 
ATOM   1029 C CG  . ARG A 1 149 ? -13.392 4.755   8.677   1.00 48.09 ? 149 ARG A CG  1 
ATOM   1030 C CD  . ARG A 1 149 ? -14.529 4.624   7.721   1.00 47.72 ? 149 ARG A CD  1 
ATOM   1031 N NE  . ARG A 1 149 ? -14.915 3.226   7.589   1.00 47.07 ? 149 ARG A NE  1 
ATOM   1032 C CZ  . ARG A 1 149 ? -16.034 2.807   7.010   1.00 47.66 ? 149 ARG A CZ  1 
ATOM   1033 N NH1 . ARG A 1 149 ? -16.280 1.507   6.937   1.00 49.01 ? 149 ARG A NH1 1 
ATOM   1034 N NH2 . ARG A 1 149 ? -16.908 3.679   6.506   1.00 48.15 ? 149 ARG A NH2 1 
ATOM   1035 N N   . LEU A 1 150 ? -11.886 6.461   11.942  1.00 50.25 ? 150 LEU A N   1 
ATOM   1036 C CA  . LEU A 1 150 ? -11.177 5.767   13.020  1.00 50.53 ? 150 LEU A CA  1 
ATOM   1037 C C   . LEU A 1 150 ? -11.512 6.206   14.458  1.00 51.54 ? 150 LEU A C   1 
ATOM   1038 O O   . LEU A 1 150 ? -11.025 5.583   15.409  1.00 51.13 ? 150 LEU A O   1 
ATOM   1039 C CB  . LEU A 1 150 ? -9.663  5.844   12.792  1.00 50.20 ? 150 LEU A CB  1 
ATOM   1040 C CG  . LEU A 1 150 ? -9.133  5.115   11.561  1.00 48.48 ? 150 LEU A CG  1 
ATOM   1041 C CD1 . LEU A 1 150 ? -7.707  5.525   11.314  1.00 48.55 ? 150 LEU A CD1 1 
ATOM   1042 C CD2 . LEU A 1 150 ? -9.267  3.609   11.710  1.00 47.70 ? 150 LEU A CD2 1 
ATOM   1043 N N   . CYS A 1 151 ? -12.321 7.263   14.618  1.00 52.38 ? 151 CYS A N   1 
ATOM   1044 C CA  . CYS A 1 151 ? -12.770 7.697   15.946  1.00 53.88 ? 151 CYS A CA  1 
ATOM   1045 C C   . CYS A 1 151 ? -13.771 6.698   16.532  1.00 54.15 ? 151 CYS A C   1 
ATOM   1046 O O   . CYS A 1 151 ? -13.928 6.607   17.746  1.00 54.11 ? 151 CYS A O   1 
ATOM   1047 C CB  . CYS A 1 151 ? -13.389 9.100   15.906  1.00 53.85 ? 151 CYS A CB  1 
ATOM   1048 S SG  . CYS A 1 151 ? -12.211 10.449  15.547  1.00 57.75 ? 151 CYS A SG  1 
ATOM   1049 N N   . HIS A 1 152 ? -14.422 5.938   15.654  1.00 54.39 ? 152 HIS A N   1 
ATOM   1050 C CA  . HIS A 1 152 ? -15.482 5.032   16.046  1.00 54.95 ? 152 HIS A CA  1 
ATOM   1051 C C   . HIS A 1 152 ? -15.175 3.566   15.706  1.00 54.09 ? 152 HIS A C   1 
ATOM   1052 O O   . HIS A 1 152 ? -16.030 2.686   15.922  1.00 53.98 ? 152 HIS A O   1 
ATOM   1053 C CB  . HIS A 1 152 ? -16.795 5.466   15.362  1.00 56.30 ? 152 HIS A CB  1 
ATOM   1054 C CG  . HIS A 1 152 ? -17.207 6.878   15.670  1.00 60.66 ? 152 HIS A CG  1 
ATOM   1055 N ND1 . HIS A 1 152 ? -16.841 7.953   14.880  1.00 64.62 ? 152 HIS A ND1 1 
ATOM   1056 C CD2 . HIS A 1 152 ? -17.946 7.394   16.686  1.00 63.63 ? 152 HIS A CD2 1 
ATOM   1057 C CE1 . HIS A 1 152 ? -17.347 9.066   15.389  1.00 65.20 ? 152 HIS A CE1 1 
ATOM   1058 N NE2 . HIS A 1 152 ? -18.019 8.754   16.486  1.00 64.77 ? 152 HIS A NE2 1 
ATOM   1059 N N   . LYS A 1 153 ? -13.976 3.307   15.156  1.00 52.48 ? 153 LYS A N   1 
ATOM   1060 C CA  . LYS A 1 153 ? -13.589 1.964   14.675  1.00 50.76 ? 153 LYS A CA  1 
ATOM   1061 C C   . LYS A 1 153 ? -12.108 1.665   14.919  1.00 49.96 ? 153 LYS A C   1 
ATOM   1062 O O   . LYS A 1 153 ? -11.270 2.558   14.812  1.00 49.92 ? 153 LYS A O   1 
ATOM   1063 C CB  . LYS A 1 153 ? -13.896 1.810   13.181  1.00 50.78 ? 153 LYS A CB  1 
ATOM   1064 C CG  . LYS A 1 153 ? -15.368 1.977   12.767  1.00 50.63 ? 153 LYS A CG  1 
ATOM   1065 C CD  . LYS A 1 153 ? -15.595 1.600   11.301  1.00 50.16 ? 153 LYS A CD  1 
ATOM   1066 C CE  . LYS A 1 153 ? -17.059 1.717   10.885  1.00 51.69 ? 153 LYS A CE  1 
ATOM   1067 N NZ  . LYS A 1 153 ? -17.895 0.621   11.480  1.00 53.50 ? 153 LYS A NZ  1 
ATOM   1068 N N   . THR A 1 154 ? -11.784 0.410   15.245  1.00 48.51 ? 154 THR A N   1 
ATOM   1069 C CA  . THR A 1 154 ? -10.386 -0.017  15.407  1.00 47.83 ? 154 THR A CA  1 
ATOM   1070 C C   . THR A 1 154 ? -9.631  0.082   14.059  1.00 46.96 ? 154 THR A C   1 
ATOM   1071 O O   . THR A 1 154 ? -8.681  0.852   13.931  1.00 47.57 ? 154 THR A O   1 
ATOM   1072 C CB  . THR A 1 154 ? -10.307 -1.455  15.981  1.00 47.42 ? 154 THR A CB  1 
ATOM   1073 O OG1 . THR A 1 154 ? -10.932 -1.472  17.261  1.00 50.07 ? 154 THR A OG1 1 
ATOM   1074 C CG2 . THR A 1 154 ? -8.873  -1.940  16.140  1.00 47.37 ? 154 THR A CG2 1 
ATOM   1075 N N   . TYR A 1 155 ? -10.079 -0.691  13.072  1.00 45.46 ? 155 TYR A N   1 
ATOM   1076 C CA  . TYR A 1 155 ? -9.541  -0.646  11.715  1.00 43.93 ? 155 TYR A CA  1 
ATOM   1077 C C   . TYR A 1 155 ? -10.549 0.056   10.808  1.00 43.45 ? 155 TYR A C   1 
ATOM   1078 O O   . TYR A 1 155 ? -11.672 0.351   11.247  1.00 42.97 ? 155 TYR A O   1 
ATOM   1079 C CB  . TYR A 1 155 ? -9.238  -2.064  11.240  1.00 43.36 ? 155 TYR A CB  1 
ATOM   1080 C CG  . TYR A 1 155 ? -8.254  -2.760  12.157  1.00 43.66 ? 155 TYR A CG  1 
ATOM   1081 C CD1 . TYR A 1 155 ? -6.961  -2.258  12.318  1.00 42.37 ? 155 TYR A CD1 1 
ATOM   1082 C CD2 . TYR A 1 155 ? -8.618  -3.904  12.877  1.00 45.37 ? 155 TYR A CD2 1 
ATOM   1083 C CE1 . TYR A 1 155 ? -6.056  -2.863  13.141  1.00 45.22 ? 155 TYR A CE1 1 
ATOM   1084 C CE2 . TYR A 1 155 ? -7.691  -4.540  13.731  1.00 45.75 ? 155 TYR A CE2 1 
ATOM   1085 C CZ  . TYR A 1 155 ? -6.422  -4.007  13.857  1.00 46.25 ? 155 TYR A CZ  1 
ATOM   1086 O OH  . TYR A 1 155 ? -5.489  -4.586  14.676  1.00 47.34 ? 155 TYR A OH  1 
ATOM   1087 N N   . LEU A 1 156 ? -10.149 0.363   9.567   1.00 41.95 ? 156 LEU A N   1 
ATOM   1088 C CA  . LEU A 1 156 ? -11.032 1.045   8.620   1.00 41.06 ? 156 LEU A CA  1 
ATOM   1089 C C   . LEU A 1 156 ? -12.436 0.447   8.490   1.00 41.61 ? 156 LEU A C   1 
ATOM   1090 O O   . LEU A 1 156 ? -13.396 1.190   8.362   1.00 40.72 ? 156 LEU A O   1 
ATOM   1091 C CB  . LEU A 1 156 ? -10.388 1.139   7.247   1.00 40.30 ? 156 LEU A CB  1 
ATOM   1092 C CG  . LEU A 1 156 ? -9.183  2.056   7.161   1.00 38.33 ? 156 LEU A CG  1 
ATOM   1093 C CD1 . LEU A 1 156 ? -8.688  2.049   5.720   1.00 39.96 ? 156 LEU A CD1 1 
ATOM   1094 C CD2 . LEU A 1 156 ? -9.523  3.475   7.665   1.00 34.87 ? 156 LEU A CD2 1 
ATOM   1095 N N   . ASN A 1 157 ? -12.545 -0.882  8.538   1.00 42.32 ? 157 ASN A N   1 
ATOM   1096 C CA  . ASN A 1 157 ? -13.846 -1.566  8.484   1.00 44.36 ? 157 ASN A CA  1 
ATOM   1097 C C   . ASN A 1 157 ? -14.364 -2.161  9.823   1.00 45.27 ? 157 ASN A C   1 
ATOM   1098 O O   . ASN A 1 157 ? -15.147 -3.117  9.845   1.00 46.06 ? 157 ASN A O   1 
ATOM   1099 C CB  . ASN A 1 157 ? -13.842 -2.636  7.395   1.00 43.74 ? 157 ASN A CB  1 
ATOM   1100 C CG  . ASN A 1 157 ? -15.240 -2.925  6.855   1.00 46.26 ? 157 ASN A CG  1 
ATOM   1101 O OD1 . ASN A 1 157 ? -16.059 -2.014  6.702   1.00 47.47 ? 157 ASN A OD1 1 
ATOM   1102 N ND2 . ASN A 1 157 ? -15.523 -4.204  6.575   1.00 46.92 ? 157 ASN A ND2 1 
ATOM   1103 N N   . GLY A 1 158 ? -13.924 -1.604  10.942  1.00 46.54 ? 158 GLY A N   1 
ATOM   1104 C CA  . GLY A 1 158 ? -14.407 -2.056  12.253  1.00 46.69 ? 158 GLY A CA  1 
ATOM   1105 C C   . GLY A 1 158 ? -13.365 -2.867  12.991  1.00 46.90 ? 158 GLY A C   1 
ATOM   1106 O O   . GLY A 1 158 ? -12.208 -2.467  13.060  1.00 46.97 ? 158 GLY A O   1 
ATOM   1107 N N   . ASP A 1 159 ? -13.767 -4.024  13.519  1.00 47.34 ? 159 ASP A N   1 
ATOM   1108 C CA  . ASP A 1 159 ? -12.926 -4.763  14.479  1.00 47.32 ? 159 ASP A CA  1 
ATOM   1109 C C   . ASP A 1 159 ? -11.824 -5.559  13.824  1.00 47.10 ? 159 ASP A C   1 
ATOM   1110 O O   . ASP A 1 159 ? -10.762 -5.752  14.424  1.00 47.69 ? 159 ASP A O   1 
ATOM   1111 C CB  . ASP A 1 159 ? -13.762 -5.699  15.369  1.00 47.57 ? 159 ASP A CB  1 
ATOM   1112 C CG  . ASP A 1 159 ? -14.756 -4.950  16.241  1.00 48.93 ? 159 ASP A CG  1 
ATOM   1113 O OD1 . ASP A 1 159 ? -15.869 -5.476  16.431  1.00 50.86 ? 159 ASP A OD1 1 
ATOM   1114 O OD2 . ASP A 1 159 ? -14.443 -3.833  16.713  1.00 50.46 ? 159 ASP A OD2 1 
ATOM   1115 N N   . HIS A 1 160 ? -12.078 -6.027  12.610  1.00 46.05 ? 160 HIS A N   1 
ATOM   1116 C CA  . HIS A 1 160 ? -11.120 -6.845  11.903  1.00 46.72 ? 160 HIS A CA  1 
ATOM   1117 C C   . HIS A 1 160 ? -10.436 -6.114  10.743  1.00 45.52 ? 160 HIS A C   1 
ATOM   1118 O O   . HIS A 1 160 ? -10.988 -5.171  10.152  1.00 46.01 ? 160 HIS A O   1 
ATOM   1119 C CB  . HIS A 1 160 ? -11.797 -8.134  11.409  1.00 48.07 ? 160 HIS A CB  1 
ATOM   1120 C CG  . HIS A 1 160 ? -12.372 -8.966  12.522  1.00 50.42 ? 160 HIS A CG  1 
ATOM   1121 N ND1 . HIS A 1 160 ? -13.727 -9.031  12.781  1.00 50.06 ? 160 HIS A ND1 1 
ATOM   1122 C CD2 . HIS A 1 160 ? -11.769 -9.735  13.463  1.00 51.40 ? 160 HIS A CD2 1 
ATOM   1123 C CE1 . HIS A 1 160 ? -13.935 -9.820  13.820  1.00 51.22 ? 160 HIS A CE1 1 
ATOM   1124 N NE2 . HIS A 1 160 ? -12.765 -10.259 14.252  1.00 52.59 ? 160 HIS A NE2 1 
ATOM   1125 N N   . VAL A 1 161 ? -9.245  -6.593  10.414  1.00 43.58 ? 161 VAL A N   1 
ATOM   1126 C CA  . VAL A 1 161 ? -8.414  -6.041  9.368   1.00 41.41 ? 161 VAL A CA  1 
ATOM   1127 C C   . VAL A 1 161 ? -8.949  -6.377  7.982   1.00 40.23 ? 161 VAL A C   1 
ATOM   1128 O O   . VAL A 1 161 ? -9.422  -7.508  7.733   1.00 38.91 ? 161 VAL A O   1 
ATOM   1129 C CB  . VAL A 1 161 ? -6.974  -6.556  9.502   1.00 41.43 ? 161 VAL A CB  1 
ATOM   1130 C CG1 . VAL A 1 161 ? -6.250  -6.510  8.173   1.00 41.87 ? 161 VAL A CG1 1 
ATOM   1131 C CG2 . VAL A 1 161 ? -6.238  -5.741  10.523  1.00 42.47 ? 161 VAL A CG2 1 
ATOM   1132 N N   . THR A 1 162 ? -8.884  -5.380  7.094   1.00 38.36 ? 162 THR A N   1 
ATOM   1133 C CA  . THR A 1 162 ? -9.220  -5.579  5.683   1.00 36.76 ? 162 THR A CA  1 
ATOM   1134 C C   . THR A 1 162 ? -8.093  -5.032  4.815   1.00 35.95 ? 162 THR A C   1 
ATOM   1135 O O   . THR A 1 162 ? -7.256  -4.284  5.314   1.00 35.18 ? 162 THR A O   1 
ATOM   1136 C CB  . THR A 1 162 ? -10.543 -4.871  5.331   1.00 37.11 ? 162 THR A CB  1 
ATOM   1137 O OG1 . THR A 1 162 ? -10.522 -3.515  5.803   1.00 37.11 ? 162 THR A OG1 1 
ATOM   1138 C CG2 . THR A 1 162 ? -11.721 -5.624  5.976   1.00 38.51 ? 162 THR A CG2 1 
ATOM   1139 N N   . HIS A 1 163 ? -8.069  -5.380  3.524   1.00 34.27 ? 163 HIS A N   1 
ATOM   1140 C CA  . HIS A 1 163 ? -6.948  -4.975  2.689   1.00 33.49 ? 163 HIS A CA  1 
ATOM   1141 C C   . HIS A 1 163 ? -6.713  -3.462  2.643   1.00 32.59 ? 163 HIS A C   1 
ATOM   1142 O O   . HIS A 1 163 ? -5.574  -3.068  2.616   1.00 34.23 ? 163 HIS A O   1 
ATOM   1143 C CB  . HIS A 1 163 ? -6.918  -5.644  1.293   1.00 32.85 ? 163 HIS A CB  1 
ATOM   1144 C CG  . HIS A 1 163 ? -7.932  -5.119  0.327   1.00 35.20 ? 163 HIS A CG  1 
ATOM   1145 N ND1 . HIS A 1 163 ? -9.215  -5.630  0.236   1.00 33.64 ? 163 HIS A ND1 1 
ATOM   1146 C CD2 . HIS A 1 163 ? -7.858  -4.117  -0.590  1.00 35.84 ? 163 HIS A CD2 1 
ATOM   1147 C CE1 . HIS A 1 163 ? -9.878  -4.980  -0.705  1.00 35.35 ? 163 HIS A CE1 1 
ATOM   1148 N NE2 . HIS A 1 163 ? -9.079  -4.060  -1.226  1.00 35.93 ? 163 HIS A NE2 1 
ATOM   1149 N N   . PRO A 1 164 ? -7.774  -2.617  2.660   1.00 32.11 ? 164 PRO A N   1 
ATOM   1150 C CA  . PRO A 1 164 ? -7.505  -1.178  2.649   1.00 30.51 ? 164 PRO A CA  1 
ATOM   1151 C C   . PRO A 1 164 ? -6.785  -0.694  3.893   1.00 29.94 ? 164 PRO A C   1 
ATOM   1152 O O   . PRO A 1 164 ? -6.157  0.380   3.870   1.00 29.26 ? 164 PRO A O   1 
ATOM   1153 C CB  . PRO A 1 164 ? -8.905  -0.549  2.569   1.00 31.36 ? 164 PRO A CB  1 
ATOM   1154 C CG  . PRO A 1 164 ? -9.777  -1.634  1.931   1.00 32.04 ? 164 PRO A CG  1 
ATOM   1155 C CD  . PRO A 1 164 ? -9.222  -2.907  2.518   1.00 31.36 ? 164 PRO A CD  1 
ATOM   1156 N N   . ASP A 1 165 ? -6.841  -1.451  4.988   1.00 29.27 ? 165 ASP A N   1 
ATOM   1157 C CA  . ASP A 1 165 ? -5.971  -1.097  6.144   1.00 28.70 ? 165 ASP A CA  1 
ATOM   1158 C C   . ASP A 1 165 ? -4.465  -1.092  5.769   1.00 27.27 ? 165 ASP A C   1 
ATOM   1159 O O   . ASP A 1 165 ? -3.709  -0.226  6.210   1.00 27.21 ? 165 ASP A O   1 
ATOM   1160 C CB  . ASP A 1 165 ? -6.193  -2.057  7.337   1.00 29.42 ? 165 ASP A CB  1 
ATOM   1161 C CG  . ASP A 1 165 ? -7.564  -1.879  7.975   1.00 30.41 ? 165 ASP A CG  1 
ATOM   1162 O OD1 . ASP A 1 165 ? -7.924  -0.740  8.349   1.00 33.02 ? 165 ASP A OD1 1 
ATOM   1163 O OD2 . ASP A 1 165 ? -8.281  -2.880  8.073   1.00 37.02 ? 165 ASP A OD2 1 
ATOM   1164 N N   . PHE A 1 166 ? -4.035  -2.086  5.008   1.00 25.80 ? 166 PHE A N   1 
ATOM   1165 C CA  . PHE A 1 166 ? -2.633  -2.132  4.603   1.00 26.84 ? 166 PHE A CA  1 
ATOM   1166 C C   . PHE A 1 166 ? -2.300  -1.087  3.523   1.00 26.63 ? 166 PHE A C   1 
ATOM   1167 O O   . PHE A 1 166 ? -1.170  -0.553  3.496   1.00 24.59 ? 166 PHE A O   1 
ATOM   1168 C CB  . PHE A 1 166 ? -2.231  -3.557  4.186   1.00 27.57 ? 166 PHE A CB  1 
ATOM   1169 C CG  . PHE A 1 166 ? -2.399  -4.559  5.311   1.00 28.39 ? 166 PHE A CG  1 
ATOM   1170 C CD1 . PHE A 1 166 ? -1.728  -4.364  6.541   1.00 29.68 ? 166 PHE A CD1 1 
ATOM   1171 C CD2 . PHE A 1 166 ? -3.246  -5.652  5.171   1.00 30.09 ? 166 PHE A CD2 1 
ATOM   1172 C CE1 . PHE A 1 166 ? -1.883  -5.293  7.609   1.00 32.05 ? 166 PHE A CE1 1 
ATOM   1173 C CE2 . PHE A 1 166 ? -3.417  -6.591  6.234   1.00 31.34 ? 166 PHE A CE2 1 
ATOM   1174 C CZ  . PHE A 1 166 ? -2.750  -6.406  7.448   1.00 31.10 ? 166 PHE A CZ  1 
ATOM   1175 N N   . MET A 1 167 ? -3.306  -0.733  2.706   1.00 25.53 ? 167 MET A N   1 
ATOM   1176 C CA  . MET A 1 167 ? -3.084  0.265   1.676   1.00 26.44 ? 167 MET A CA  1 
ATOM   1177 C C   . MET A 1 167 ? -2.934  1.592   2.395   1.00 26.18 ? 167 MET A C   1 
ATOM   1178 O O   . MET A 1 167 ? -2.093  2.390   2.039   1.00 27.55 ? 167 MET A O   1 
ATOM   1179 C CB  . MET A 1 167 ? -4.254  0.327   0.681   1.00 25.89 ? 167 MET A CB  1 
ATOM   1180 C CG  . MET A 1 167 ? -4.477  -0.939  -0.132  1.00 29.75 ? 167 MET A CG  1 
ATOM   1181 S SD  . MET A 1 167 ? -6.092  -0.842  -0.979  1.00 29.63 ? 167 MET A SD  1 
ATOM   1182 C CE  . MET A 1 167 ? -5.779  0.561   -2.074  1.00 26.96 ? 167 MET A CE  1 
ATOM   1183 N N   . LEU A 1 168 ? -3.753  1.829   3.416   1.00 27.05 ? 168 LEU A N   1 
ATOM   1184 C CA  . LEU A 1 168 ? -3.643  3.067   4.196   1.00 26.78 ? 168 LEU A CA  1 
ATOM   1185 C C   . LEU A 1 168 ? -2.331  3.152   4.957   1.00 27.24 ? 168 LEU A C   1 
ATOM   1186 O O   . LEU A 1 168 ? -1.680  4.222   5.017   1.00 27.23 ? 168 LEU A O   1 
ATOM   1187 C CB  . LEU A 1 168 ? -4.808  3.239   5.157   1.00 26.46 ? 168 LEU A CB  1 
ATOM   1188 C CG  . LEU A 1 168 ? -4.698  4.496   6.043   1.00 25.21 ? 168 LEU A CG  1 
ATOM   1189 C CD1 . LEU A 1 168 ? -4.565  5.751   5.200   1.00 23.78 ? 168 LEU A CD1 1 
ATOM   1190 C CD2 . LEU A 1 168 ? -5.873  4.633   7.023   1.00 26.23 ? 168 LEU A CD2 1 
ATOM   1191 N N   . TYR A 1 169 ? -1.936  2.030   5.549   1.00 27.55 ? 169 TYR A N   1 
ATOM   1192 C CA  . TYR A 1 169 ? -0.628  1.972   6.230   1.00 26.91 ? 169 TYR A CA  1 
ATOM   1193 C C   . TYR A 1 169 ? 0.513   2.445   5.309   1.00 26.60 ? 169 TYR A C   1 
ATOM   1194 O O   . TYR A 1 169 ? 1.314   3.304   5.661   1.00 26.61 ? 169 TYR A O   1 
ATOM   1195 C CB  . TYR A 1 169 ? -0.337  0.543   6.700   1.00 27.26 ? 169 TYR A CB  1 
ATOM   1196 C CG  . TYR A 1 169 ? 1.047   0.446   7.304   1.00 29.35 ? 169 TYR A CG  1 
ATOM   1197 C CD1 . TYR A 1 169 ? 1.258   0.839   8.624   1.00 28.56 ? 169 TYR A CD1 1 
ATOM   1198 C CD2 . TYR A 1 169 ? 2.147   0.035   6.546   1.00 28.85 ? 169 TYR A CD2 1 
ATOM   1199 C CE1 . TYR A 1 169 ? 2.486   0.803   9.180   1.00 30.24 ? 169 TYR A CE1 1 
ATOM   1200 C CE2 . TYR A 1 169 ? 3.398   -0.032  7.113   1.00 33.36 ? 169 TYR A CE2 1 
ATOM   1201 C CZ  . TYR A 1 169 ? 3.552   0.352   8.453   1.00 32.80 ? 169 TYR A CZ  1 
ATOM   1202 O OH  . TYR A 1 169 ? 4.790   0.363   9.059   1.00 35.51 ? 169 TYR A OH  1 
ATOM   1203 N N   . ASP A 1 170 ? 0.566   1.858   4.117   1.00 27.14 ? 170 ASP A N   1 
ATOM   1204 C CA  . ASP A 1 170 ? 1.572   2.173   3.117   1.00 28.04 ? 170 ASP A CA  1 
ATOM   1205 C C   . ASP A 1 170 ? 1.525   3.645   2.704   1.00 26.99 ? 170 ASP A C   1 
ATOM   1206 O O   . ASP A 1 170 ? 2.558   4.278   2.546   1.00 27.00 ? 170 ASP A O   1 
ATOM   1207 C CB  . ASP A 1 170 ? 1.341   1.259   1.895   1.00 29.31 ? 170 ASP A CB  1 
ATOM   1208 C CG  . ASP A 1 170 ? 2.129   1.707   0.671   1.00 32.16 ? 170 ASP A CG  1 
ATOM   1209 O OD1 . ASP A 1 170 ? 1.490   2.230   -0.302  1.00 33.10 ? 170 ASP A OD1 1 
ATOM   1210 O OD2 . ASP A 1 170 ? 3.376   1.533   0.695   1.00 32.41 ? 170 ASP A OD2 1 
ATOM   1211 N N   . ALA A 1 171 ? 0.317   4.183   2.546   1.00 26.50 ? 171 ALA A N   1 
ATOM   1212 C CA  . ALA A 1 171 ? 0.126   5.594   2.189   1.00 26.63 ? 171 ALA A CA  1 
ATOM   1213 C C   . ALA A 1 171 ? 0.664   6.495   3.303   1.00 27.76 ? 171 ALA A C   1 
ATOM   1214 O O   . ALA A 1 171 ? 1.323   7.506   3.028   1.00 28.23 ? 171 ALA A O   1 
ATOM   1215 C CB  . ALA A 1 171 ? -1.351  5.880   1.965   1.00 24.44 ? 171 ALA A CB  1 
ATOM   1216 N N   . LEU A 1 172 ? 0.374   6.143   4.556   1.00 28.52 ? 172 LEU A N   1 
ATOM   1217 C CA  . LEU A 1 172 ? 0.851   6.943   5.716   1.00 29.52 ? 172 LEU A CA  1 
ATOM   1218 C C   . LEU A 1 172 ? 2.370   6.917   5.787   1.00 29.90 ? 172 LEU A C   1 
ATOM   1219 O O   . LEU A 1 172 ? 3.021   7.958   5.952   1.00 30.04 ? 172 LEU A O   1 
ATOM   1220 C CB  . LEU A 1 172 ? 0.283   6.378   7.032   1.00 29.36 ? 172 LEU A CB  1 
ATOM   1221 C CG  . LEU A 1 172 ? -1.225  6.481   7.244   1.00 29.54 ? 172 LEU A CG  1 
ATOM   1222 C CD1 . LEU A 1 172 ? -1.632  5.807   8.561   1.00 29.63 ? 172 LEU A CD1 1 
ATOM   1223 C CD2 . LEU A 1 172 ? -1.675  7.965   7.199   1.00 26.03 ? 172 LEU A CD2 1 
ATOM   1224 N N   . ASP A 1 173 ? 2.934   5.733   5.598   1.00 29.91 ? 173 ASP A N   1 
ATOM   1225 C CA  . ASP A 1 173 ? 4.385   5.569   5.612   1.00 30.77 ? 173 ASP A CA  1 
ATOM   1226 C C   . ASP A 1 173 ? 5.024   6.478   4.539   1.00 31.21 ? 173 ASP A C   1 
ATOM   1227 O O   . ASP A 1 173 ? 6.017   7.182   4.801   1.00 31.95 ? 173 ASP A O   1 
ATOM   1228 C CB  . ASP A 1 173 ? 4.733   4.117   5.320   1.00 31.30 ? 173 ASP A CB  1 
ATOM   1229 C CG  . ASP A 1 173 ? 6.220   3.903   5.114   1.00 33.63 ? 173 ASP A CG  1 
ATOM   1230 O OD1 . ASP A 1 173 ? 6.983   4.243   6.035   1.00 40.10 ? 173 ASP A OD1 1 
ATOM   1231 O OD2 . ASP A 1 173 ? 6.633   3.399   4.049   1.00 34.96 ? 173 ASP A OD2 1 
ATOM   1232 N N   . VAL A 1 174 ? 4.431   6.479   3.347   1.00 29.94 ? 174 VAL A N   1 
ATOM   1233 C CA  . VAL A 1 174 ? 4.905   7.327   2.254   1.00 29.22 ? 174 VAL A CA  1 
ATOM   1234 C C   . VAL A 1 174 ? 4.768   8.834   2.519   1.00 29.78 ? 174 VAL A C   1 
ATOM   1235 O O   . VAL A 1 174 ? 5.738   9.567   2.345   1.00 30.40 ? 174 VAL A O   1 
ATOM   1236 C CB  . VAL A 1 174 ? 4.225   6.966   0.924   1.00 27.64 ? 174 VAL A CB  1 
ATOM   1237 C CG1 . VAL A 1 174 ? 4.656   7.927   -0.154  1.00 29.34 ? 174 VAL A CG1 1 
ATOM   1238 C CG2 . VAL A 1 174 ? 4.603   5.539   0.537   1.00 27.25 ? 174 VAL A CG2 1 
ATOM   1239 N N   . VAL A 1 175 ? 3.585   9.304   2.905   1.00 29.80 ? 175 VAL A N   1 
ATOM   1240 C CA  . VAL A 1 175 ? 3.443   10.758  3.106   1.00 31.18 ? 175 VAL A CA  1 
ATOM   1241 C C   . VAL A 1 175 ? 4.273   11.263  4.306   1.00 32.19 ? 175 VAL A C   1 
ATOM   1242 O O   . VAL A 1 175 ? 4.598   12.458  4.384   1.00 33.18 ? 175 VAL A O   1 
ATOM   1243 C CB  . VAL A 1 175 ? 1.974   11.230  3.214   1.00 29.79 ? 175 VAL A CB  1 
ATOM   1244 C CG1 . VAL A 1 175 ? 1.241   10.986  1.898   1.00 27.60 ? 175 VAL A CG1 1 
ATOM   1245 C CG2 . VAL A 1 175 ? 1.253   10.553  4.392   1.00 28.80 ? 175 VAL A CG2 1 
ATOM   1246 N N   . LEU A 1 176 ? 4.602   10.361  5.230   1.00 33.28 ? 176 LEU A N   1 
ATOM   1247 C CA  . LEU A 1 176 ? 5.527   10.703  6.324   1.00 35.31 ? 176 LEU A CA  1 
ATOM   1248 C C   . LEU A 1 176 ? 6.943   11.003  5.864   1.00 36.95 ? 176 LEU A C   1 
ATOM   1249 O O   . LEU A 1 176 ? 7.628   11.811  6.495   1.00 38.83 ? 176 LEU A O   1 
ATOM   1250 C CB  . LEU A 1 176 ? 5.540   9.666   7.445   1.00 35.42 ? 176 LEU A CB  1 
ATOM   1251 C CG  . LEU A 1 176 ? 4.333   9.812   8.377   1.00 35.73 ? 176 LEU A CG  1 
ATOM   1252 C CD1 . LEU A 1 176 ? 4.192   8.577   9.281   1.00 38.31 ? 176 LEU A CD1 1 
ATOM   1253 C CD2 . LEU A 1 176 ? 4.399   11.117  9.236   1.00 36.16 ? 176 LEU A CD2 1 
ATOM   1254 N N   . TYR A 1 177 ? 7.383   10.384  4.775   1.00 37.21 ? 177 TYR A N   1 
ATOM   1255 C CA  . TYR A 1 177 ? 8.635   10.780  4.155   1.00 38.42 ? 177 TYR A CA  1 
ATOM   1256 C C   . TYR A 1 177 ? 8.539   12.109  3.470   1.00 38.40 ? 177 TYR A C   1 
ATOM   1257 O O   . TYR A 1 177 ? 9.516   12.844  3.417   1.00 40.15 ? 177 TYR A O   1 
ATOM   1258 C CB  . TYR A 1 177 ? 9.122   9.756   3.142   1.00 38.12 ? 177 TYR A CB  1 
ATOM   1259 C CG  . TYR A 1 177 ? 9.742   8.577   3.800   1.00 39.59 ? 177 TYR A CG  1 
ATOM   1260 C CD1 . TYR A 1 177 ? 10.996  8.680   4.429   1.00 41.94 ? 177 TYR A CD1 1 
ATOM   1261 C CD2 . TYR A 1 177 ? 9.075   7.352   3.823   1.00 40.15 ? 177 TYR A CD2 1 
ATOM   1262 C CE1 . TYR A 1 177 ? 11.572  7.566   5.061   1.00 43.02 ? 177 TYR A CE1 1 
ATOM   1263 C CE2 . TYR A 1 177 ? 9.640   6.240   4.423   1.00 42.05 ? 177 TYR A CE2 1 
ATOM   1264 C CZ  . TYR A 1 177 ? 10.881  6.355   5.050   1.00 42.79 ? 177 TYR A CZ  1 
ATOM   1265 O OH  . TYR A 1 177 ? 11.421  5.242   5.640   1.00 44.52 ? 177 TYR A OH  1 
ATOM   1266 N N   . MET A 1 178 ? 7.373   12.405  2.918   1.00 38.43 ? 178 MET A N   1 
ATOM   1267 C CA  . MET A 1 178 ? 7.142   13.678  2.292   1.00 38.09 ? 178 MET A CA  1 
ATOM   1268 C C   . MET A 1 178 ? 7.031   14.854  3.273   1.00 38.91 ? 178 MET A C   1 
ATOM   1269 O O   . MET A 1 178 ? 7.442   15.941  2.941   1.00 39.39 ? 178 MET A O   1 
ATOM   1270 C CB  . MET A 1 178 ? 5.892   13.629  1.431   1.00 37.54 ? 178 MET A CB  1 
ATOM   1271 C CG  . MET A 1 178 ? 5.911   14.733  0.401   1.00 36.50 ? 178 MET A CG  1 
ATOM   1272 S SD  . MET A 1 178 ? 4.500   14.774  -0.665  1.00 41.06 ? 178 MET A SD  1 
ATOM   1273 C CE  . MET A 1 178 ? 4.980   13.513  -1.850  1.00 39.49 ? 178 MET A CE  1 
ATOM   1274 N N   . ASP A 1 179 ? 6.411   14.620  4.430   1.00 39.48 ? 179 ASP A N   1 
ATOM   1275 C CA  . ASP A 1 179 ? 6.144   15.623  5.449   1.00 39.68 ? 179 ASP A CA  1 
ATOM   1276 C C   . ASP A 1 179 ? 6.002   14.927  6.791   1.00 39.20 ? 179 ASP A C   1 
ATOM   1277 O O   . ASP A 1 179 ? 4.915   14.439  7.134   1.00 38.38 ? 179 ASP A O   1 
ATOM   1278 C CB  . ASP A 1 179 ? 4.846   16.368  5.152   1.00 40.49 ? 179 ASP A CB  1 
ATOM   1279 C CG  . ASP A 1 179 ? 4.531   17.423  6.204   1.00 43.14 ? 179 ASP A CG  1 
ATOM   1280 O OD1 . ASP A 1 179 ? 5.393   18.269  6.492   1.00 43.26 ? 179 ASP A OD1 1 
ATOM   1281 O OD2 . ASP A 1 179 ? 3.402   17.409  6.737   1.00 49.09 ? 179 ASP A OD2 1 
ATOM   1282 N N   . PRO A 1 180 ? 7.099   14.865  7.562   1.00 39.42 ? 180 PRO A N   1 
ATOM   1283 C CA  . PRO A 1 180 ? 7.084   14.145  8.838   1.00 40.34 ? 180 PRO A CA  1 
ATOM   1284 C C   . PRO A 1 180 ? 6.077   14.646  9.866   1.00 41.05 ? 180 PRO A C   1 
ATOM   1285 O O   . PRO A 1 180 ? 5.745   13.902  10.802  1.00 41.42 ? 180 PRO A O   1 
ATOM   1286 C CB  . PRO A 1 180 ? 8.523   14.312  9.337   1.00 41.01 ? 180 PRO A CB  1 
ATOM   1287 C CG  . PRO A 1 180 ? 9.321   14.354  8.040   1.00 40.57 ? 180 PRO A CG  1 
ATOM   1288 C CD  . PRO A 1 180 ? 8.467   15.204  7.145   1.00 39.28 ? 180 PRO A CD  1 
ATOM   1289 N N   . MET A 1 181 ? 5.546   15.855  9.673   1.00 41.66 ? 181 MET A N   1 
ATOM   1290 C CA  . MET A 1 181 ? 4.539   16.411  10.600  1.00 42.66 ? 181 MET A CA  1 
ATOM   1291 C C   . MET A 1 181 ? 3.078   16.265  10.117  1.00 42.88 ? 181 MET A C   1 
ATOM   1292 O O   . MET A 1 181 ? 2.146   16.631  10.860  1.00 42.10 ? 181 MET A O   1 
ATOM   1293 C CB  . MET A 1 181 ? 4.850   17.887  10.916  1.00 43.54 ? 181 MET A CB  1 
ATOM   1294 C CG  . MET A 1 181 ? 6.341   18.192  11.261  1.00 47.26 ? 181 MET A CG  1 
ATOM   1295 S SD  . MET A 1 181 ? 6.644   19.989  11.549  1.00 59.45 ? 181 MET A SD  1 
ATOM   1296 C CE  . MET A 1 181 ? 8.257   20.174  10.774  1.00 59.36 ? 181 MET A CE  1 
ATOM   1297 N N   . CYS A 1 182 ? 2.870   15.694  8.911   1.00 41.99 ? 182 CYS A N   1 
ATOM   1298 C CA  . CYS A 1 182 ? 1.519   15.606  8.333   1.00 42.63 ? 182 CYS A CA  1 
ATOM   1299 C C   . CYS A 1 182 ? 0.512   14.873  9.210   1.00 42.69 ? 182 CYS A C   1 
ATOM   1300 O O   . CYS A 1 182 ? -0.678  15.077  9.054   1.00 42.83 ? 182 CYS A O   1 
ATOM   1301 C CB  . CYS A 1 182 ? 1.511   15.018  6.905   1.00 42.31 ? 182 CYS A CB  1 
ATOM   1302 S SG  . CYS A 1 182 ? 1.919   13.279  6.796   1.00 44.20 ? 182 CYS A SG  1 
ATOM   1303 N N   . LEU A 1 183 ? 0.969   14.036  10.141  1.00 43.24 ? 183 LEU A N   1 
ATOM   1304 C CA  . LEU A 1 183 ? 0.014   13.358  11.036  1.00 44.19 ? 183 LEU A CA  1 
ATOM   1305 C C   . LEU A 1 183 ? -0.119  13.990  12.437  1.00 45.08 ? 183 LEU A C   1 
ATOM   1306 O O   . LEU A 1 183 ? -0.853  13.471  13.300  1.00 44.76 ? 183 LEU A O   1 
ATOM   1307 C CB  . LEU A 1 183 ? 0.304   11.859  11.138  1.00 43.83 ? 183 LEU A CB  1 
ATOM   1308 C CG  . LEU A 1 183 ? 0.360   11.103  9.807   1.00 43.98 ? 183 LEU A CG  1 
ATOM   1309 C CD1 . LEU A 1 183 ? 0.785   9.675   10.050  1.00 42.85 ? 183 LEU A CD1 1 
ATOM   1310 C CD2 . LEU A 1 183 ? -0.993  11.160  9.073   1.00 41.00 ? 183 LEU A CD2 1 
ATOM   1311 N N   . ASP A 1 184 ? 0.542   15.131  12.635  1.00 46.34 ? 184 ASP A N   1 
ATOM   1312 C CA  . ASP A 1 184 ? 0.523   15.784  13.950  1.00 47.70 ? 184 ASP A CA  1 
ATOM   1313 C C   . ASP A 1 184 ? -0.869  16.236  14.356  1.00 47.59 ? 184 ASP A C   1 
ATOM   1314 O O   . ASP A 1 184 ? -1.226  16.159  15.523  1.00 48.30 ? 184 ASP A O   1 
ATOM   1315 C CB  . ASP A 1 184 ? 1.541   16.923  14.012  1.00 48.86 ? 184 ASP A CB  1 
ATOM   1316 C CG  . ASP A 1 184 ? 2.973   16.413  14.160  1.00 50.46 ? 184 ASP A CG  1 
ATOM   1317 O OD1 . ASP A 1 184 ? 3.211   15.205  13.926  1.00 49.55 ? 184 ASP A OD1 1 
ATOM   1318 O OD2 . ASP A 1 184 ? 3.864   17.223  14.515  1.00 56.31 ? 184 ASP A OD2 1 
ATOM   1319 N N   . ALA A 1 185 ? -1.674  16.648  13.385  1.00 47.44 ? 185 ALA A N   1 
ATOM   1320 C CA  . ALA A 1 185 ? -3.077  16.974  13.635  1.00 46.63 ? 185 ALA A CA  1 
ATOM   1321 C C   . ALA A 1 185 ? -3.970  15.737  13.671  1.00 46.48 ? 185 ALA A C   1 
ATOM   1322 O O   . ALA A 1 185 ? -5.186  15.852  13.883  1.00 46.82 ? 185 ALA A O   1 
ATOM   1323 C CB  . ALA A 1 185 ? -3.589  17.948  12.588  1.00 46.59 ? 185 ALA A CB  1 
ATOM   1324 N N   . PHE A 1 186 ? -3.396  14.551  13.466  1.00 45.82 ? 186 PHE A N   1 
ATOM   1325 C CA  . PHE A 1 186 ? -4.229  13.349  13.349  1.00 44.66 ? 186 PHE A CA  1 
ATOM   1326 C C   . PHE A 1 186 ? -3.777  12.199  14.268  1.00 44.01 ? 186 PHE A C   1 
ATOM   1327 O O   . PHE A 1 186 ? -3.179  11.235  13.796  1.00 43.75 ? 186 PHE A O   1 
ATOM   1328 C CB  . PHE A 1 186 ? -4.285  12.893  11.878  1.00 44.87 ? 186 PHE A CB  1 
ATOM   1329 C CG  . PHE A 1 186 ? -4.768  13.967  10.917  1.00 44.93 ? 186 PHE A CG  1 
ATOM   1330 C CD1 . PHE A 1 186 ? -6.113  14.350  10.883  1.00 46.00 ? 186 PHE A CD1 1 
ATOM   1331 C CD2 . PHE A 1 186 ? -3.881  14.593  10.052  1.00 43.33 ? 186 PHE A CD2 1 
ATOM   1332 C CE1 . PHE A 1 186 ? -6.559  15.345  10.005  1.00 46.14 ? 186 PHE A CE1 1 
ATOM   1333 C CE2 . PHE A 1 186 ? -4.309  15.584  9.170   1.00 44.11 ? 186 PHE A CE2 1 
ATOM   1334 C CZ  . PHE A 1 186 ? -5.647  15.964  9.136   1.00 44.92 ? 186 PHE A CZ  1 
ATOM   1335 N N   . PRO A 1 187 ? -4.074  12.295  15.592  1.00 43.45 ? 187 PRO A N   1 
ATOM   1336 C CA  . PRO A 1 187 ? -3.756  11.241  16.566  1.00 41.91 ? 187 PRO A CA  1 
ATOM   1337 C C   . PRO A 1 187 ? -4.360  9.856   16.263  1.00 40.75 ? 187 PRO A C   1 
ATOM   1338 O O   . PRO A 1 187 ? -3.702  8.850   16.484  1.00 40.43 ? 187 PRO A O   1 
ATOM   1339 C CB  . PRO A 1 187 ? -4.355  11.792  17.881  1.00 42.48 ? 187 PRO A CB  1 
ATOM   1340 C CG  . PRO A 1 187 ? -5.407  12.795  17.431  1.00 43.01 ? 187 PRO A CG  1 
ATOM   1341 C CD  . PRO A 1 187 ? -4.733  13.443  16.259  1.00 43.60 ? 187 PRO A CD  1 
ATOM   1342 N N   . LYS A 1 188 ? -5.595  9.771   15.798  1.00 39.56 ? 188 LYS A N   1 
ATOM   1343 C CA  . LYS A 1 188 ? -6.138  8.437   15.505  1.00 39.83 ? 188 LYS A CA  1 
ATOM   1344 C C   . LYS A 1 188 ? -5.418  7.721   14.329  1.00 38.64 ? 188 LYS A C   1 
ATOM   1345 O O   . LYS A 1 188 ? -5.302  6.499   14.330  1.00 38.06 ? 188 LYS A O   1 
ATOM   1346 C CB  . LYS A 1 188 ? -7.648  8.448   15.324  1.00 40.14 ? 188 LYS A CB  1 
ATOM   1347 C CG  . LYS A 1 188 ? -8.433  8.528   16.666  1.00 45.02 ? 188 LYS A CG  1 
ATOM   1348 C CD  . LYS A 1 188 ? -8.198  7.240   17.495  1.00 50.73 ? 188 LYS A CD  1 
ATOM   1349 C CE  . LYS A 1 188 ? -9.383  6.855   18.382  1.00 54.92 ? 188 LYS A CE  1 
ATOM   1350 N NZ  . LYS A 1 188 ? -9.582  7.807   19.516  1.00 56.60 ? 188 LYS A NZ  1 
ATOM   1351 N N   . LEU A 1 189 ? -4.902  8.488   13.377  1.00 37.20 ? 189 LEU A N   1 
ATOM   1352 C CA  . LEU A 1 189 ? -4.061  7.911   12.312  1.00 37.80 ? 189 LEU A CA  1 
ATOM   1353 C C   . LEU A 1 189 ? -2.713  7.450   12.859  1.00 37.32 ? 189 LEU A C   1 
ATOM   1354 O O   . LEU A 1 189 ? -2.198  6.411   12.458  1.00 37.22 ? 189 LEU A O   1 
ATOM   1355 C CB  . LEU A 1 189 ? -3.878  8.894   11.145  1.00 36.46 ? 189 LEU A CB  1 
ATOM   1356 C CG  . LEU A 1 189 ? -5.144  9.105   10.295  1.00 36.33 ? 189 LEU A CG  1 
ATOM   1357 C CD1 . LEU A 1 189 ? -4.878  10.197  9.285   1.00 36.10 ? 189 LEU A CD1 1 
ATOM   1358 C CD2 . LEU A 1 189 ? -5.515  7.811   9.575   1.00 35.37 ? 189 LEU A CD2 1 
ATOM   1359 N N   . VAL A 1 190 ? -2.156  8.227   13.781  1.00 37.71 ? 190 VAL A N   1 
ATOM   1360 C CA  . VAL A 1 190 ? -0.868  7.880   14.399  1.00 37.89 ? 190 VAL A CA  1 
ATOM   1361 C C   . VAL A 1 190 ? -1.007  6.548   15.153  1.00 37.64 ? 190 VAL A C   1 
ATOM   1362 O O   . VAL A 1 190 ? -0.186  5.658   14.985  1.00 38.54 ? 190 VAL A O   1 
ATOM   1363 C CB  . VAL A 1 190 ? -0.372  9.009   15.322  1.00 37.53 ? 190 VAL A CB  1 
ATOM   1364 C CG1 . VAL A 1 190 ? 0.887   8.603   16.122  1.00 38.80 ? 190 VAL A CG1 1 
ATOM   1365 C CG2 . VAL A 1 190 ? -0.118  10.258  14.513  1.00 37.59 ? 190 VAL A CG2 1 
ATOM   1366 N N   . CYS A 1 191 ? -2.065  6.414   15.947  1.00 36.93 ? 191 CYS A N   1 
ATOM   1367 C CA  . CYS A 1 191 ? -2.308  5.215   16.728  0.50 36.76 ? 191 CYS A CA  1 
ATOM   1368 C C   . CYS A 1 191 ? -2.630  4.042   15.798  1.00 36.18 ? 191 CYS A C   1 
ATOM   1369 O O   . CYS A 1 191 ? -2.211  2.906   16.045  1.00 36.08 ? 191 CYS A O   1 
ATOM   1370 C CB  . CYS A 1 191 ? -3.445  5.476   17.716  0.50 36.59 ? 191 CYS A CB  1 
ATOM   1371 S SG  . CYS A 1 191 ? -3.768  4.145   18.839  0.50 39.78 ? 191 CYS A SG  1 
ATOM   1372 N N   . PHE A 1 192 ? -3.369  4.326   14.719  1.00 34.74 ? 192 PHE A N   1 
ATOM   1373 C CA  . PHE A 1 192 ? -3.643  3.324   13.693  1.00 33.36 ? 192 PHE A CA  1 
ATOM   1374 C C   . PHE A 1 192 ? -2.356  2.737   13.102  1.00 32.27 ? 192 PHE A C   1 
ATOM   1375 O O   . PHE A 1 192 ? -2.219  1.544   12.959  1.00 30.48 ? 192 PHE A O   1 
ATOM   1376 C CB  . PHE A 1 192 ? -4.505  3.927   12.575  1.00 32.89 ? 192 PHE A CB  1 
ATOM   1377 C CG  . PHE A 1 192 ? -4.649  3.034   11.378  1.00 32.09 ? 192 PHE A CG  1 
ATOM   1378 C CD1 . PHE A 1 192 ? -5.624  2.035   11.344  1.00 31.87 ? 192 PHE A CD1 1 
ATOM   1379 C CD2 . PHE A 1 192 ? -3.793  3.180   10.275  1.00 33.73 ? 192 PHE A CD2 1 
ATOM   1380 C CE1 . PHE A 1 192 ? -5.745  1.216   10.256  1.00 32.47 ? 192 PHE A CE1 1 
ATOM   1381 C CE2 . PHE A 1 192 ? -3.918  2.337   9.167   1.00 31.78 ? 192 PHE A CE2 1 
ATOM   1382 C CZ  . PHE A 1 192 ? -4.881  1.369   9.157   1.00 33.59 ? 192 PHE A CZ  1 
ATOM   1383 N N   . LYS A 1 193 ? -1.414  3.602   12.769  1.00 33.24 ? 193 LYS A N   1 
ATOM   1384 C CA  . LYS A 1 193 ? -0.179  3.151   12.136  1.00 34.98 ? 193 LYS A CA  1 
ATOM   1385 C C   . LYS A 1 193 ? 0.678   2.320   13.126  1.00 35.90 ? 193 LYS A C   1 
ATOM   1386 O O   . LYS A 1 193 ? 1.315   1.328   12.741  1.00 35.53 ? 193 LYS A O   1 
ATOM   1387 C CB  . LYS A 1 193 ? 0.583   4.354   11.597  1.00 34.31 ? 193 LYS A CB  1 
ATOM   1388 C CG  . LYS A 1 193 ? 1.938   4.028   11.011  1.00 35.33 ? 193 LYS A CG  1 
ATOM   1389 C CD  . LYS A 1 193 ? 2.559   5.247   10.373  1.00 36.91 ? 193 LYS A CD  1 
ATOM   1390 C CE  . LYS A 1 193 ? 3.809   4.853   9.549   1.00 37.12 ? 193 LYS A CE  1 
ATOM   1391 N NZ  . LYS A 1 193 ? 4.812   4.261   10.425  1.00 35.58 ? 193 LYS A NZ  1 
ATOM   1392 N N   . LYS A 1 194 ? 0.676   2.734   14.394  1.00 36.81 ? 194 LYS A N   1 
ATOM   1393 C CA  . LYS A 1 194 ? 1.331   1.951   15.449  1.00 37.76 ? 194 LYS A CA  1 
ATOM   1394 C C   . LYS A 1 194 ? 0.602   0.615   15.617  1.00 36.85 ? 194 LYS A C   1 
ATOM   1395 O O   . LYS A 1 194 ? 1.214   -0.424  15.754  1.00 36.49 ? 194 LYS A O   1 
ATOM   1396 C CB  . LYS A 1 194 ? 1.325   2.730   16.765  1.00 37.67 ? 194 LYS A CB  1 
ATOM   1397 C CG  . LYS A 1 194 ? 2.415   3.747   16.865  1.00 40.31 ? 194 LYS A CG  1 
ATOM   1398 C CD  . LYS A 1 194 ? 2.170   4.634   18.103  1.00 43.44 ? 194 LYS A CD  1 
ATOM   1399 C CE  . LYS A 1 194 ? 3.327   5.597   18.310  1.00 46.87 ? 194 LYS A CE  1 
ATOM   1400 N NZ  . LYS A 1 194 ? 3.720   6.217   17.022  1.00 49.79 ? 194 LYS A NZ  1 
ATOM   1401 N N   . ARG A 1 195 ? -0.715  0.653   15.594  1.00 36.98 ? 195 ARG A N   1 
ATOM   1402 C CA  . ARG A 1 195 ? -1.478  -0.567  15.728  1.00 37.16 ? 195 ARG A CA  1 
ATOM   1403 C C   . ARG A 1 195 ? -1.143  -1.584  14.628  1.00 36.76 ? 195 ARG A C   1 
ATOM   1404 O O   . ARG A 1 195 ? -0.971  -2.774  14.921  1.00 37.05 ? 195 ARG A O   1 
ATOM   1405 C CB  . ARG A 1 195 ? -2.979  -0.256  15.725  1.00 37.61 ? 195 ARG A CB  1 
ATOM   1406 C CG  . ARG A 1 195 ? -3.842  -1.403  16.267  1.00 40.06 ? 195 ARG A CG  1 
ATOM   1407 C CD  . ARG A 1 195 ? -5.335  -1.034  16.338  1.00 44.02 ? 195 ARG A CD  1 
ATOM   1408 N NE  . ARG A 1 195 ? -5.542  0.205   17.086  1.00 45.62 ? 195 ARG A NE  1 
ATOM   1409 C CZ  . ARG A 1 195 ? -6.069  1.325   16.592  1.00 46.44 ? 195 ARG A CZ  1 
ATOM   1410 N NH1 . ARG A 1 195 ? -6.188  2.388   17.372  1.00 48.97 ? 195 ARG A NH1 1 
ATOM   1411 N NH2 . ARG A 1 195 ? -6.478  1.401   15.337  1.00 47.01 ? 195 ARG A NH2 1 
ATOM   1412 N N   . ILE A 1 196 ? -1.090  -1.141  13.362  1.00 35.50 ? 196 ILE A N   1 
ATOM   1413 C CA  . ILE A 1 196 ? -0.763  -2.062  12.255  1.00 33.90 ? 196 ILE A CA  1 
ATOM   1414 C C   . ILE A 1 196 ? 0.607   -2.684  12.530  1.00 32.72 ? 196 ILE A C   1 
ATOM   1415 O O   . ILE A 1 196 ? 0.810   -3.868  12.371  1.00 32.47 ? 196 ILE A O   1 
ATOM   1416 C CB  . ILE A 1 196 ? -0.757  -1.355  10.849  1.00 33.63 ? 196 ILE A CB  1 
ATOM   1417 C CG1 . ILE A 1 196 ? -2.167  -0.865  10.443  1.00 32.82 ? 196 ILE A CG1 1 
ATOM   1418 C CG2 . ILE A 1 196 ? -0.170  -2.284  9.766   1.00 32.77 ? 196 ILE A CG2 1 
ATOM   1419 C CD1 . ILE A 1 196 ? -3.207  -1.988  10.307  1.00 32.61 ? 196 ILE A CD1 1 
ATOM   1420 N N   . GLU A 1 197 ? 1.534   -1.856  12.946  1.00 32.96 ? 197 GLU A N   1 
ATOM   1421 C CA  . GLU A 1 197 ? 2.890   -2.293  13.269  1.00 34.55 ? 197 GLU A CA  1 
ATOM   1422 C C   . GLU A 1 197 ? 2.955   -3.274  14.440  1.00 35.20 ? 197 GLU A C   1 
ATOM   1423 O O   . GLU A 1 197 ? 3.896   -4.076  14.508  1.00 34.67 ? 197 GLU A O   1 
ATOM   1424 C CB  . GLU A 1 197 ? 3.790   -1.073  13.527  1.00 34.26 ? 197 GLU A CB  1 
ATOM   1425 C CG  . GLU A 1 197 ? 4.167   -0.350  12.240  1.00 34.99 ? 197 GLU A CG  1 
ATOM   1426 C CD  . GLU A 1 197 ? 4.651   1.079   12.457  1.00 38.31 ? 197 GLU A CD  1 
ATOM   1427 O OE1 . GLU A 1 197 ? 4.523   1.616   13.583  1.00 37.11 ? 197 GLU A OE1 1 
ATOM   1428 O OE2 . GLU A 1 197 ? 5.159   1.685   11.476  1.00 38.97 ? 197 GLU A OE2 1 
ATOM   1429 N N   . ALA A 1 198 ? 1.958   -3.225  15.338  1.00 35.83 ? 198 ALA A N   1 
ATOM   1430 C CA  . ALA A 1 198 ? 1.941   -4.126  16.511  1.00 37.60 ? 198 ALA A CA  1 
ATOM   1431 C C   . ALA A 1 198 ? 1.361   -5.493  16.186  1.00 37.99 ? 198 ALA A C   1 
ATOM   1432 O O   . ALA A 1 198 ? 1.598   -6.441  16.929  1.00 39.10 ? 198 ALA A O   1 
ATOM   1433 C CB  . ALA A 1 198 ? 1.204   -3.503  17.710  1.00 37.64 ? 198 ALA A CB  1 
ATOM   1434 N N   . ILE A 1 199 ? 0.598   -5.608  15.101  1.00 38.19 ? 199 ILE A N   1 
ATOM   1435 C CA  . ILE A 1 199 ? 0.154   -6.928  14.641  1.00 38.47 ? 199 ILE A CA  1 
ATOM   1436 C C   . ILE A 1 199 ? 1.403   -7.830  14.604  1.00 38.22 ? 199 ILE A C   1 
ATOM   1437 O O   . ILE A 1 199 ? 2.381   -7.492  13.945  1.00 37.49 ? 199 ILE A O   1 
ATOM   1438 C CB  . ILE A 1 199 ? -0.484  -6.866  13.231  1.00 38.70 ? 199 ILE A CB  1 
ATOM   1439 C CG1 . ILE A 1 199 ? -1.609  -5.807  13.163  1.00 41.14 ? 199 ILE A CG1 1 
ATOM   1440 C CG2 . ILE A 1 199 ? -0.952  -8.245  12.751  1.00 37.53 ? 199 ILE A CG2 1 
ATOM   1441 C CD1 . ILE A 1 199 ? -2.964  -6.304  13.497  1.00 44.75 ? 199 ILE A CD1 1 
ATOM   1442 N N   . PRO A 1 200 ? 1.383   -8.971  15.327  1.00 38.67 ? 200 PRO A N   1 
ATOM   1443 C CA  . PRO A 1 200 ? 2.608   -9.799  15.420  1.00 38.15 ? 200 PRO A CA  1 
ATOM   1444 C C   . PRO A 1 200 ? 3.213   -10.236 14.083  1.00 37.63 ? 200 PRO A C   1 
ATOM   1445 O O   . PRO A 1 200 ? 4.426   -10.249 13.951  1.00 37.20 ? 200 PRO A O   1 
ATOM   1446 C CB  . PRO A 1 200 ? 2.151   -11.005 16.269  1.00 37.82 ? 200 PRO A CB  1 
ATOM   1447 C CG  . PRO A 1 200 ? 1.077   -10.372 17.177  1.00 38.18 ? 200 PRO A CG  1 
ATOM   1448 C CD  . PRO A 1 200 ? 0.316   -9.477  16.220  1.00 38.66 ? 200 PRO A CD  1 
ATOM   1449 N N   . GLN A 1 201 ? 2.391   -10.611 13.102  1.00 38.59 ? 201 GLN A N   1 
ATOM   1450 C CA  . GLN A 1 201 ? 2.915   -11.020 11.763  1.00 38.20 ? 201 GLN A CA  1 
ATOM   1451 C C   . GLN A 1 201 ? 3.587   -9.843  11.042  1.00 37.36 ? 201 GLN A C   1 
ATOM   1452 O O   . GLN A 1 201 ? 4.570   -10.006 10.297  1.00 37.05 ? 201 GLN A O   1 
ATOM   1453 C CB  . GLN A 1 201 ? 1.788   -11.470 10.838  1.00 39.10 ? 201 GLN A CB  1 
ATOM   1454 C CG  . GLN A 1 201 ? 0.993   -12.630 11.289  1.00 42.26 ? 201 GLN A CG  1 
ATOM   1455 C CD  . GLN A 1 201 ? -0.264  -12.216 11.987  1.00 44.25 ? 201 GLN A CD  1 
ATOM   1456 O OE1 . GLN A 1 201 ? -0.225  -11.550 13.017  1.00 43.96 ? 201 GLN A OE1 1 
ATOM   1457 N NE2 . GLN A 1 201 ? -1.403  -12.622 11.434  1.00 44.77 ? 201 GLN A NE2 1 
ATOM   1458 N N   . ILE A 1 202 ? 3.021   -8.661  11.247  1.00 35.57 ? 202 ILE A N   1 
ATOM   1459 C CA  . ILE A 1 202 ? 3.529   -7.468  10.624  1.00 35.30 ? 202 ILE A CA  1 
ATOM   1460 C C   . ILE A 1 202 ? 4.785   -6.977  11.322  1.00 35.70 ? 202 ILE A C   1 
ATOM   1461 O O   . ILE A 1 202 ? 5.753   -6.610  10.665  1.00 36.29 ? 202 ILE A O   1 
ATOM   1462 C CB  . ILE A 1 202 ? 2.466   -6.320  10.591  1.00 34.28 ? 202 ILE A CB  1 
ATOM   1463 C CG1 . ILE A 1 202 ? 1.224   -6.726  9.757   1.00 32.87 ? 202 ILE A CG1 1 
ATOM   1464 C CG2 . ILE A 1 202 ? 3.139   -5.033  10.059  1.00 33.20 ? 202 ILE A CG2 1 
ATOM   1465 C CD1 . ILE A 1 202 ? 1.554   -7.405  8.382   1.00 33.38 ? 202 ILE A CD1 1 
ATOM   1466 N N   . ASP A 1 203 ? 4.761   -6.935  12.648  1.00 35.90 ? 203 ASP A N   1 
ATOM   1467 C CA  . ASP A 1 203 ? 5.979   -6.607  13.387  1.00 37.55 ? 203 ASP A CA  1 
ATOM   1468 C C   . ASP A 1 203 ? 7.175   -7.485  12.948  1.00 37.36 ? 203 ASP A C   1 
ATOM   1469 O O   . ASP A 1 203 ? 8.294   -6.993  12.745  1.00 38.09 ? 203 ASP A O   1 
ATOM   1470 C CB  . ASP A 1 203 ? 5.746   -6.759  14.891  1.00 37.77 ? 203 ASP A CB  1 
ATOM   1471 C CG  . ASP A 1 203 ? 7.035   -6.755  15.675  1.00 39.34 ? 203 ASP A CG  1 
ATOM   1472 O OD1 . ASP A 1 203 ? 7.521   -7.855  16.017  1.00 45.11 ? 203 ASP A OD1 1 
ATOM   1473 O OD2 . ASP A 1 203 ? 7.572   -5.673  15.940  1.00 42.12 ? 203 ASP A OD2 1 
ATOM   1474 N N   . LYS A 1 204 ? 6.922   -8.777  12.816  1.00 37.18 ? 204 LYS A N   1 
ATOM   1475 C CA  . LYS A 1 204 ? 7.937   -9.745  12.408  1.00 38.36 ? 204 LYS A CA  1 
ATOM   1476 C C   . LYS A 1 204 ? 8.455   -9.458  11.005  1.00 37.40 ? 204 LYS A C   1 
ATOM   1477 O O   . LYS A 1 204 ? 9.655   -9.492  10.755  1.00 36.75 ? 204 LYS A O   1 
ATOM   1478 C CB  . LYS A 1 204 ? 7.342   -11.148 12.443  1.00 38.53 ? 204 LYS A CB  1 
ATOM   1479 C CG  . LYS A 1 204 ? 8.343   -12.232 12.215  1.00 43.00 ? 204 LYS A CG  1 
ATOM   1480 C CD  . LYS A 1 204 ? 7.712   -13.599 12.413  1.00 49.04 ? 204 LYS A CD  1 
ATOM   1481 C CE  . LYS A 1 204 ? 8.612   -14.710 11.849  1.00 51.98 ? 204 LYS A CE  1 
ATOM   1482 N NZ  . LYS A 1 204 ? 7.856   -15.989 11.816  1.00 53.09 ? 204 LYS A NZ  1 
ATOM   1483 N N   . TYR A 1 205 ? 7.532   -9.165  10.092  1.00 36.93 ? 205 TYR A N   1 
ATOM   1484 C CA  . TYR A 1 205 ? 7.885   -8.891  8.704   1.00 35.97 ? 205 TYR A CA  1 
ATOM   1485 C C   . TYR A 1 205 ? 8.701   -7.633  8.609   1.00 35.85 ? 205 TYR A C   1 
ATOM   1486 O O   . TYR A 1 205 ? 9.711   -7.599  7.890   1.00 36.25 ? 205 TYR A O   1 
ATOM   1487 C CB  . TYR A 1 205 ? 6.621   -8.746  7.838   1.00 35.57 ? 205 TYR A CB  1 
ATOM   1488 C CG  . TYR A 1 205 ? 6.916   -8.377  6.400   1.00 35.46 ? 205 TYR A CG  1 
ATOM   1489 C CD1 . TYR A 1 205 ? 7.558   -9.274  5.543   1.00 35.30 ? 205 TYR A CD1 1 
ATOM   1490 C CD2 . TYR A 1 205 ? 6.541   -7.140  5.894   1.00 35.17 ? 205 TYR A CD2 1 
ATOM   1491 C CE1 . TYR A 1 205 ? 7.801   -8.944  4.223   1.00 33.61 ? 205 TYR A CE1 1 
ATOM   1492 C CE2 . TYR A 1 205 ? 6.791   -6.805  4.588   1.00 34.22 ? 205 TYR A CE2 1 
ATOM   1493 C CZ  . TYR A 1 205 ? 7.424   -7.706  3.760   1.00 33.48 ? 205 TYR A CZ  1 
ATOM   1494 O OH  . TYR A 1 205 ? 7.659   -7.367  2.455   1.00 33.39 ? 205 TYR A OH  1 
ATOM   1495 N N   . LEU A 1 206 ? 8.262   -6.583  9.309   1.00 35.58 ? 206 LEU A N   1 
ATOM   1496 C CA  . LEU A 1 206 ? 8.992   -5.310  9.275   1.00 35.77 ? 206 LEU A CA  1 
ATOM   1497 C C   . LEU A 1 206 ? 10.436  -5.412  9.754   1.00 36.35 ? 206 LEU A C   1 
ATOM   1498 O O   . LEU A 1 206 ? 11.306  -4.664  9.298   1.00 36.03 ? 206 LEU A O   1 
ATOM   1499 C CB  . LEU A 1 206 ? 8.246   -4.223  10.050  1.00 35.65 ? 206 LEU A CB  1 
ATOM   1500 C CG  . LEU A 1 206 ? 6.878   -3.825  9.432   1.00 37.32 ? 206 LEU A CG  1 
ATOM   1501 C CD1 . LEU A 1 206 ? 6.180   -2.759  10.291  1.00 34.56 ? 206 LEU A CD1 1 
ATOM   1502 C CD2 . LEU A 1 206 ? 6.985   -3.373  7.946   1.00 34.27 ? 206 LEU A CD2 1 
ATOM   1503 N N   . LYS A 1 207 ? 10.697  -6.344  10.665  1.00 37.12 ? 207 LYS A N   1 
ATOM   1504 C CA  . LYS A 1 207 ? 12.061  -6.549  11.162  1.00 38.51 ? 207 LYS A CA  1 
ATOM   1505 C C   . LYS A 1 207 ? 12.824  -7.607  10.368  1.00 38.04 ? 207 LYS A C   1 
ATOM   1506 O O   . LYS A 1 207 ? 14.007  -7.813  10.621  1.00 38.66 ? 207 LYS A O   1 
ATOM   1507 C CB  . LYS A 1 207 ? 12.049  -6.910  12.661  1.00 38.60 ? 207 LYS A CB  1 
ATOM   1508 C CG  . LYS A 1 207 ? 11.744  -5.737  13.552  1.00 41.41 ? 207 LYS A CG  1 
ATOM   1509 C CD  . LYS A 1 207 ? 11.163  -6.178  14.892  1.00 46.94 ? 207 LYS A CD  1 
ATOM   1510 C CE  . LYS A 1 207 ? 10.764  -4.938  15.696  1.00 50.14 ? 207 LYS A CE  1 
ATOM   1511 N NZ  . LYS A 1 207 ? 10.541  -5.256  17.128  1.00 52.77 ? 207 LYS A NZ  1 
ATOM   1512 N N   . SER A 1 208 ? 12.146  -8.276  9.435   1.00 37.22 ? 208 SER A N   1 
ATOM   1513 C CA  . SER A 1 208 ? 12.739  -9.394  8.683   1.00 37.06 ? 208 SER A CA  1 
ATOM   1514 C C   . SER A 1 208 ? 13.629  -8.921  7.554   1.00 37.26 ? 208 SER A C   1 
ATOM   1515 O O   . SER A 1 208 ? 13.692  -7.731  7.242   1.00 37.18 ? 208 SER A O   1 
ATOM   1516 C CB  . SER A 1 208 ? 11.676  -10.349 8.122   1.00 36.58 ? 208 SER A CB  1 
ATOM   1517 O OG  . SER A 1 208 ? 11.013  -9.767  7.002   1.00 35.58 ? 208 SER A OG  1 
ATOM   1518 N N   . SER A 1 209 ? 14.307  -9.888  6.954   1.00 37.01 ? 209 SER A N   1 
ATOM   1519 C CA  . SER A 1 209 ? 15.177  -9.676  5.814   1.00 37.83 ? 209 SER A CA  1 
ATOM   1520 C C   . SER A 1 209 ? 14.415  -9.526  4.488   1.00 38.01 ? 209 SER A C   1 
ATOM   1521 O O   . SER A 1 209 ? 14.991  -9.105  3.502   1.00 39.00 ? 209 SER A O   1 
ATOM   1522 C CB  . SER A 1 209 ? 16.140  -10.855 5.714   1.00 36.62 ? 209 SER A CB  1 
ATOM   1523 O OG  . SER A 1 209 ? 15.437  -12.033 5.351   1.00 37.78 ? 209 SER A OG  1 
ATOM   1524 N N   . LYS A 1 210 ? 13.137  -9.884  4.466   1.00 38.59 ? 210 LYS A N   1 
ATOM   1525 C CA  . LYS A 1 210 ? 12.284  -9.707  3.272   1.00 39.23 ? 210 LYS A CA  1 
ATOM   1526 C C   . LYS A 1 210 ? 11.753  -8.286  3.086   1.00 38.66 ? 210 LYS A C   1 
ATOM   1527 O O   . LYS A 1 210 ? 11.298  -7.926  1.992   1.00 39.21 ? 210 LYS A O   1 
ATOM   1528 C CB  . LYS A 1 210 ? 11.094  -10.684 3.307   1.00 39.11 ? 210 LYS A CB  1 
ATOM   1529 C CG  . LYS A 1 210 ? 11.496  -12.181 3.381   1.00 42.22 ? 210 LYS A CG  1 
ATOM   1530 C CD  . LYS A 1 210 ? 10.355  -13.159 2.990   1.00 47.27 ? 210 LYS A CD  1 
ATOM   1531 C CE  . LYS A 1 210 ? 9.151   -13.163 3.968   1.00 51.28 ? 210 LYS A CE  1 
ATOM   1532 N NZ  . LYS A 1 210 ? 8.025   -14.120 3.515   1.00 50.13 ? 210 LYS A NZ  1 
ATOM   1533 N N   . TYR A 1 211 ? 11.790  -7.497  4.158   1.00 37.76 ? 211 TYR A N   1 
ATOM   1534 C CA  . TYR A 1 211 ? 11.233  -6.153  4.157   1.00 37.05 ? 211 TYR A CA  1 
ATOM   1535 C C   . TYR A 1 211 ? 11.995  -5.219  3.238   1.00 36.72 ? 211 TYR A C   1 
ATOM   1536 O O   . TYR A 1 211 ? 13.212  -5.103  3.325   1.00 37.55 ? 211 TYR A O   1 
ATOM   1537 C CB  . TYR A 1 211 ? 11.198  -5.586  5.583   1.00 36.80 ? 211 TYR A CB  1 
ATOM   1538 C CG  . TYR A 1 211 ? 10.724  -4.151  5.661   1.00 36.56 ? 211 TYR A CG  1 
ATOM   1539 C CD1 . TYR A 1 211 ? 9.471   -3.781  5.167   1.00 34.18 ? 211 TYR A CD1 1 
ATOM   1540 C CD2 . TYR A 1 211 ? 11.543  -3.160  6.227   1.00 37.39 ? 211 TYR A CD2 1 
ATOM   1541 C CE1 . TYR A 1 211 ? 9.044   -2.457  5.218   1.00 34.19 ? 211 TYR A CE1 1 
ATOM   1542 C CE2 . TYR A 1 211 ? 11.120  -1.810  6.303   1.00 35.76 ? 211 TYR A CE2 1 
ATOM   1543 C CZ  . TYR A 1 211 ? 9.872   -1.478  5.784   1.00 34.09 ? 211 TYR A CZ  1 
ATOM   1544 O OH  . TYR A 1 211 ? 9.435   -0.174  5.836   1.00 32.83 ? 211 TYR A OH  1 
ATOM   1545 N N   . ILE A 1 212 ? 11.282  -4.567  2.334   1.00 36.13 ? 212 ILE A N   1 
ATOM   1546 C CA  . ILE A 1 212 ? 11.912  -3.593  1.432   1.00 35.51 ? 212 ILE A CA  1 
ATOM   1547 C C   . ILE A 1 212 ? 11.580  -2.218  1.981   1.00 35.35 ? 212 ILE A C   1 
ATOM   1548 O O   . ILE A 1 212 ? 10.422  -1.785  1.943   1.00 34.67 ? 212 ILE A O   1 
ATOM   1549 C CB  . ILE A 1 212 ? 11.433  -3.718  -0.031  1.00 34.83 ? 212 ILE A CB  1 
ATOM   1550 C CG1 . ILE A 1 212 ? 11.780  -5.091  -0.645  1.00 35.50 ? 212 ILE A CG1 1 
ATOM   1551 C CG2 . ILE A 1 212 ? 11.992  -2.592  -0.886  1.00 34.89 ? 212 ILE A CG2 1 
ATOM   1552 C CD1 . ILE A 1 212 ? 13.230  -5.443  -0.591  1.00 42.99 ? 212 ILE A CD1 1 
ATOM   1553 N N   . ALA A 1 213 ? 12.602  -1.546  2.507   1.00 35.81 ? 213 ALA A N   1 
ATOM   1554 C CA  . ALA A 1 213 ? 12.421  -0.262  3.179   1.00 35.69 ? 213 ALA A CA  1 
ATOM   1555 C C   . ALA A 1 213 ? 12.392  0.941   2.225   1.00 35.26 ? 213 ALA A C   1 
ATOM   1556 O O   . ALA A 1 213 ? 11.817  1.986   2.544   1.00 35.92 ? 213 ALA A O   1 
ATOM   1557 C CB  . ALA A 1 213 ? 13.524  -0.080  4.254   1.00 36.50 ? 213 ALA A CB  1 
ATOM   1558 N N   . TRP A 1 214 ? 13.017  0.772   1.068   1.00 35.28 ? 214 TRP A N   1 
ATOM   1559 C CA  . TRP A 1 214 ? 13.406  1.879   0.195   1.00 35.14 ? 214 TRP A CA  1 
ATOM   1560 C C   . TRP A 1 214 ? 13.840  1.242   -1.119  1.00 34.27 ? 214 TRP A C   1 
ATOM   1561 O O   . TRP A 1 214 ? 14.427  0.171   -1.084  1.00 35.60 ? 214 TRP A O   1 
ATOM   1562 C CB  . TRP A 1 214 ? 14.555  2.712   0.828   1.00 34.49 ? 214 TRP A CB  1 
ATOM   1563 C CG  . TRP A 1 214 ? 14.687  4.034   0.112   1.00 34.94 ? 214 TRP A CG  1 
ATOM   1564 C CD1 . TRP A 1 214 ? 15.476  4.305   -0.980  1.00 32.04 ? 214 TRP A CD1 1 
ATOM   1565 C CD2 . TRP A 1 214 ? 13.927  5.221   0.363   1.00 34.67 ? 214 TRP A CD2 1 
ATOM   1566 N NE1 . TRP A 1 214 ? 15.275  5.590   -1.407  1.00 33.42 ? 214 TRP A NE1 1 
ATOM   1567 C CE2 . TRP A 1 214 ? 14.335  6.185   -0.598  1.00 34.96 ? 214 TRP A CE2 1 
ATOM   1568 C CE3 . TRP A 1 214 ? 12.941  5.571   1.311   1.00 35.08 ? 214 TRP A CE3 1 
ATOM   1569 C CZ2 . TRP A 1 214 ? 13.793  7.478   -0.644  1.00 33.28 ? 214 TRP A CZ2 1 
ATOM   1570 C CZ3 . TRP A 1 214 ? 12.413  6.860   1.269   1.00 35.18 ? 214 TRP A CZ3 1 
ATOM   1571 C CH2 . TRP A 1 214 ? 12.853  7.805   0.300   1.00 34.33 ? 214 TRP A CH2 1 
ATOM   1572 N N   . PRO A 1 215 ? 13.528  1.856   -2.287  1.00 33.97 ? 215 PRO A N   1 
ATOM   1573 C CA  . PRO A 1 215 ? 12.811  3.100   -2.517  1.00 33.56 ? 215 PRO A CA  1 
ATOM   1574 C C   . PRO A 1 215 ? 11.285  2.987   -2.408  1.00 33.55 ? 215 PRO A C   1 
ATOM   1575 O O   . PRO A 1 215 ? 10.744  1.873   -2.334  1.00 34.13 ? 215 PRO A O   1 
ATOM   1576 C CB  . PRO A 1 215 ? 13.249  3.480   -3.927  1.00 34.24 ? 215 PRO A CB  1 
ATOM   1577 C CG  . PRO A 1 215 ? 13.403  2.181   -4.602  1.00 33.61 ? 215 PRO A CG  1 
ATOM   1578 C CD  . PRO A 1 215 ? 14.080  1.330   -3.555  1.00 32.51 ? 215 PRO A CD  1 
ATOM   1579 N N   . LEU A 1 216 ? 10.615  4.142   -2.330  1.00 32.61 ? 216 LEU A N   1 
ATOM   1580 C CA  . LEU A 1 216 ? 9.150   4.218   -2.256  1.00 30.99 ? 216 LEU A CA  1 
ATOM   1581 C C   . LEU A 1 216 ? 8.533   4.114   -3.640  1.00 30.78 ? 216 LEU A C   1 
ATOM   1582 O O   . LEU A 1 216 ? 7.530   3.427   -3.818  1.00 29.00 ? 216 LEU A O   1 
ATOM   1583 C CB  . LEU A 1 216 ? 8.715   5.526   -1.633  1.00 30.84 ? 216 LEU A CB  1 
ATOM   1584 C CG  . LEU A 1 216 ? 9.301   5.895   -0.257  1.00 31.34 ? 216 LEU A CG  1 
ATOM   1585 C CD1 . LEU A 1 216 ? 8.806   7.278   0.183   1.00 27.90 ? 216 LEU A CD1 1 
ATOM   1586 C CD2 . LEU A 1 216 ? 8.990   4.832   0.828   1.00 25.80 ? 216 LEU A CD2 1 
ATOM   1587 N N   . GLN A 1 217 ? 9.166   4.799   -4.602  1.00 29.88 ? 217 GLN A N   1 
ATOM   1588 C CA  . GLN A 1 217 ? 8.770   4.880   -5.992  1.00 30.51 ? 217 GLN A CA  1 
ATOM   1589 C C   . GLN A 1 217 ? 9.864   4.189   -6.795  1.00 30.91 ? 217 GLN A C   1 
ATOM   1590 O O   . GLN A 1 217 ? 10.821  3.691   -6.204  1.00 31.51 ? 217 GLN A O   1 
ATOM   1591 C CB  . GLN A 1 217 ? 8.732   6.357   -6.425  1.00 30.29 ? 217 GLN A CB  1 
ATOM   1592 C CG  . GLN A 1 217 ? 7.893   7.262   -5.544  1.00 31.89 ? 217 GLN A CG  1 
ATOM   1593 C CD  . GLN A 1 217 ? 6.444   6.838   -5.513  1.00 34.94 ? 217 GLN A CD  1 
ATOM   1594 O OE1 . GLN A 1 217 ? 5.825   6.770   -4.444  1.00 32.24 ? 217 GLN A OE1 1 
ATOM   1595 N NE2 . GLN A 1 217 ? 5.898   6.511   -6.694  1.00 35.33 ? 217 GLN A NE2 1 
ATOM   1596 N N   . GLY A 1 218 ? 9.757   4.191   -8.124  1.00 31.69 ? 218 GLY A N   1 
ATOM   1597 C CA  . GLY A 1 218 ? 10.881  3.750   -8.989  1.00 33.06 ? 218 GLY A CA  1 
ATOM   1598 C C   . GLY A 1 218 ? 12.155  4.535   -8.611  1.00 34.22 ? 218 GLY A C   1 
ATOM   1599 O O   . GLY A 1 218 ? 12.058  5.694   -8.180  1.00 33.87 ? 218 GLY A O   1 
ATOM   1600 N N   . TRP A 1 219 ? 13.337  3.919   -8.731  1.00 34.46 ? 219 TRP A N   1 
ATOM   1601 C CA  . TRP A 1 219 ? 14.581  4.574   -8.319  1.00 35.50 ? 219 TRP A CA  1 
ATOM   1602 C C   . TRP A 1 219 ? 14.852  5.929   -9.028  1.00 36.41 ? 219 TRP A C   1 
ATOM   1603 O O   . TRP A 1 219 ? 15.555  6.780   -8.477  1.00 37.36 ? 219 TRP A O   1 
ATOM   1604 C CB  . TRP A 1 219 ? 15.802  3.674   -8.563  1.00 35.51 ? 219 TRP A CB  1 
ATOM   1605 C CG  . TRP A 1 219 ? 15.806  2.316   -7.891  1.00 34.13 ? 219 TRP A CG  1 
ATOM   1606 C CD1 . TRP A 1 219 ? 16.452  1.969   -6.737  1.00 32.01 ? 219 TRP A CD1 1 
ATOM   1607 C CD2 . TRP A 1 219 ? 15.186  1.117   -8.385  1.00 30.10 ? 219 TRP A CD2 1 
ATOM   1608 N NE1 . TRP A 1 219 ? 16.245  0.634   -6.464  1.00 31.07 ? 219 TRP A NE1 1 
ATOM   1609 C CE2 . TRP A 1 219 ? 15.482  0.089   -7.468  1.00 32.37 ? 219 TRP A CE2 1 
ATOM   1610 C CE3 . TRP A 1 219 ? 14.429  0.815   -9.528  1.00 32.07 ? 219 TRP A CE3 1 
ATOM   1611 C CZ2 . TRP A 1 219 ? 15.030  -1.227  -7.649  1.00 32.57 ? 219 TRP A CZ2 1 
ATOM   1612 C CZ3 . TRP A 1 219 ? 13.956  -0.487  -9.700  1.00 30.56 ? 219 TRP A CZ3 1 
ATOM   1613 C CH2 . TRP A 1 219 ? 14.278  -1.496  -8.772  1.00 29.43 ? 219 TRP A CH2 1 
ATOM   1614 N N   . GLN A 1 220 ? 14.328  6.103   -10.237 1.00 36.54 ? 220 GLN A N   1 
ATOM   1615 C CA  . GLN A 1 220 ? 14.483  7.363   -10.996 1.00 37.88 ? 220 GLN A CA  1 
ATOM   1616 C C   . GLN A 1 220 ? 13.614  8.529   -10.481 1.00 37.97 ? 220 GLN A C   1 
ATOM   1617 O O   . GLN A 1 220 ? 13.671  9.645   -11.033 1.00 39.21 ? 220 GLN A O   1 
ATOM   1618 C CB  . GLN A 1 220 ? 14.191  7.147   -12.489 1.00 37.17 ? 220 GLN A CB  1 
ATOM   1619 C CG  . GLN A 1 220 ? 12.709  6.929   -12.839 1.00 39.44 ? 220 GLN A CG  1 
ATOM   1620 C CD  . GLN A 1 220 ? 12.228  5.469   -12.610 1.00 40.97 ? 220 GLN A CD  1 
ATOM   1621 O OE1 . GLN A 1 220 ? 12.570  4.842   -11.611 1.00 40.06 ? 220 GLN A OE1 1 
ATOM   1622 N NE2 . GLN A 1 220 ? 11.437  4.943   -13.551 1.00 40.54 ? 220 GLN A NE2 1 
ATOM   1623 N N   . ALA A 1 221 ? 12.818  8.279   -9.445  1.00 37.04 ? 221 ALA A N   1 
ATOM   1624 C CA  . ALA A 1 221 ? 11.919  9.291   -8.895  1.00 37.02 ? 221 ALA A CA  1 
ATOM   1625 C C   . ALA A 1 221 ? 12.677  10.434  -8.236  1.00 36.47 ? 221 ALA A C   1 
ATOM   1626 O O   . ALA A 1 221 ? 13.738  10.215  -7.615  1.00 36.90 ? 221 ALA A O   1 
ATOM   1627 C CB  . ALA A 1 221 ? 10.931  8.665   -7.870  1.00 35.42 ? 221 ALA A CB  1 
ATOM   1628 N N   . THR A 1 222 ? 12.110  11.633  -8.332  1.00 35.84 ? 222 THR A N   1 
ATOM   1629 C CA  . THR A 1 222 ? 12.672  12.829  -7.675  1.00 36.43 ? 222 THR A CA  1 
ATOM   1630 C C   . THR A 1 222 ? 12.327  12.756  -6.198  1.00 36.03 ? 222 THR A C   1 
ATOM   1631 O O   . THR A 1 222 ? 13.131  13.131  -5.331  1.00 38.03 ? 222 THR A O   1 
ATOM   1632 C CB  . THR A 1 222 ? 12.130  14.131  -8.324  1.00 36.75 ? 222 THR A CB  1 
ATOM   1633 O OG1 . THR A 1 222 ? 12.604  14.190  -9.673  1.00 40.33 ? 222 THR A OG1 1 
ATOM   1634 C CG2 . THR A 1 222 ? 12.624  15.398  -7.584  1.00 36.19 ? 222 THR A CG2 1 
ATOM   1635 N N   . PHE A 1 223 ? 11.137  12.246  -5.905  1.00 34.88 ? 223 PHE A N   1 
ATOM   1636 C CA  . PHE A 1 223 ? 10.772  11.910  -4.545  1.00 33.53 ? 223 PHE A CA  1 
ATOM   1637 C C   . PHE A 1 223 ? 10.597  10.393  -4.312  1.00 32.83 ? 223 PHE A C   1 
ATOM   1638 O O   . PHE A 1 223 ? 9.993   9.714   -5.126  1.00 30.73 ? 223 PHE A O   1 
ATOM   1639 C CB  . PHE A 1 223 ? 9.481   12.609  -4.152  1.00 33.77 ? 223 PHE A CB  1 
ATOM   1640 C CG  . PHE A 1 223 ? 8.895   12.070  -2.870  1.00 34.06 ? 223 PHE A CG  1 
ATOM   1641 C CD1 . PHE A 1 223 ? 9.442   12.433  -1.647  1.00 35.51 ? 223 PHE A CD1 1 
ATOM   1642 C CD2 . PHE A 1 223 ? 7.834   11.177  -2.901  1.00 34.50 ? 223 PHE A CD2 1 
ATOM   1643 C CE1 . PHE A 1 223 ? 8.907   11.944  -0.450  1.00 36.45 ? 223 PHE A CE1 1 
ATOM   1644 C CE2 . PHE A 1 223 ? 7.288   10.663  -1.719  1.00 35.65 ? 223 PHE A CE2 1 
ATOM   1645 C CZ  . PHE A 1 223 ? 7.823   11.036  -0.489  1.00 36.07 ? 223 PHE A CZ  1 
ATOM   1646 N N   . GLY A 1 224 ? 11.123  9.896   -3.186  1.00 32.28 ? 224 GLY A N   1 
ATOM   1647 C CA  . GLY A 1 224 ? 11.047  8.488   -2.823  1.00 32.73 ? 224 GLY A CA  1 
ATOM   1648 C C   . GLY A 1 224 ? 11.802  7.576   -3.761  1.00 32.88 ? 224 GLY A C   1 
ATOM   1649 O O   . GLY A 1 224 ? 11.557  6.367   -3.802  1.00 32.18 ? 224 GLY A O   1 
ATOM   1650 N N   . GLY A 1 225 ? 12.708  8.164   -4.536  1.00 33.31 ? 225 GLY A N   1 
ATOM   1651 C CA  . GLY A 1 225 ? 13.594  7.401   -5.389  1.00 34.93 ? 225 GLY A CA  1 
ATOM   1652 C C   . GLY A 1 225 ? 14.966  7.287   -4.765  1.00 37.10 ? 225 GLY A C   1 
ATOM   1653 O O   . GLY A 1 225 ? 15.151  7.600   -3.589  1.00 35.55 ? 225 GLY A O   1 
ATOM   1654 N N   . GLY A 1 226 ? 15.935  6.856   -5.566  1.00 39.80 ? 226 GLY A N   1 
ATOM   1655 C CA  . GLY A 1 226 ? 17.321  6.701   -5.105  1.00 43.32 ? 226 GLY A CA  1 
ATOM   1656 C C   . GLY A 1 226 ? 17.485  5.405   -4.344  1.00 46.49 ? 226 GLY A C   1 
ATOM   1657 O O   . GLY A 1 226 ? 16.495  4.687   -4.095  1.00 46.29 ? 226 GLY A O   1 
ATOM   1658 N N   . ASP A 1 227 ? 18.724  5.094   -3.955  1.00 49.05 ? 227 ASP A N   1 
ATOM   1659 C CA  . ASP A 1 227 ? 19.007  3.855   -3.210  1.00 51.54 ? 227 ASP A CA  1 
ATOM   1660 C C   . ASP A 1 227 ? 18.812  3.965   -1.692  1.00 52.80 ? 227 ASP A C   1 
ATOM   1661 O O   . ASP A 1 227 ? 18.764  2.938   -1.006  1.00 52.98 ? 227 ASP A O   1 
ATOM   1662 C CB  . ASP A 1 227 ? 20.393  3.297   -3.559  1.00 52.06 ? 227 ASP A CB  1 
ATOM   1663 C CG  . ASP A 1 227 ? 20.505  2.907   -5.032  1.00 54.85 ? 227 ASP A CG  1 
ATOM   1664 O OD1 . ASP A 1 227 ? 20.538  3.820   -5.891  1.00 58.06 ? 227 ASP A OD1 1 
ATOM   1665 O OD2 . ASP A 1 227 ? 20.539  1.693   -5.337  1.00 56.34 ? 227 ASP A OD2 1 
ATOM   1666 N N   . HIS A 1 228 ? 18.683  5.191   -1.176  1.00 54.48 ? 228 HIS A N   1 
ATOM   1667 C CA  . HIS A 1 228 ? 18.442  5.417   0.256   1.00 56.25 ? 228 HIS A CA  1 
ATOM   1668 C C   . HIS A 1 228 ? 17.702  6.749   0.491   1.00 56.57 ? 228 HIS A C   1 
ATOM   1669 O O   . HIS A 1 228 ? 17.733  7.624   -0.371  1.00 56.69 ? 228 HIS A O   1 
ATOM   1670 C CB  . HIS A 1 228 ? 19.759  5.366   1.062   1.00 57.45 ? 228 HIS A CB  1 
ATOM   1671 C CG  . HIS A 1 228 ? 20.609  4.155   0.781   1.00 61.00 ? 228 HIS A CG  1 
ATOM   1672 N ND1 . HIS A 1 228 ? 20.288  2.895   1.246   1.00 64.40 ? 228 HIS A ND1 1 
ATOM   1673 C CD2 . HIS A 1 228 ? 21.763  4.013   0.079   1.00 63.76 ? 228 HIS A CD2 1 
ATOM   1674 C CE1 . HIS A 1 228 ? 21.208  2.032   0.847   1.00 65.00 ? 228 HIS A CE1 1 
ATOM   1675 N NE2 . HIS A 1 228 ? 22.112  2.683   0.135   1.00 64.80 ? 228 HIS A NE2 1 
ATOM   1676 N N   . PRO A 1 229 ? 17.026  6.902   1.656   1.00 57.05 ? 229 PRO A N   1 
ATOM   1677 C CA  . PRO A 1 229 ? 16.279  8.124   2.046   1.00 57.68 ? 229 PRO A CA  1 
ATOM   1678 C C   . PRO A 1 229 ? 17.028  9.481   1.949   1.00 58.87 ? 229 PRO A C   1 
ATOM   1679 O O   . PRO A 1 229 ? 18.259  9.551   1.762   1.00 59.37 ? 229 PRO A O   1 
ATOM   1680 C CB  . PRO A 1 229 ? 15.883  7.837   3.497   1.00 57.55 ? 229 PRO A CB  1 
ATOM   1681 C CG  . PRO A 1 229 ? 15.767  6.346   3.562   1.00 56.61 ? 229 PRO A CG  1 
ATOM   1682 C CD  . PRO A 1 229 ? 16.811  5.800   2.623   1.00 56.81 ? 229 PRO A CD  1 
HETATM 1683 O O   . HOH B 2 .   ? -1.025  2.764   -0.459  1.00 22.66 ? 301 HOH A O   1 
HETATM 1684 O O   . HOH B 2 .   ? 8.027   -9.674  0.913   1.00 36.78 ? 302 HOH A O   1 
HETATM 1685 O O   . HOH B 2 .   ? 8.632   -4.949  1.751   1.00 31.04 ? 303 HOH A O   1 
HETATM 1686 O O   . HOH B 2 .   ? -10.795 -3.005  8.378   1.00 30.20 ? 304 HOH A O   1 
HETATM 1687 O O   . HOH B 2 .   ? -0.811  17.840  10.689  1.00 46.90 ? 305 HOH A O   1 
HETATM 1688 O O   . HOH B 2 .   ? 0.409   -5.140  -13.498 1.00 37.68 ? 306 HOH A O   1 
HETATM 1689 O O   . HOH B 2 .   ? 4.595   2.276   -1.564  1.00 27.76 ? 307 HOH A O   1 
HETATM 1690 O O   . HOH B 2 .   ? 3.540   13.493  11.906  1.00 44.00 ? 308 HOH A O   1 
HETATM 1691 O O   . HOH B 2 .   ? 4.897   1.433   2.744   1.00 34.03 ? 309 HOH A O   1 
HETATM 1692 O O   . HOH B 2 .   ? 8.158   -14.740 0.920   1.00 39.42 ? 310 HOH A O   1 
HETATM 1693 O O   . HOH B 2 .   ? -0.814  -2.153  -11.576 1.00 34.06 ? 311 HOH A O   1 
HETATM 1694 O O   . HOH B 2 .   ? -20.412 -4.162  -4.152  1.00 34.93 ? 312 HOH A O   1 
HETATM 1695 O O   . HOH B 2 .   ? 8.321   15.797  -15.984 1.00 47.81 ? 313 HOH A O   1 
HETATM 1696 O O   . HOH B 2 .   ? 7.370   -8.689  -5.422  1.00 38.13 ? 314 HOH A O   1 
HETATM 1697 O O   . HOH B 2 .   ? 18.215  -2.448  -7.850  1.00 54.46 ? 315 HOH A O   1 
HETATM 1698 O O   . HOH B 2 .   ? -10.113 -6.991  2.420   1.00 32.80 ? 316 HOH A O   1 
HETATM 1699 O O   . HOH B 2 .   ? 7.404   6.660   7.025   1.00 38.96 ? 317 HOH A O   1 
HETATM 1700 O O   . HOH B 2 .   ? -0.526  -5.731  -5.885  1.00 43.45 ? 318 HOH A O   1 
HETATM 1701 O O   . HOH B 2 .   ? 0.982   4.718   -7.031  1.00 37.10 ? 319 HOH A O   1 
HETATM 1702 O O   . HOH B 2 .   ? 1.180   1.187   -2.732  1.00 37.63 ? 320 HOH A O   1 
HETATM 1703 O O   . HOH B 2 .   ? 9.624   -18.837 -8.600  1.00 45.15 ? 321 HOH A O   1 
HETATM 1704 O O   . HOH B 2 .   ? -8.688  10.159  -0.008  1.00 32.06 ? 322 HOH A O   1 
HETATM 1705 O O   . HOH B 2 .   ? 6.303   13.117  -14.083 1.00 52.75 ? 323 HOH A O   1 
HETATM 1706 O O   . HOH B 2 .   ? 15.308  -1.864  -2.924  1.00 42.83 ? 324 HOH A O   1 
HETATM 1707 O O   . HOH B 2 .   ? 6.832   0.341   6.803   1.00 40.23 ? 325 HOH A O   1 
HETATM 1708 O O   . HOH B 2 .   ? 5.888   -16.497 2.406   1.00 57.39 ? 326 HOH A O   1 
HETATM 1709 O O   . HOH B 2 .   ? 2.449   6.209   14.289  1.00 47.35 ? 327 HOH A O   1 
HETATM 1710 O O   . HOH B 2 .   ? 5.455   12.295  -11.645 1.00 44.94 ? 328 HOH A O   1 
HETATM 1711 O O   . HOH B 2 .   ? -4.603  -1.908  -10.795 1.00 35.45 ? 329 HOH A O   1 
HETATM 1712 O O   . HOH B 2 .   ? 20.870  -6.798  -12.480 1.00 58.98 ? 330 HOH A O   1 
HETATM 1713 O O   . HOH B 2 .   ? -14.935 -5.300  -2.009  1.00 37.85 ? 331 HOH A O   1 
HETATM 1714 O O   . HOH B 2 .   ? -14.342 -11.778 0.213   1.00 50.05 ? 332 HOH A O   1 
HETATM 1715 O O   . HOH B 2 .   ? 14.007  -5.214  8.495   1.00 42.52 ? 333 HOH A O   1 
HETATM 1716 O O   . HOH B 2 .   ? -16.050 -11.062 3.376   1.00 51.48 ? 334 HOH A O   1 
HETATM 1717 O O   . HOH B 2 .   ? 15.711  -2.426  2.071   1.00 51.52 ? 335 HOH A O   1 
HETATM 1718 O O   . HOH B 2 .   ? -0.689  -3.549  -3.520  1.00 27.15 ? 336 HOH A O   1 
HETATM 1719 O O   . HOH B 2 .   ? 9.638   23.077  -8.373  1.00 48.93 ? 337 HOH A O   1 
HETATM 1720 O O   . HOH B 2 .   ? 14.314  10.617  -4.306  1.00 53.92 ? 338 HOH A O   1 
HETATM 1721 O O   . HOH B 2 .   ? -19.272 -10.003 -5.818  1.00 39.95 ? 339 HOH A O   1 
HETATM 1722 O O   . HOH B 2 .   ? 3.539   -0.334  17.289  1.00 32.83 ? 340 HOH A O   1 
HETATM 1723 O O   . HOH B 2 .   ? 6.821   3.278   8.508   1.00 45.11 ? 341 HOH A O   1 
HETATM 1724 O O   . HOH B 2 .   ? -1.546  16.791  7.007   1.00 43.92 ? 342 HOH A O   1 
HETATM 1725 O O   . HOH B 2 .   ? -14.358 -1.314  15.904  1.00 43.49 ? 343 HOH A O   1 
HETATM 1726 O O   . HOH B 2 .   ? 6.013   -10.340 16.372  1.00 46.05 ? 344 HOH A O   1 
HETATM 1727 O O   . HOH B 2 .   ? 11.464  -10.805 12.153  1.00 41.03 ? 345 HOH A O   1 
HETATM 1728 O O   . HOH B 2 .   ? 12.719  11.322  -1.339  1.00 36.43 ? 346 HOH A O   1 
HETATM 1729 O O   . HOH B 2 .   ? -2.827  -1.742  -3.227  1.00 29.58 ? 347 HOH A O   1 
HETATM 1730 O O   . HOH B 2 .   ? -7.075  7.526   -8.538  1.00 58.18 ? 348 HOH A O   1 
HETATM 1731 O O   . HOH B 2 .   ? 16.533  9.387   -7.922  1.00 49.10 ? 349 HOH A O   1 
HETATM 1732 O O   . HOH B 2 .   ? 7.956   -12.559 8.256   1.00 51.25 ? 350 HOH A O   1 
HETATM 1733 O O   . HOH B 2 .   ? 21.307  -5.056  -17.408 1.00 66.73 ? 351 HOH A O   1 
HETATM 1734 O O   . HOH B 2 .   ? -9.515  6.869   -6.622  1.00 45.75 ? 352 HOH A O   1 
HETATM 1735 O O   . HOH B 2 .   ? 16.287  -13.180 2.250   1.00 58.79 ? 353 HOH A O   1 
HETATM 1736 O O   . HOH B 2 .   ? -26.393 -4.934  0.015   1.00 51.39 ? 354 HOH A O   1 
HETATM 1737 O O   . HOH B 2 .   ? -22.222 3.074   2.538   1.00 61.68 ? 355 HOH A O   1 
HETATM 1738 O O   . HOH B 2 .   ? 11.135  -14.714 -2.118  1.00 38.02 ? 356 HOH A O   1 
HETATM 1739 O O   . HOH B 2 .   ? -16.538 -5.269  12.397  1.00 59.15 ? 357 HOH A O   1 
HETATM 1740 O O   . HOH B 2 .   ? -12.129 1.514   -5.597  1.00 52.80 ? 358 HOH A O   1 
HETATM 1741 O O   . HOH B 2 .   ? -2.173  -0.421  -5.796  1.00 43.81 ? 359 HOH A O   1 
HETATM 1742 O O   . HOH B 2 .   ? -23.172 -12.051 -1.978  1.00 41.53 ? 360 HOH A O   1 
HETATM 1743 O O   . HOH B 2 .   ? -3.790  14.501  -5.554  1.00 45.29 ? 361 HOH A O   1 
HETATM 1744 O O   . HOH B 2 .   ? 15.003  -6.637  1.805   1.00 48.21 ? 362 HOH A O   1 
HETATM 1745 O O   . HOH B 2 .   ? 2.273   19.136  8.487   1.00 52.31 ? 363 HOH A O   1 
HETATM 1746 O O   . HOH B 2 .   ? -12.730 0.672   18.422  1.00 62.72 ? 364 HOH A O   1 
HETATM 1747 O O   . HOH B 2 .   ? 1.283   22.947  1.202   1.00 52.31 ? 365 HOH A O   1 
HETATM 1748 O O   . HOH B 2 .   ? 14.085  -12.230 -7.294  1.00 36.30 ? 366 HOH A O   1 
HETATM 1749 O O   . HOH B 2 .   ? 0.282   17.802  4.838   1.00 48.42 ? 367 HOH A O   1 
HETATM 1750 O O   . HOH B 2 .   ? 3.805   -6.811  18.192  1.00 36.27 ? 368 HOH A O   1 
HETATM 1751 O O   . HOH B 2 .   ? 4.981   -9.383  18.577  1.00 48.16 ? 369 HOH A O   1 
HETATM 1752 O O   . HOH B 2 .   ? 5.695   -0.878  4.464   1.00 44.42 ? 370 HOH A O   1 
HETATM 1753 O O   . HOH B 2 .   ? 17.681  -8.225  -0.522  0.50 61.22 ? 371 HOH A O   1 
# 
loop_
_pdbx_poly_seq_scheme.asym_id 
_pdbx_poly_seq_scheme.entity_id 
_pdbx_poly_seq_scheme.seq_id 
_pdbx_poly_seq_scheme.mon_id 
_pdbx_poly_seq_scheme.ndb_seq_num 
_pdbx_poly_seq_scheme.pdb_seq_num 
_pdbx_poly_seq_scheme.auth_seq_num 
_pdbx_poly_seq_scheme.pdb_mon_id 
_pdbx_poly_seq_scheme.auth_mon_id 
_pdbx_poly_seq_scheme.pdb_strand_id 
_pdbx_poly_seq_scheme.pdb_ins_code 
_pdbx_poly_seq_scheme.hetero 
A 1 1   MET 1   1   ?   ?   ?   A . n 
A 1 2   SER 2   2   2   SER SER A . n 
A 1 3   PRO 3   3   3   PRO PRO A . n 
A 1 4   ILE 4   4   4   ILE ILE A . n 
A 1 5   LEU 5   5   5   LEU LEU A . n 
A 1 6   GLY 6   6   6   GLY GLY A . n 
A 1 7   TYR 7   7   7   TYR TYR A . n 
A 1 8   TRP 8   8   8   TRP TRP A . n 
A 1 9   LYS 9   9   9   LYS LYS A . n 
A 1 10  ILE 10  10  10  ILE ILE A . n 
A 1 11  LYS 11  11  11  LYS LYS A . n 
A 1 12  GLY 12  12  12  GLY GLY A . n 
A 1 13  LEU 13  13  13  LEU LEU A . n 
A 1 14  VAL 14  14  14  VAL VAL A . n 
A 1 15  GLN 15  15  15  GLN GLN A . n 
A 1 16  PRO 16  16  16  PRO PRO A . n 
A 1 17  THR 17  17  17  THR THR A . n 
A 1 18  ARG 18  18  18  ARG ARG A . n 
A 1 19  LEU 19  19  19  LEU LEU A . n 
A 1 20  LEU 20  20  20  LEU LEU A . n 
A 1 21  LEU 21  21  21  LEU LEU A . n 
A 1 22  GLU 22  22  22  GLU GLU A . n 
A 1 23  TYR 23  23  23  TYR TYR A . n 
A 1 24  LEU 24  24  24  LEU LEU A . n 
A 1 25  GLU 25  25  25  GLU GLU A . n 
A 1 26  GLU 26  26  26  GLU GLU A . n 
A 1 27  LYS 27  27  27  LYS LYS A . n 
A 1 28  TYR 28  28  28  TYR TYR A . n 
A 1 29  GLU 29  29  29  GLU GLU A . n 
A 1 30  GLU 30  30  30  GLU GLU A . n 
A 1 31  HIS 31  31  31  HIS HIS A . n 
A 1 32  LEU 32  32  32  LEU LEU A . n 
A 1 33  TYR 33  33  33  TYR TYR A . n 
A 1 34  GLU 34  34  34  GLU GLU A . n 
A 1 35  ARG 35  35  35  ARG ARG A . n 
A 1 36  ASP 36  36  36  ASP ASP A . n 
A 1 37  GLU 37  37  37  GLU GLU A . n 
A 1 38  GLY 38  38  38  GLY GLY A . n 
A 1 39  ASP 39  39  39  ASP ASP A . n 
A 1 40  LYS 40  40  ?   ?   ?   A . n 
A 1 41  TRP 41  41  ?   ?   ?   A . n 
A 1 42  ARG 42  42  ?   ?   ?   A . n 
A 1 43  ASN 43  43  ?   ?   ?   A . n 
A 1 44  LYS 44  44  ?   ?   ?   A . n 
A 1 45  LYS 45  45  ?   ?   ?   A . n 
A 1 46  PHE 46  46  ?   ?   ?   A . n 
A 1 47  GLU 47  47  ?   ?   ?   A . n 
A 1 48  LEU 48  48  ?   ?   ?   A . n 
A 1 49  GLY 49  49  ?   ?   ?   A . n 
A 1 50  LYS 50  50  ?   ?   ?   A . n 
A 1 51  HIS 51  51  ?   ?   ?   A . n 
A 1 52  GLY 52  52  ?   ?   ?   A . n 
A 1 53  HIS 53  53  ?   ?   ?   A . n 
A 1 54  GLY 54  54  ?   ?   ?   A . n 
A 1 55  HIS 55  55  ?   ?   ?   A . n 
A 1 56  GLY 56  56  ?   ?   ?   A . n 
A 1 57  LYS 57  57  ?   ?   ?   A . n 
A 1 58  HIS 58  58  ?   ?   ?   A . n 
A 1 59  LYS 59  59  ?   ?   ?   A . n 
A 1 60  ASN 60  60  ?   ?   ?   A . n 
A 1 61  LYS 61  61  ?   ?   ?   A . n 
A 1 62  GLY 62  62  13  GLY GLY A . n 
A 1 63  LEU 63  63  50  LEU LEU A . n 
A 1 64  GLU 64  64  51  GLU GLU A . n 
A 1 65  PHE 65  65  52  PHE PHE A . n 
A 1 66  PRO 66  66  53  PRO PRO A . n 
A 1 67  ASN 67  67  54  ASN ASN A . n 
A 1 68  LEU 68  68  55  LEU LEU A . n 
A 1 69  PRO 69  69  56  PRO PRO A . n 
A 1 70  TYR 70  70  57  TYR TYR A . n 
A 1 71  TYR 71  71  58  TYR TYR A . n 
A 1 72  ILE 72  72  59  ILE ILE A . n 
A 1 73  ASP 73  73  60  ASP ASP A . n 
A 1 74  GLY 74  74  61  GLY GLY A . n 
A 1 75  ASP 75  75  62  ASP ASP A . n 
A 1 76  VAL 76  76  63  VAL VAL A . n 
A 1 77  LYS 77  77  64  LYS LYS A . n 
A 1 78  LEU 78  78  65  LEU LEU A . n 
A 1 79  THR 79  79  66  THR THR A . n 
A 1 80  GLN 80  80  67  GLN GLN A . n 
A 1 81  SER 81  81  68  SER SER A . n 
A 1 82  MET 82  82  69  MET MET A . n 
A 1 83  ALA 83  83  70  ALA ALA A . n 
A 1 84  ILE 84  84  71  ILE ILE A . n 
A 1 85  ILE 85  85  72  ILE ILE A . n 
A 1 86  ARG 86  86  73  ARG ARG A . n 
A 1 87  TYR 87  87  74  TYR TYR A . n 
A 1 88  ILE 88  88  75  ILE ILE A . n 
A 1 89  ALA 89  89  76  ALA ALA A . n 
A 1 90  ASP 90  90  77  ASP ASP A . n 
A 1 91  LYS 91  91  78  LYS LYS A . n 
A 1 92  HIS 92  92  79  HIS HIS A . n 
A 1 93  ASN 93  93  80  ASN ASN A . n 
A 1 94  MET 94  94  81  MET MET A . n 
A 1 95  LEU 95  95  82  LEU LEU A . n 
A 1 96  GLY 96  96  83  GLY GLY A . n 
A 1 97  GLY 97  97  84  GLY GLY A . n 
A 1 98  CYS 98  98  85  CYS CYS A . n 
A 1 99  PRO 99  99  86  PRO PRO A . n 
A 1 100 LYS 100 100 87  LYS LYS A . n 
A 1 101 GLU 101 101 88  GLU GLU A . n 
A 1 102 ARG 102 102 89  ARG ARG A . n 
A 1 103 ALA 103 103 90  ALA ALA A . n 
A 1 104 GLU 104 104 91  GLU GLU A . n 
A 1 105 ILE 105 105 92  ILE ILE A . n 
A 1 106 SER 106 106 93  SER SER A . n 
A 1 107 MET 107 107 94  MET MET A . n 
A 1 108 LEU 108 108 95  LEU LEU A . n 
A 1 109 GLU 109 109 96  GLU GLU A . n 
A 1 110 GLY 110 110 97  GLY GLY A . n 
A 1 111 ALA 111 111 98  ALA ALA A . n 
A 1 112 VAL 112 112 99  VAL VAL A . n 
A 1 113 LEU 113 113 100 LEU LEU A . n 
A 1 114 ASP 114 114 101 ASP ASP A . n 
A 1 115 ILE 115 115 102 ILE ILE A . n 
A 1 116 ARG 116 116 103 ARG ARG A . n 
A 1 117 TYR 117 117 104 TYR TYR A . n 
A 1 118 GLY 118 118 105 GLY GLY A . n 
A 1 119 VAL 119 119 106 VAL VAL A . n 
A 1 120 SER 120 120 107 SER SER A . n 
A 1 121 ARG 121 121 108 ARG ARG A . n 
A 1 122 ILE 122 122 109 ILE ILE A . n 
A 1 123 ALA 123 123 110 ALA ALA A . n 
A 1 124 TYR 124 124 111 TYR TYR A . n 
A 1 125 SER 125 125 112 SER SER A . n 
A 1 126 LYS 126 126 113 LYS LYS A . n 
A 1 127 ASP 127 127 114 ASP ASP A . n 
A 1 128 PHE 128 128 115 PHE PHE A . n 
A 1 129 GLU 129 129 116 GLU GLU A . n 
A 1 130 THR 130 130 117 THR THR A . n 
A 1 131 LEU 131 131 118 LEU LEU A . n 
A 1 132 LYS 132 132 119 LYS LYS A . n 
A 1 133 VAL 133 133 120 VAL VAL A . n 
A 1 134 ASP 134 134 121 ASP ASP A . n 
A 1 135 PHE 135 135 122 PHE PHE A . n 
A 1 136 LEU 136 136 123 LEU LEU A . n 
A 1 137 SER 137 137 124 SER SER A . n 
A 1 138 LYS 138 138 125 LYS LYS A . n 
A 1 139 LEU 139 139 126 LEU LEU A . n 
A 1 140 PRO 140 140 127 PRO PRO A . n 
A 1 141 GLU 141 141 128 GLU GLU A . n 
A 1 142 MET 142 142 129 MET MET A . n 
A 1 143 LEU 143 143 130 LEU LEU A . n 
A 1 144 LYS 144 144 131 LYS LYS A . n 
A 1 145 MET 145 145 132 MET MET A . n 
A 1 146 PHE 146 146 133 PHE PHE A . n 
A 1 147 GLU 147 147 134 GLU GLU A . n 
A 1 148 ASP 148 148 135 ASP ASP A . n 
A 1 149 ARG 149 149 136 ARG ARG A . n 
A 1 150 LEU 150 150 137 LEU LEU A . n 
A 1 151 CYS 151 151 138 CYS CYS A . n 
A 1 152 HIS 152 152 139 HIS HIS A . n 
A 1 153 LYS 153 153 140 LYS LYS A . n 
A 1 154 THR 154 154 141 THR THR A . n 
A 1 155 TYR 155 155 142 TYR TYR A . n 
A 1 156 LEU 156 156 143 LEU LEU A . n 
A 1 157 ASN 157 157 144 ASN ASN A . n 
A 1 158 GLY 158 158 145 GLY GLY A . n 
A 1 159 ASP 159 159 146 ASP ASP A . n 
A 1 160 HIS 160 160 147 HIS HIS A . n 
A 1 161 VAL 161 161 148 VAL VAL A . n 
A 1 162 THR 162 162 149 THR THR A . n 
A 1 163 HIS 163 163 150 HIS HIS A . n 
A 1 164 PRO 164 164 151 PRO PRO A . n 
A 1 165 ASP 165 165 152 ASP ASP A . n 
A 1 166 PHE 166 166 153 PHE PHE A . n 
A 1 167 MET 167 167 154 MET MET A . n 
A 1 168 LEU 168 168 155 LEU LEU A . n 
A 1 169 TYR 169 169 156 TYR TYR A . n 
A 1 170 ASP 170 170 157 ASP ASP A . n 
A 1 171 ALA 171 171 158 ALA ALA A . n 
A 1 172 LEU 172 172 159 LEU LEU A . n 
A 1 173 ASP 173 173 160 ASP ASP A . n 
A 1 174 VAL 174 174 161 VAL VAL A . n 
A 1 175 VAL 175 175 162 VAL VAL A . n 
A 1 176 LEU 176 176 163 LEU LEU A . n 
A 1 177 TYR 177 177 164 TYR TYR A . n 
A 1 178 MET 178 178 165 MET MET A . n 
A 1 179 ASP 179 179 166 ASP ASP A . n 
A 1 180 PRO 180 180 167 PRO PRO A . n 
A 1 181 MET 181 181 168 MET MET A . n 
A 1 182 CYS 182 182 169 CYS CYS A . n 
A 1 183 LEU 183 183 170 LEU LEU A . n 
A 1 184 ASP 184 184 171 ASP ASP A . n 
A 1 185 ALA 185 185 172 ALA ALA A . n 
A 1 186 PHE 186 186 173 PHE PHE A . n 
A 1 187 PRO 187 187 174 PRO PRO A . n 
A 1 188 LYS 188 188 175 LYS LYS A . n 
A 1 189 LEU 189 189 176 LEU LEU A . n 
A 1 190 VAL 190 190 177 VAL VAL A . n 
A 1 191 CYS 191 191 178 CYS CYS A . n 
A 1 192 PHE 192 192 179 PHE PHE A . n 
A 1 193 LYS 193 193 180 LYS LYS A . n 
A 1 194 LYS 194 194 181 LYS LYS A . n 
A 1 195 ARG 195 195 182 ARG ARG A . n 
A 1 196 ILE 196 196 183 ILE ILE A . n 
A 1 197 GLU 197 197 184 GLU GLU A . n 
A 1 198 ALA 198 198 185 ALA ALA A . n 
A 1 199 ILE 199 199 186 ILE ILE A . n 
A 1 200 PRO 200 200 187 PRO PRO A . n 
A 1 201 GLN 201 201 188 GLN GLN A . n 
A 1 202 ILE 202 202 189 ILE ILE A . n 
A 1 203 ASP 203 203 190 ASP ASP A . n 
A 1 204 LYS 204 204 191 LYS LYS A . n 
A 1 205 TYR 205 205 192 TYR TYR A . n 
A 1 206 LEU 206 206 193 LEU LEU A . n 
A 1 207 LYS 207 207 194 LYS LYS A . n 
A 1 208 SER 208 208 195 SER SER A . n 
A 1 209 SER 209 209 196 SER SER A . n 
A 1 210 LYS 210 210 197 LYS LYS A . n 
A 1 211 TYR 211 211 198 TYR TYR A . n 
A 1 212 ILE 212 212 199 ILE ILE A . n 
A 1 213 ALA 213 213 200 ALA ALA A . n 
A 1 214 TRP 214 214 201 TRP TRP A . n 
A 1 215 PRO 215 215 202 PRO PRO A . n 
A 1 216 LEU 216 216 203 LEU LEU A . n 
A 1 217 GLN 217 217 204 GLN GLN A . n 
A 1 218 GLY 218 218 205 GLY GLY A . n 
A 1 219 TRP 219 219 206 TRP TRP A . n 
A 1 220 GLN 220 220 207 GLN GLN A . n 
A 1 221 ALA 221 221 208 ALA ALA A . n 
A 1 222 THR 222 222 209 THR THR A . n 
A 1 223 PHE 223 223 210 PHE PHE A . n 
A 1 224 GLY 224 224 211 GLY GLY A . n 
A 1 225 GLY 225 225 212 GLY GLY A . n 
A 1 226 GLY 226 226 213 GLY GLY A . n 
A 1 227 ASP 227 227 214 ASP ASP A . n 
A 1 228 HIS 228 228 215 HIS HIS A . n 
A 1 229 PRO 229 229 216 PRO PRO A . n 
A 1 230 PRO 230 230 ?   ?   ?   A . n 
A 1 231 LYS 231 231 ?   ?   ?   A . n 
# 
loop_
_pdbx_nonpoly_scheme.asym_id 
_pdbx_nonpoly_scheme.entity_id 
_pdbx_nonpoly_scheme.mon_id 
_pdbx_nonpoly_scheme.ndb_seq_num 
_pdbx_nonpoly_scheme.pdb_seq_num 
_pdbx_nonpoly_scheme.auth_seq_num 
_pdbx_nonpoly_scheme.pdb_mon_id 
_pdbx_nonpoly_scheme.auth_mon_id 
_pdbx_nonpoly_scheme.pdb_strand_id 
_pdbx_nonpoly_scheme.pdb_ins_code 
B 2 HOH 1  301 1  HOH HOH A . 
B 2 HOH 2  302 2  HOH HOH A . 
B 2 HOH 3  303 3  HOH HOH A . 
B 2 HOH 4  304 4  HOH HOH A . 
B 2 HOH 5  305 5  HOH HOH A . 
B 2 HOH 6  306 6  HOH HOH A . 
B 2 HOH 7  307 7  HOH HOH A . 
B 2 HOH 8  308 8  HOH HOH A . 
B 2 HOH 9  309 9  HOH HOH A . 
B 2 HOH 10 310 10 HOH HOH A . 
B 2 HOH 11 311 11 HOH HOH A . 
B 2 HOH 12 312 12 HOH HOH A . 
B 2 HOH 13 313 13 HOH HOH A . 
B 2 HOH 14 314 14 HOH HOH A . 
B 2 HOH 15 315 15 HOH HOH A . 
B 2 HOH 16 316 16 HOH HOH A . 
B 2 HOH 17 317 17 HOH HOH A . 
B 2 HOH 18 318 18 HOH HOH A . 
B 2 HOH 19 319 19 HOH HOH A . 
B 2 HOH 20 320 20 HOH HOH A . 
B 2 HOH 21 321 21 HOH HOH A . 
B 2 HOH 22 322 22 HOH HOH A . 
B 2 HOH 23 323 23 HOH HOH A . 
B 2 HOH 24 324 24 HOH HOH A . 
B 2 HOH 25 325 25 HOH HOH A . 
B 2 HOH 26 326 26 HOH HOH A . 
B 2 HOH 27 327 27 HOH HOH A . 
B 2 HOH 28 328 28 HOH HOH A . 
B 2 HOH 29 329 29 HOH HOH A . 
B 2 HOH 30 330 30 HOH HOH A . 
B 2 HOH 31 331 31 HOH HOH A . 
B 2 HOH 32 332 32 HOH HOH A . 
B 2 HOH 33 333 33 HOH HOH A . 
B 2 HOH 34 334 34 HOH HOH A . 
B 2 HOH 35 335 35 HOH HOH A . 
B 2 HOH 36 336 36 HOH HOH A . 
B 2 HOH 37 337 37 HOH HOH A . 
B 2 HOH 38 338 38 HOH HOH A . 
B 2 HOH 39 339 39 HOH HOH A . 
B 2 HOH 40 340 40 HOH HOH A . 
B 2 HOH 41 341 41 HOH HOH A . 
B 2 HOH 42 342 42 HOH HOH A . 
B 2 HOH 43 343 43 HOH HOH A . 
B 2 HOH 44 344 44 HOH HOH A . 
B 2 HOH 45 345 45 HOH HOH A . 
B 2 HOH 46 346 46 HOH HOH A . 
B 2 HOH 47 347 47 HOH HOH A . 
B 2 HOH 48 348 48 HOH HOH A . 
B 2 HOH 49 349 49 HOH HOH A . 
B 2 HOH 50 350 50 HOH HOH A . 
B 2 HOH 51 351 51 HOH HOH A . 
B 2 HOH 52 352 52 HOH HOH A . 
B 2 HOH 53 353 53 HOH HOH A . 
B 2 HOH 54 354 54 HOH HOH A . 
B 2 HOH 55 355 55 HOH HOH A . 
B 2 HOH 56 356 56 HOH HOH A . 
B 2 HOH 57 357 57 HOH HOH A . 
B 2 HOH 58 358 58 HOH HOH A . 
B 2 HOH 59 359 59 HOH HOH A . 
B 2 HOH 60 360 60 HOH HOH A . 
B 2 HOH 61 361 61 HOH HOH A . 
B 2 HOH 62 362 62 HOH HOH A . 
B 2 HOH 63 363 63 HOH HOH A . 
B 2 HOH 64 364 64 HOH HOH A . 
B 2 HOH 65 365 65 HOH HOH A . 
B 2 HOH 66 366 66 HOH HOH A . 
B 2 HOH 67 367 67 HOH HOH A . 
B 2 HOH 68 368 68 HOH HOH A . 
B 2 HOH 69 369 69 HOH HOH A . 
B 2 HOH 70 370 70 HOH HOH A . 
B 2 HOH 71 371 71 HOH HOH A . 
# 
_pdbx_struct_assembly.id                   1 
_pdbx_struct_assembly.details              author_and_software_defined_assembly 
_pdbx_struct_assembly.method_details       PISA 
_pdbx_struct_assembly.oligomeric_details   dimeric 
_pdbx_struct_assembly.oligomeric_count     2 
# 
_pdbx_struct_assembly_gen.assembly_id       1 
_pdbx_struct_assembly_gen.oper_expression   1,2 
_pdbx_struct_assembly_gen.asym_id_list      A,B 
# 
loop_
_pdbx_struct_assembly_prop.biol_id 
_pdbx_struct_assembly_prop.type 
_pdbx_struct_assembly_prop.value 
_pdbx_struct_assembly_prop.details 
1 'ABSA (A^2)' 2640  ? 
1 MORE         -21   ? 
1 'SSA (A^2)'  18750 ? 
# 
loop_
_pdbx_struct_oper_list.id 
_pdbx_struct_oper_list.type 
_pdbx_struct_oper_list.name 
_pdbx_struct_oper_list.symmetry_operation 
_pdbx_struct_oper_list.matrix[1][1] 
_pdbx_struct_oper_list.matrix[1][2] 
_pdbx_struct_oper_list.matrix[1][3] 
_pdbx_struct_oper_list.vector[1] 
_pdbx_struct_oper_list.matrix[2][1] 
_pdbx_struct_oper_list.matrix[2][2] 
_pdbx_struct_oper_list.matrix[2][3] 
_pdbx_struct_oper_list.vector[2] 
_pdbx_struct_oper_list.matrix[3][1] 
_pdbx_struct_oper_list.matrix[3][2] 
_pdbx_struct_oper_list.matrix[3][3] 
_pdbx_struct_oper_list.vector[3] 
1 'identity operation'         1_555 x,y,z        1.0000000000  0.0000000000 0.0000000000  0.0000000000   0.0000000000 1.0000000000 0.0000000000  0.0000000000 0.0000000000  0.0000000000  1.0000000000  0.0000000000   
2 'crystal symmetry operation' 8_554 -y,-x,-z-1/2 -0.3710584446 0.8683833010 -0.3289773143 -16.2811614764 0.8683833010 0.1989819258 -0.4542209108 4.6796228957 -0.3289773143 -0.4542209108 -0.8279234813 -18.7739165511 
# 
_pdbx_struct_special_symmetry.id              1 
_pdbx_struct_special_symmetry.PDB_model_num   1 
_pdbx_struct_special_symmetry.auth_asym_id    A 
_pdbx_struct_special_symmetry.auth_comp_id    HOH 
_pdbx_struct_special_symmetry.auth_seq_id     371 
_pdbx_struct_special_symmetry.PDB_ins_code    ? 
_pdbx_struct_special_symmetry.label_asym_id   B 
_pdbx_struct_special_symmetry.label_comp_id   HOH 
_pdbx_struct_special_symmetry.label_seq_id    . 
# 
loop_
_pdbx_audit_revision_history.ordinal 
_pdbx_audit_revision_history.data_content_type 
_pdbx_audit_revision_history.major_revision 
_pdbx_audit_revision_history.minor_revision 
_pdbx_audit_revision_history.revision_date 
1 'Structure model' 1 0 2012-05-16 
2 'Structure model' 1 1 2012-09-19 
3 'Structure model' 1 2 2017-08-09 
4 'Structure model' 1 3 2023-09-13 
# 
_pdbx_audit_revision_details.ordinal             1 
_pdbx_audit_revision_details.revision_ordinal    1 
_pdbx_audit_revision_details.data_content_type   'Structure model' 
_pdbx_audit_revision_details.provider            repository 
_pdbx_audit_revision_details.type                'Initial release' 
_pdbx_audit_revision_details.description         ? 
_pdbx_audit_revision_details.details             ? 
# 
loop_
_pdbx_audit_revision_group.ordinal 
_pdbx_audit_revision_group.revision_ordinal 
_pdbx_audit_revision_group.data_content_type 
_pdbx_audit_revision_group.group 
1 2 'Structure model' 'Database references'    
2 3 'Structure model' 'Refinement description' 
3 3 'Structure model' 'Source and taxonomy'    
4 4 'Structure model' 'Data collection'        
5 4 'Structure model' 'Database references'    
6 4 'Structure model' 'Refinement description' 
# 
loop_
_pdbx_audit_revision_category.ordinal 
_pdbx_audit_revision_category.revision_ordinal 
_pdbx_audit_revision_category.data_content_type 
_pdbx_audit_revision_category.category 
1 3 'Structure model' entity_src_gen                
2 3 'Structure model' software                      
3 4 'Structure model' chem_comp_atom                
4 4 'Structure model' chem_comp_bond                
5 4 'Structure model' database_2                    
6 4 'Structure model' pdbx_initial_refinement_model 
# 
loop_
_pdbx_audit_revision_item.ordinal 
_pdbx_audit_revision_item.revision_ordinal 
_pdbx_audit_revision_item.data_content_type 
_pdbx_audit_revision_item.item 
1 4 'Structure model' '_database_2.pdbx_DOI'                
2 4 'Structure model' '_database_2.pdbx_database_accession' 
# 
loop_
_software.name 
_software.classification 
_software.version 
_software.citation_id 
_software.pdbx_ordinal 
HKL-2000 'data collection' .        ? 1 
MOLREP   phasing           .        ? 2 
REFMAC   refinement        5.5.0110 ? 3 
HKL-2000 'data reduction'  .        ? 4 
HKL-2000 'data scaling'    .        ? 5 
# 
_pdbx_entry_details.entry_id                 4ECC 
_pdbx_entry_details.nonpolymer_details       ? 
_pdbx_entry_details.sequence_details         
;THE CRYSTALLIZED SEQUENCE REPRESENTS A CHIMERIC CONSTRUCT. GLUTATHIONE S-TRANSFERASE CONTAINS A LINKER CORRESPONDING TO DOMAIN OF A HUMAN KININOGEN-1
;
_pdbx_entry_details.compound_details         ? 
_pdbx_entry_details.source_details           ? 
_pdbx_entry_details.has_ligand_of_interest   ? 
# 
loop_
_pdbx_validate_rmsd_angle.id 
_pdbx_validate_rmsd_angle.PDB_model_num 
_pdbx_validate_rmsd_angle.auth_atom_id_1 
_pdbx_validate_rmsd_angle.auth_asym_id_1 
_pdbx_validate_rmsd_angle.auth_comp_id_1 
_pdbx_validate_rmsd_angle.auth_seq_id_1 
_pdbx_validate_rmsd_angle.PDB_ins_code_1 
_pdbx_validate_rmsd_angle.label_alt_id_1 
_pdbx_validate_rmsd_angle.auth_atom_id_2 
_pdbx_validate_rmsd_angle.auth_asym_id_2 
_pdbx_validate_rmsd_angle.auth_comp_id_2 
_pdbx_validate_rmsd_angle.auth_seq_id_2 
_pdbx_validate_rmsd_angle.PDB_ins_code_2 
_pdbx_validate_rmsd_angle.label_alt_id_2 
_pdbx_validate_rmsd_angle.auth_atom_id_3 
_pdbx_validate_rmsd_angle.auth_asym_id_3 
_pdbx_validate_rmsd_angle.auth_comp_id_3 
_pdbx_validate_rmsd_angle.auth_seq_id_3 
_pdbx_validate_rmsd_angle.PDB_ins_code_3 
_pdbx_validate_rmsd_angle.label_alt_id_3 
_pdbx_validate_rmsd_angle.angle_value 
_pdbx_validate_rmsd_angle.angle_target_value 
_pdbx_validate_rmsd_angle.angle_deviation 
_pdbx_validate_rmsd_angle.angle_standard_deviation 
_pdbx_validate_rmsd_angle.linker_flag 
1 1 NE A ARG 18 ? ? CZ A ARG 18 ? ? NH1 A ARG 18 ? ? 116.19 120.30 -4.11 0.50 N 
2 1 NE A ARG 18 ? ? CZ A ARG 18 ? ? NH2 A ARG 18 ? ? 123.56 120.30 3.26  0.50 N 
# 
loop_
_pdbx_validate_torsion.id 
_pdbx_validate_torsion.PDB_model_num 
_pdbx_validate_torsion.auth_comp_id 
_pdbx_validate_torsion.auth_asym_id 
_pdbx_validate_torsion.auth_seq_id 
_pdbx_validate_torsion.PDB_ins_code 
_pdbx_validate_torsion.label_alt_id 
_pdbx_validate_torsion.phi 
_pdbx_validate_torsion.psi 
1 1 LYS A 11 ? ? -62.91 -72.71 
2 1 GLU A 37 ? ? -83.71 35.17  
3 1 PRO A 66 ? ? -34.30 122.83 
4 1 GLN A 80 ? ? 73.08  112.94 
# 
loop_
_pdbx_unobs_or_zero_occ_residues.id 
_pdbx_unobs_or_zero_occ_residues.PDB_model_num 
_pdbx_unobs_or_zero_occ_residues.polymer_flag 
_pdbx_unobs_or_zero_occ_residues.occupancy_flag 
_pdbx_unobs_or_zero_occ_residues.auth_asym_id 
_pdbx_unobs_or_zero_occ_residues.auth_comp_id 
_pdbx_unobs_or_zero_occ_residues.auth_seq_id 
_pdbx_unobs_or_zero_occ_residues.PDB_ins_code 
_pdbx_unobs_or_zero_occ_residues.label_asym_id 
_pdbx_unobs_or_zero_occ_residues.label_comp_id 
_pdbx_unobs_or_zero_occ_residues.label_seq_id 
1  1 Y 1 A MET 1   ? A MET 1   
2  1 Y 1 A LYS 40  ? A LYS 40  
3  1 Y 1 A TRP 41  ? A TRP 41  
4  1 Y 1 A ARG 42  ? A ARG 42  
5  1 Y 1 A ASN 43  ? A ASN 43  
6  1 Y 1 A LYS 44  ? A LYS 44  
7  1 Y 1 A LYS 45  ? A LYS 45  
8  1 Y 1 A PHE 46  ? A PHE 46  
9  1 Y 1 A GLU 47  ? A GLU 47  
10 1 Y 1 A LEU 48  ? A LEU 48  
11 1 Y 1 A GLY 49  ? A GLY 49  
12 1 Y 1 A LYS 50  ? A LYS 50  
13 1 Y 1 A HIS 51  ? A HIS 51  
14 1 Y 1 A GLY 52  ? A GLY 52  
15 1 Y 1 A HIS 53  ? A HIS 53  
16 1 Y 1 A GLY 54  ? A GLY 54  
17 1 Y 1 A HIS 55  ? A HIS 55  
18 1 Y 1 A GLY 56  ? A GLY 56  
19 1 Y 1 A LYS 57  ? A LYS 57  
20 1 Y 1 A HIS 58  ? A HIS 58  
21 1 Y 1 A LYS 59  ? A LYS 59  
22 1 Y 1 A ASN 60  ? A ASN 60  
23 1 Y 1 A LYS 61  ? A LYS 61  
24 1 Y 1 A PRO 230 ? A PRO 230 
25 1 Y 1 A LYS 231 ? A LYS 231 
# 
loop_
_chem_comp_atom.comp_id 
_chem_comp_atom.atom_id 
_chem_comp_atom.type_symbol 
_chem_comp_atom.pdbx_aromatic_flag 
_chem_comp_atom.pdbx_stereo_config 
_chem_comp_atom.pdbx_ordinal 
ALA N    N N N 1   
ALA CA   C N S 2   
ALA C    C N N 3   
ALA O    O N N 4   
ALA CB   C N N 5   
ALA OXT  O N N 6   
ALA H    H N N 7   
ALA H2   H N N 8   
ALA HA   H N N 9   
ALA HB1  H N N 10  
ALA HB2  H N N 11  
ALA HB3  H N N 12  
ALA HXT  H N N 13  
ARG N    N N N 14  
ARG CA   C N S 15  
ARG C    C N N 16  
ARG O    O N N 17  
ARG CB   C N N 18  
ARG CG   C N N 19  
ARG CD   C N N 20  
ARG NE   N N N 21  
ARG CZ   C N N 22  
ARG NH1  N N N 23  
ARG NH2  N N N 24  
ARG OXT  O N N 25  
ARG H    H N N 26  
ARG H2   H N N 27  
ARG HA   H N N 28  
ARG HB2  H N N 29  
ARG HB3  H N N 30  
ARG HG2  H N N 31  
ARG HG3  H N N 32  
ARG HD2  H N N 33  
ARG HD3  H N N 34  
ARG HE   H N N 35  
ARG HH11 H N N 36  
ARG HH12 H N N 37  
ARG HH21 H N N 38  
ARG HH22 H N N 39  
ARG HXT  H N N 40  
ASN N    N N N 41  
ASN CA   C N S 42  
ASN C    C N N 43  
ASN O    O N N 44  
ASN CB   C N N 45  
ASN CG   C N N 46  
ASN OD1  O N N 47  
ASN ND2  N N N 48  
ASN OXT  O N N 49  
ASN H    H N N 50  
ASN H2   H N N 51  
ASN HA   H N N 52  
ASN HB2  H N N 53  
ASN HB3  H N N 54  
ASN HD21 H N N 55  
ASN HD22 H N N 56  
ASN HXT  H N N 57  
ASP N    N N N 58  
ASP CA   C N S 59  
ASP C    C N N 60  
ASP O    O N N 61  
ASP CB   C N N 62  
ASP CG   C N N 63  
ASP OD1  O N N 64  
ASP OD2  O N N 65  
ASP OXT  O N N 66  
ASP H    H N N 67  
ASP H2   H N N 68  
ASP HA   H N N 69  
ASP HB2  H N N 70  
ASP HB3  H N N 71  
ASP HD2  H N N 72  
ASP HXT  H N N 73  
CYS N    N N N 74  
CYS CA   C N R 75  
CYS C    C N N 76  
CYS O    O N N 77  
CYS CB   C N N 78  
CYS SG   S N N 79  
CYS OXT  O N N 80  
CYS H    H N N 81  
CYS H2   H N N 82  
CYS HA   H N N 83  
CYS HB2  H N N 84  
CYS HB3  H N N 85  
CYS HG   H N N 86  
CYS HXT  H N N 87  
GLN N    N N N 88  
GLN CA   C N S 89  
GLN C    C N N 90  
GLN O    O N N 91  
GLN CB   C N N 92  
GLN CG   C N N 93  
GLN CD   C N N 94  
GLN OE1  O N N 95  
GLN NE2  N N N 96  
GLN OXT  O N N 97  
GLN H    H N N 98  
GLN H2   H N N 99  
GLN HA   H N N 100 
GLN HB2  H N N 101 
GLN HB3  H N N 102 
GLN HG2  H N N 103 
GLN HG3  H N N 104 
GLN HE21 H N N 105 
GLN HE22 H N N 106 
GLN HXT  H N N 107 
GLU N    N N N 108 
GLU CA   C N S 109 
GLU C    C N N 110 
GLU O    O N N 111 
GLU CB   C N N 112 
GLU CG   C N N 113 
GLU CD   C N N 114 
GLU OE1  O N N 115 
GLU OE2  O N N 116 
GLU OXT  O N N 117 
GLU H    H N N 118 
GLU H2   H N N 119 
GLU HA   H N N 120 
GLU HB2  H N N 121 
GLU HB3  H N N 122 
GLU HG2  H N N 123 
GLU HG3  H N N 124 
GLU HE2  H N N 125 
GLU HXT  H N N 126 
GLY N    N N N 127 
GLY CA   C N N 128 
GLY C    C N N 129 
GLY O    O N N 130 
GLY OXT  O N N 131 
GLY H    H N N 132 
GLY H2   H N N 133 
GLY HA2  H N N 134 
GLY HA3  H N N 135 
GLY HXT  H N N 136 
HIS N    N N N 137 
HIS CA   C N S 138 
HIS C    C N N 139 
HIS O    O N N 140 
HIS CB   C N N 141 
HIS CG   C Y N 142 
HIS ND1  N Y N 143 
HIS CD2  C Y N 144 
HIS CE1  C Y N 145 
HIS NE2  N Y N 146 
HIS OXT  O N N 147 
HIS H    H N N 148 
HIS H2   H N N 149 
HIS HA   H N N 150 
HIS HB2  H N N 151 
HIS HB3  H N N 152 
HIS HD1  H N N 153 
HIS HD2  H N N 154 
HIS HE1  H N N 155 
HIS HE2  H N N 156 
HIS HXT  H N N 157 
HOH O    O N N 158 
HOH H1   H N N 159 
HOH H2   H N N 160 
ILE N    N N N 161 
ILE CA   C N S 162 
ILE C    C N N 163 
ILE O    O N N 164 
ILE CB   C N S 165 
ILE CG1  C N N 166 
ILE CG2  C N N 167 
ILE CD1  C N N 168 
ILE OXT  O N N 169 
ILE H    H N N 170 
ILE H2   H N N 171 
ILE HA   H N N 172 
ILE HB   H N N 173 
ILE HG12 H N N 174 
ILE HG13 H N N 175 
ILE HG21 H N N 176 
ILE HG22 H N N 177 
ILE HG23 H N N 178 
ILE HD11 H N N 179 
ILE HD12 H N N 180 
ILE HD13 H N N 181 
ILE HXT  H N N 182 
LEU N    N N N 183 
LEU CA   C N S 184 
LEU C    C N N 185 
LEU O    O N N 186 
LEU CB   C N N 187 
LEU CG   C N N 188 
LEU CD1  C N N 189 
LEU CD2  C N N 190 
LEU OXT  O N N 191 
LEU H    H N N 192 
LEU H2   H N N 193 
LEU HA   H N N 194 
LEU HB2  H N N 195 
LEU HB3  H N N 196 
LEU HG   H N N 197 
LEU HD11 H N N 198 
LEU HD12 H N N 199 
LEU HD13 H N N 200 
LEU HD21 H N N 201 
LEU HD22 H N N 202 
LEU HD23 H N N 203 
LEU HXT  H N N 204 
LYS N    N N N 205 
LYS CA   C N S 206 
LYS C    C N N 207 
LYS O    O N N 208 
LYS CB   C N N 209 
LYS CG   C N N 210 
LYS CD   C N N 211 
LYS CE   C N N 212 
LYS NZ   N N N 213 
LYS OXT  O N N 214 
LYS H    H N N 215 
LYS H2   H N N 216 
LYS HA   H N N 217 
LYS HB2  H N N 218 
LYS HB3  H N N 219 
LYS HG2  H N N 220 
LYS HG3  H N N 221 
LYS HD2  H N N 222 
LYS HD3  H N N 223 
LYS HE2  H N N 224 
LYS HE3  H N N 225 
LYS HZ1  H N N 226 
LYS HZ2  H N N 227 
LYS HZ3  H N N 228 
LYS HXT  H N N 229 
MET N    N N N 230 
MET CA   C N S 231 
MET C    C N N 232 
MET O    O N N 233 
MET CB   C N N 234 
MET CG   C N N 235 
MET SD   S N N 236 
MET CE   C N N 237 
MET OXT  O N N 238 
MET H    H N N 239 
MET H2   H N N 240 
MET HA   H N N 241 
MET HB2  H N N 242 
MET HB3  H N N 243 
MET HG2  H N N 244 
MET HG3  H N N 245 
MET HE1  H N N 246 
MET HE2  H N N 247 
MET HE3  H N N 248 
MET HXT  H N N 249 
PHE N    N N N 250 
PHE CA   C N S 251 
PHE C    C N N 252 
PHE O    O N N 253 
PHE CB   C N N 254 
PHE CG   C Y N 255 
PHE CD1  C Y N 256 
PHE CD2  C Y N 257 
PHE CE1  C Y N 258 
PHE CE2  C Y N 259 
PHE CZ   C Y N 260 
PHE OXT  O N N 261 
PHE H    H N N 262 
PHE H2   H N N 263 
PHE HA   H N N 264 
PHE HB2  H N N 265 
PHE HB3  H N N 266 
PHE HD1  H N N 267 
PHE HD2  H N N 268 
PHE HE1  H N N 269 
PHE HE2  H N N 270 
PHE HZ   H N N 271 
PHE HXT  H N N 272 
PRO N    N N N 273 
PRO CA   C N S 274 
PRO C    C N N 275 
PRO O    O N N 276 
PRO CB   C N N 277 
PRO CG   C N N 278 
PRO CD   C N N 279 
PRO OXT  O N N 280 
PRO H    H N N 281 
PRO HA   H N N 282 
PRO HB2  H N N 283 
PRO HB3  H N N 284 
PRO HG2  H N N 285 
PRO HG3  H N N 286 
PRO HD2  H N N 287 
PRO HD3  H N N 288 
PRO HXT  H N N 289 
SER N    N N N 290 
SER CA   C N S 291 
SER C    C N N 292 
SER O    O N N 293 
SER CB   C N N 294 
SER OG   O N N 295 
SER OXT  O N N 296 
SER H    H N N 297 
SER H2   H N N 298 
SER HA   H N N 299 
SER HB2  H N N 300 
SER HB3  H N N 301 
SER HG   H N N 302 
SER HXT  H N N 303 
THR N    N N N 304 
THR CA   C N S 305 
THR C    C N N 306 
THR O    O N N 307 
THR CB   C N R 308 
THR OG1  O N N 309 
THR CG2  C N N 310 
THR OXT  O N N 311 
THR H    H N N 312 
THR H2   H N N 313 
THR HA   H N N 314 
THR HB   H N N 315 
THR HG1  H N N 316 
THR HG21 H N N 317 
THR HG22 H N N 318 
THR HG23 H N N 319 
THR HXT  H N N 320 
TRP N    N N N 321 
TRP CA   C N S 322 
TRP C    C N N 323 
TRP O    O N N 324 
TRP CB   C N N 325 
TRP CG   C Y N 326 
TRP CD1  C Y N 327 
TRP CD2  C Y N 328 
TRP NE1  N Y N 329 
TRP CE2  C Y N 330 
TRP CE3  C Y N 331 
TRP CZ2  C Y N 332 
TRP CZ3  C Y N 333 
TRP CH2  C Y N 334 
TRP OXT  O N N 335 
TRP H    H N N 336 
TRP H2   H N N 337 
TRP HA   H N N 338 
TRP HB2  H N N 339 
TRP HB3  H N N 340 
TRP HD1  H N N 341 
TRP HE1  H N N 342 
TRP HE3  H N N 343 
TRP HZ2  H N N 344 
TRP HZ3  H N N 345 
TRP HH2  H N N 346 
TRP HXT  H N N 347 
TYR N    N N N 348 
TYR CA   C N S 349 
TYR C    C N N 350 
TYR O    O N N 351 
TYR CB   C N N 352 
TYR CG   C Y N 353 
TYR CD1  C Y N 354 
TYR CD2  C Y N 355 
TYR CE1  C Y N 356 
TYR CE2  C Y N 357 
TYR CZ   C Y N 358 
TYR OH   O N N 359 
TYR OXT  O N N 360 
TYR H    H N N 361 
TYR H2   H N N 362 
TYR HA   H N N 363 
TYR HB2  H N N 364 
TYR HB3  H N N 365 
TYR HD1  H N N 366 
TYR HD2  H N N 367 
TYR HE1  H N N 368 
TYR HE2  H N N 369 
TYR HH   H N N 370 
TYR HXT  H N N 371 
VAL N    N N N 372 
VAL CA   C N S 373 
VAL C    C N N 374 
VAL O    O N N 375 
VAL CB   C N N 376 
VAL CG1  C N N 377 
VAL CG2  C N N 378 
VAL OXT  O N N 379 
VAL H    H N N 380 
VAL H2   H N N 381 
VAL HA   H N N 382 
VAL HB   H N N 383 
VAL HG11 H N N 384 
VAL HG12 H N N 385 
VAL HG13 H N N 386 
VAL HG21 H N N 387 
VAL HG22 H N N 388 
VAL HG23 H N N 389 
VAL HXT  H N N 390 
# 
loop_
_chem_comp_bond.comp_id 
_chem_comp_bond.atom_id_1 
_chem_comp_bond.atom_id_2 
_chem_comp_bond.value_order 
_chem_comp_bond.pdbx_aromatic_flag 
_chem_comp_bond.pdbx_stereo_config 
_chem_comp_bond.pdbx_ordinal 
ALA N   CA   sing N N 1   
ALA N   H    sing N N 2   
ALA N   H2   sing N N 3   
ALA CA  C    sing N N 4   
ALA CA  CB   sing N N 5   
ALA CA  HA   sing N N 6   
ALA C   O    doub N N 7   
ALA C   OXT  sing N N 8   
ALA CB  HB1  sing N N 9   
ALA CB  HB2  sing N N 10  
ALA CB  HB3  sing N N 11  
ALA OXT HXT  sing N N 12  
ARG N   CA   sing N N 13  
ARG N   H    sing N N 14  
ARG N   H2   sing N N 15  
ARG CA  C    sing N N 16  
ARG CA  CB   sing N N 17  
ARG CA  HA   sing N N 18  
ARG C   O    doub N N 19  
ARG C   OXT  sing N N 20  
ARG CB  CG   sing N N 21  
ARG CB  HB2  sing N N 22  
ARG CB  HB3  sing N N 23  
ARG CG  CD   sing N N 24  
ARG CG  HG2  sing N N 25  
ARG CG  HG3  sing N N 26  
ARG CD  NE   sing N N 27  
ARG CD  HD2  sing N N 28  
ARG CD  HD3  sing N N 29  
ARG NE  CZ   sing N N 30  
ARG NE  HE   sing N N 31  
ARG CZ  NH1  sing N N 32  
ARG CZ  NH2  doub N N 33  
ARG NH1 HH11 sing N N 34  
ARG NH1 HH12 sing N N 35  
ARG NH2 HH21 sing N N 36  
ARG NH2 HH22 sing N N 37  
ARG OXT HXT  sing N N 38  
ASN N   CA   sing N N 39  
ASN N   H    sing N N 40  
ASN N   H2   sing N N 41  
ASN CA  C    sing N N 42  
ASN CA  CB   sing N N 43  
ASN CA  HA   sing N N 44  
ASN C   O    doub N N 45  
ASN C   OXT  sing N N 46  
ASN CB  CG   sing N N 47  
ASN CB  HB2  sing N N 48  
ASN CB  HB3  sing N N 49  
ASN CG  OD1  doub N N 50  
ASN CG  ND2  sing N N 51  
ASN ND2 HD21 sing N N 52  
ASN ND2 HD22 sing N N 53  
ASN OXT HXT  sing N N 54  
ASP N   CA   sing N N 55  
ASP N   H    sing N N 56  
ASP N   H2   sing N N 57  
ASP CA  C    sing N N 58  
ASP CA  CB   sing N N 59  
ASP CA  HA   sing N N 60  
ASP C   O    doub N N 61  
ASP C   OXT  sing N N 62  
ASP CB  CG   sing N N 63  
ASP CB  HB2  sing N N 64  
ASP CB  HB3  sing N N 65  
ASP CG  OD1  doub N N 66  
ASP CG  OD2  sing N N 67  
ASP OD2 HD2  sing N N 68  
ASP OXT HXT  sing N N 69  
CYS N   CA   sing N N 70  
CYS N   H    sing N N 71  
CYS N   H2   sing N N 72  
CYS CA  C    sing N N 73  
CYS CA  CB   sing N N 74  
CYS CA  HA   sing N N 75  
CYS C   O    doub N N 76  
CYS C   OXT  sing N N 77  
CYS CB  SG   sing N N 78  
CYS CB  HB2  sing N N 79  
CYS CB  HB3  sing N N 80  
CYS SG  HG   sing N N 81  
CYS OXT HXT  sing N N 82  
GLN N   CA   sing N N 83  
GLN N   H    sing N N 84  
GLN N   H2   sing N N 85  
GLN CA  C    sing N N 86  
GLN CA  CB   sing N N 87  
GLN CA  HA   sing N N 88  
GLN C   O    doub N N 89  
GLN C   OXT  sing N N 90  
GLN CB  CG   sing N N 91  
GLN CB  HB2  sing N N 92  
GLN CB  HB3  sing N N 93  
GLN CG  CD   sing N N 94  
GLN CG  HG2  sing N N 95  
GLN CG  HG3  sing N N 96  
GLN CD  OE1  doub N N 97  
GLN CD  NE2  sing N N 98  
GLN NE2 HE21 sing N N 99  
GLN NE2 HE22 sing N N 100 
GLN OXT HXT  sing N N 101 
GLU N   CA   sing N N 102 
GLU N   H    sing N N 103 
GLU N   H2   sing N N 104 
GLU CA  C    sing N N 105 
GLU CA  CB   sing N N 106 
GLU CA  HA   sing N N 107 
GLU C   O    doub N N 108 
GLU C   OXT  sing N N 109 
GLU CB  CG   sing N N 110 
GLU CB  HB2  sing N N 111 
GLU CB  HB3  sing N N 112 
GLU CG  CD   sing N N 113 
GLU CG  HG2  sing N N 114 
GLU CG  HG3  sing N N 115 
GLU CD  OE1  doub N N 116 
GLU CD  OE2  sing N N 117 
GLU OE2 HE2  sing N N 118 
GLU OXT HXT  sing N N 119 
GLY N   CA   sing N N 120 
GLY N   H    sing N N 121 
GLY N   H2   sing N N 122 
GLY CA  C    sing N N 123 
GLY CA  HA2  sing N N 124 
GLY CA  HA3  sing N N 125 
GLY C   O    doub N N 126 
GLY C   OXT  sing N N 127 
GLY OXT HXT  sing N N 128 
HIS N   CA   sing N N 129 
HIS N   H    sing N N 130 
HIS N   H2   sing N N 131 
HIS CA  C    sing N N 132 
HIS CA  CB   sing N N 133 
HIS CA  HA   sing N N 134 
HIS C   O    doub N N 135 
HIS C   OXT  sing N N 136 
HIS CB  CG   sing N N 137 
HIS CB  HB2  sing N N 138 
HIS CB  HB3  sing N N 139 
HIS CG  ND1  sing Y N 140 
HIS CG  CD2  doub Y N 141 
HIS ND1 CE1  doub Y N 142 
HIS ND1 HD1  sing N N 143 
HIS CD2 NE2  sing Y N 144 
HIS CD2 HD2  sing N N 145 
HIS CE1 NE2  sing Y N 146 
HIS CE1 HE1  sing N N 147 
HIS NE2 HE2  sing N N 148 
HIS OXT HXT  sing N N 149 
HOH O   H1   sing N N 150 
HOH O   H2   sing N N 151 
ILE N   CA   sing N N 152 
ILE N   H    sing N N 153 
ILE N   H2   sing N N 154 
ILE CA  C    sing N N 155 
ILE CA  CB   sing N N 156 
ILE CA  HA   sing N N 157 
ILE C   O    doub N N 158 
ILE C   OXT  sing N N 159 
ILE CB  CG1  sing N N 160 
ILE CB  CG2  sing N N 161 
ILE CB  HB   sing N N 162 
ILE CG1 CD1  sing N N 163 
ILE CG1 HG12 sing N N 164 
ILE CG1 HG13 sing N N 165 
ILE CG2 HG21 sing N N 166 
ILE CG2 HG22 sing N N 167 
ILE CG2 HG23 sing N N 168 
ILE CD1 HD11 sing N N 169 
ILE CD1 HD12 sing N N 170 
ILE CD1 HD13 sing N N 171 
ILE OXT HXT  sing N N 172 
LEU N   CA   sing N N 173 
LEU N   H    sing N N 174 
LEU N   H2   sing N N 175 
LEU CA  C    sing N N 176 
LEU CA  CB   sing N N 177 
LEU CA  HA   sing N N 178 
LEU C   O    doub N N 179 
LEU C   OXT  sing N N 180 
LEU CB  CG   sing N N 181 
LEU CB  HB2  sing N N 182 
LEU CB  HB3  sing N N 183 
LEU CG  CD1  sing N N 184 
LEU CG  CD2  sing N N 185 
LEU CG  HG   sing N N 186 
LEU CD1 HD11 sing N N 187 
LEU CD1 HD12 sing N N 188 
LEU CD1 HD13 sing N N 189 
LEU CD2 HD21 sing N N 190 
LEU CD2 HD22 sing N N 191 
LEU CD2 HD23 sing N N 192 
LEU OXT HXT  sing N N 193 
LYS N   CA   sing N N 194 
LYS N   H    sing N N 195 
LYS N   H2   sing N N 196 
LYS CA  C    sing N N 197 
LYS CA  CB   sing N N 198 
LYS CA  HA   sing N N 199 
LYS C   O    doub N N 200 
LYS C   OXT  sing N N 201 
LYS CB  CG   sing N N 202 
LYS CB  HB2  sing N N 203 
LYS CB  HB3  sing N N 204 
LYS CG  CD   sing N N 205 
LYS CG  HG2  sing N N 206 
LYS CG  HG3  sing N N 207 
LYS CD  CE   sing N N 208 
LYS CD  HD2  sing N N 209 
LYS CD  HD3  sing N N 210 
LYS CE  NZ   sing N N 211 
LYS CE  HE2  sing N N 212 
LYS CE  HE3  sing N N 213 
LYS NZ  HZ1  sing N N 214 
LYS NZ  HZ2  sing N N 215 
LYS NZ  HZ3  sing N N 216 
LYS OXT HXT  sing N N 217 
MET N   CA   sing N N 218 
MET N   H    sing N N 219 
MET N   H2   sing N N 220 
MET CA  C    sing N N 221 
MET CA  CB   sing N N 222 
MET CA  HA   sing N N 223 
MET C   O    doub N N 224 
MET C   OXT  sing N N 225 
MET CB  CG   sing N N 226 
MET CB  HB2  sing N N 227 
MET CB  HB3  sing N N 228 
MET CG  SD   sing N N 229 
MET CG  HG2  sing N N 230 
MET CG  HG3  sing N N 231 
MET SD  CE   sing N N 232 
MET CE  HE1  sing N N 233 
MET CE  HE2  sing N N 234 
MET CE  HE3  sing N N 235 
MET OXT HXT  sing N N 236 
PHE N   CA   sing N N 237 
PHE N   H    sing N N 238 
PHE N   H2   sing N N 239 
PHE CA  C    sing N N 240 
PHE CA  CB   sing N N 241 
PHE CA  HA   sing N N 242 
PHE C   O    doub N N 243 
PHE C   OXT  sing N N 244 
PHE CB  CG   sing N N 245 
PHE CB  HB2  sing N N 246 
PHE CB  HB3  sing N N 247 
PHE CG  CD1  doub Y N 248 
PHE CG  CD2  sing Y N 249 
PHE CD1 CE1  sing Y N 250 
PHE CD1 HD1  sing N N 251 
PHE CD2 CE2  doub Y N 252 
PHE CD2 HD2  sing N N 253 
PHE CE1 CZ   doub Y N 254 
PHE CE1 HE1  sing N N 255 
PHE CE2 CZ   sing Y N 256 
PHE CE2 HE2  sing N N 257 
PHE CZ  HZ   sing N N 258 
PHE OXT HXT  sing N N 259 
PRO N   CA   sing N N 260 
PRO N   CD   sing N N 261 
PRO N   H    sing N N 262 
PRO CA  C    sing N N 263 
PRO CA  CB   sing N N 264 
PRO CA  HA   sing N N 265 
PRO C   O    doub N N 266 
PRO C   OXT  sing N N 267 
PRO CB  CG   sing N N 268 
PRO CB  HB2  sing N N 269 
PRO CB  HB3  sing N N 270 
PRO CG  CD   sing N N 271 
PRO CG  HG2  sing N N 272 
PRO CG  HG3  sing N N 273 
PRO CD  HD2  sing N N 274 
PRO CD  HD3  sing N N 275 
PRO OXT HXT  sing N N 276 
SER N   CA   sing N N 277 
SER N   H    sing N N 278 
SER N   H2   sing N N 279 
SER CA  C    sing N N 280 
SER CA  CB   sing N N 281 
SER CA  HA   sing N N 282 
SER C   O    doub N N 283 
SER C   OXT  sing N N 284 
SER CB  OG   sing N N 285 
SER CB  HB2  sing N N 286 
SER CB  HB3  sing N N 287 
SER OG  HG   sing N N 288 
SER OXT HXT  sing N N 289 
THR N   CA   sing N N 290 
THR N   H    sing N N 291 
THR N   H2   sing N N 292 
THR CA  C    sing N N 293 
THR CA  CB   sing N N 294 
THR CA  HA   sing N N 295 
THR C   O    doub N N 296 
THR C   OXT  sing N N 297 
THR CB  OG1  sing N N 298 
THR CB  CG2  sing N N 299 
THR CB  HB   sing N N 300 
THR OG1 HG1  sing N N 301 
THR CG2 HG21 sing N N 302 
THR CG2 HG22 sing N N 303 
THR CG2 HG23 sing N N 304 
THR OXT HXT  sing N N 305 
TRP N   CA   sing N N 306 
TRP N   H    sing N N 307 
TRP N   H2   sing N N 308 
TRP CA  C    sing N N 309 
TRP CA  CB   sing N N 310 
TRP CA  HA   sing N N 311 
TRP C   O    doub N N 312 
TRP C   OXT  sing N N 313 
TRP CB  CG   sing N N 314 
TRP CB  HB2  sing N N 315 
TRP CB  HB3  sing N N 316 
TRP CG  CD1  doub Y N 317 
TRP CG  CD2  sing Y N 318 
TRP CD1 NE1  sing Y N 319 
TRP CD1 HD1  sing N N 320 
TRP CD2 CE2  doub Y N 321 
TRP CD2 CE3  sing Y N 322 
TRP NE1 CE2  sing Y N 323 
TRP NE1 HE1  sing N N 324 
TRP CE2 CZ2  sing Y N 325 
TRP CE3 CZ3  doub Y N 326 
TRP CE3 HE3  sing N N 327 
TRP CZ2 CH2  doub Y N 328 
TRP CZ2 HZ2  sing N N 329 
TRP CZ3 CH2  sing Y N 330 
TRP CZ3 HZ3  sing N N 331 
TRP CH2 HH2  sing N N 332 
TRP OXT HXT  sing N N 333 
TYR N   CA   sing N N 334 
TYR N   H    sing N N 335 
TYR N   H2   sing N N 336 
TYR CA  C    sing N N 337 
TYR CA  CB   sing N N 338 
TYR CA  HA   sing N N 339 
TYR C   O    doub N N 340 
TYR C   OXT  sing N N 341 
TYR CB  CG   sing N N 342 
TYR CB  HB2  sing N N 343 
TYR CB  HB3  sing N N 344 
TYR CG  CD1  doub Y N 345 
TYR CG  CD2  sing Y N 346 
TYR CD1 CE1  sing Y N 347 
TYR CD1 HD1  sing N N 348 
TYR CD2 CE2  doub Y N 349 
TYR CD2 HD2  sing N N 350 
TYR CE1 CZ   doub Y N 351 
TYR CE1 HE1  sing N N 352 
TYR CE2 CZ   sing Y N 353 
TYR CE2 HE2  sing N N 354 
TYR CZ  OH   sing N N 355 
TYR OH  HH   sing N N 356 
TYR OXT HXT  sing N N 357 
VAL N   CA   sing N N 358 
VAL N   H    sing N N 359 
VAL N   H2   sing N N 360 
VAL CA  C    sing N N 361 
VAL CA  CB   sing N N 362 
VAL CA  HA   sing N N 363 
VAL C   O    doub N N 364 
VAL C   OXT  sing N N 365 
VAL CB  CG1  sing N N 366 
VAL CB  CG2  sing N N 367 
VAL CB  HB   sing N N 368 
VAL CG1 HG11 sing N N 369 
VAL CG1 HG12 sing N N 370 
VAL CG1 HG13 sing N N 371 
VAL CG2 HG21 sing N N 372 
VAL CG2 HG22 sing N N 373 
VAL CG2 HG23 sing N N 374 
VAL OXT HXT  sing N N 375 
# 
_pdbx_entity_nonpoly.entity_id   2 
_pdbx_entity_nonpoly.name        water 
_pdbx_entity_nonpoly.comp_id     HOH 
# 
_pdbx_initial_refinement_model.id               1 
_pdbx_initial_refinement_model.entity_id_list   ? 
_pdbx_initial_refinement_model.type             'experimental model' 
_pdbx_initial_refinement_model.source_name      PDB 
_pdbx_initial_refinement_model.accession_code   1M99 
_pdbx_initial_refinement_model.details          'pdb entry 1M99' 
# 
